data_2LDC
# 
_entry.id   2LDC 
# 
_audit_conform.dict_name       mmcif_pdbx.dic 
_audit_conform.dict_version    5.399 
_audit_conform.dict_location   http://mmcif.pdb.org/dictionaries/ascii/mmcif_pdbx.dic 
# 
loop_
_database_2.database_id 
_database_2.database_code 
_database_2.pdbx_database_accession 
_database_2.pdbx_DOI 
PDB   2LDC         pdb_00002ldc 10.2210/pdb2ldc/pdb 
RCSB  RCSB102257   ?            ?                   
BMRB  17658        ?            10.13018/BMR17658   
WWPDB D_1000102257 ?            ?                   
# 
loop_
_pdbx_audit_revision_history.ordinal 
_pdbx_audit_revision_history.data_content_type 
_pdbx_audit_revision_history.major_revision 
_pdbx_audit_revision_history.minor_revision 
_pdbx_audit_revision_history.revision_date 
1 'Structure model' 1 0 2011-07-06 
2 'Structure model' 1 1 2011-07-13 
3 'Structure model' 1 2 2023-06-14 
4 'Structure model' 2 0 2023-11-15 
5 'Structure model' 2 1 2024-11-20 
# 
_pdbx_audit_revision_details.ordinal             1 
_pdbx_audit_revision_details.revision_ordinal    1 
_pdbx_audit_revision_details.data_content_type   'Structure model' 
_pdbx_audit_revision_details.provider            repository 
_pdbx_audit_revision_details.type                'Initial release' 
_pdbx_audit_revision_details.description         ? 
_pdbx_audit_revision_details.details             ? 
# 
loop_
_pdbx_audit_revision_group.ordinal 
_pdbx_audit_revision_group.revision_ordinal 
_pdbx_audit_revision_group.data_content_type 
_pdbx_audit_revision_group.group 
1 2 'Structure model' 'Version format compliance' 
2 3 'Structure model' 'Database references'       
3 3 'Structure model' 'Derived calculations'      
4 3 'Structure model' Other                       
5 4 'Structure model' 'Atomic model'              
6 4 'Structure model' 'Data collection'           
7 5 'Structure model' 'Database references'       
8 5 'Structure model' 'Structure summary'         
# 
loop_
_pdbx_audit_revision_category.ordinal 
_pdbx_audit_revision_category.revision_ordinal 
_pdbx_audit_revision_category.data_content_type 
_pdbx_audit_revision_category.category 
1 3 'Structure model' database_2                
2 3 'Structure model' pdbx_database_status      
3 3 'Structure model' struct_conn               
4 4 'Structure model' atom_site                 
5 4 'Structure model' chem_comp_atom            
6 4 'Structure model' chem_comp_bond            
7 5 'Structure model' database_2                
8 5 'Structure model' pdbx_entry_details        
9 5 'Structure model' pdbx_modification_feature 
# 
loop_
_pdbx_audit_revision_item.ordinal 
_pdbx_audit_revision_item.revision_ordinal 
_pdbx_audit_revision_item.data_content_type 
_pdbx_audit_revision_item.item 
1  3 'Structure model' '_database_2.pdbx_DOI'                       
2  3 'Structure model' '_database_2.pdbx_database_accession'        
3  3 'Structure model' '_pdbx_database_status.status_code_nmr_data' 
4  3 'Structure model' '_struct_conn.pdbx_dist_value'               
5  3 'Structure model' '_struct_conn.pdbx_leaving_atom_flag'        
6  3 'Structure model' '_struct_conn.ptnr1_auth_comp_id'            
7  3 'Structure model' '_struct_conn.ptnr1_auth_seq_id'             
8  3 'Structure model' '_struct_conn.ptnr1_label_atom_id'           
9  3 'Structure model' '_struct_conn.ptnr1_label_comp_id'           
10 3 'Structure model' '_struct_conn.ptnr1_label_seq_id'            
11 3 'Structure model' '_struct_conn.ptnr2_auth_comp_id'            
12 3 'Structure model' '_struct_conn.ptnr2_auth_seq_id'             
13 3 'Structure model' '_struct_conn.ptnr2_label_atom_id'           
14 3 'Structure model' '_struct_conn.ptnr2_label_comp_id'           
15 3 'Structure model' '_struct_conn.ptnr2_label_seq_id'            
16 4 'Structure model' '_atom_site.auth_atom_id'                    
17 4 'Structure model' '_atom_site.label_atom_id'                   
18 5 'Structure model' '_database_2.pdbx_DOI'                       
# 
_pdbx_database_status.deposit_site                    BMRB 
_pdbx_database_status.entry_id                        2LDC 
_pdbx_database_status.process_site                    RCSB 
_pdbx_database_status.recvd_initial_deposition_date   2011-05-20 
_pdbx_database_status.SG_entry                        ? 
_pdbx_database_status.status_code                     REL 
_pdbx_database_status.status_code_mr                  REL 
_pdbx_database_status.status_code_sf                  ? 
_pdbx_database_status.status_code_cs                  REL 
_pdbx_database_status.pdb_format_compatible           Y 
_pdbx_database_status.status_code_nmr_data            REL 
_pdbx_database_status.methods_development_category    ? 
# 
loop_
_pdbx_database_related.db_id 
_pdbx_database_related.db_name 
_pdbx_database_related.content_type 
_pdbx_database_related.details 
17658 BMRB unspecified . 
2LDA  PDB  unspecified . 
2LDD  PDB  unspecified . 
# 
loop_
_audit_author.name 
_audit_author.pdbx_ordinal 
'Phillips, C.' 1  
'Bazin, R.'    2  
'Bent, A.'     3  
'Davies, N.'   4  
'Moore, R.'    5  
'Pannifer, A.' 6  
'Pickford, A.' 7  
'Prior, S.'    8  
'Read, C.'     9  
'Roberts, L.'  10 
'Schade, M.'   11 
'Scott, A.'    12 
'Brown, D.'    13 
'Xu, B.'       14 
'Irving, S.'   15 
# 
_citation.id                        primary 
_citation.title                     'Design and structure of stapled peptides binding to estrogen receptors.' 
_citation.journal_abbrev            J.Am.Chem.Soc. 
_citation.journal_volume            133 
_citation.page_first                9696 
_citation.page_last                 9699 
_citation.year                      2011 
_citation.journal_id_ASTM           JACSAT 
_citation.country                   US 
_citation.journal_id_ISSN           0002-7863 
_citation.journal_id_CSD            0004 
_citation.book_publisher            ? 
_citation.pdbx_database_id_PubMed   21612236 
_citation.pdbx_database_id_DOI      10.1021/ja202946k 
# 
loop_
_citation_author.citation_id 
_citation_author.name 
_citation_author.ordinal 
_citation_author.identifier_ORCID 
primary 'Phillips, C.'   1  ? 
primary 'Roberts, L.R.'  2  ? 
primary 'Schade, M.'     3  ? 
primary 'Bazin, R.'      4  ? 
primary 'Bent, A.'       5  ? 
primary 'Davies, N.L.'   6  ? 
primary 'Moore, R.'      7  ? 
primary 'Pannifer, A.D.' 8  ? 
primary 'Pickford, A.R.' 9  ? 
primary 'Prior, S.H.'    10 ? 
primary 'Read, C.M.'     11 ? 
primary 'Scott, A.'      12 ? 
primary 'Brown, D.G.'    13 ? 
primary 'Xu, B.'         14 ? 
primary 'Irving, S.L.'   15 ? 
# 
_entity.id                         1 
_entity.type                       polymer 
_entity.src_method                 syn 
_entity.pdbx_description           'Estrogen receptor-binding stapled peptide SP1' 
_entity.formula_weight             1355.648 
_entity.pdbx_number_of_molecules   1 
_entity.pdbx_ec                    ? 
_entity.pdbx_mutation              ? 
_entity.pdbx_fragment              ? 
_entity.details                    ? 
# 
_entity_poly.entity_id                      1 
_entity_poly.type                           'polypeptide(L)' 
_entity_poly.nstd_linkage                   no 
_entity_poly.nstd_monomer                   yes 
_entity_poly.pdbx_seq_one_letter_code       '(ACE)H(MK8)ILH(MK8)LLQDS(NH2)' 
_entity_poly.pdbx_seq_one_letter_code_can   XHLILHLLLQDSX 
_entity_poly.pdbx_strand_id                 A 
_entity_poly.pdbx_target_identifier         ? 
# 
loop_
_entity_poly_seq.entity_id 
_entity_poly_seq.num 
_entity_poly_seq.mon_id 
_entity_poly_seq.hetero 
1 1  ACE n 
1 2  HIS n 
1 3  MK8 n 
1 4  ILE n 
1 5  LEU n 
1 6  HIS n 
1 7  MK8 n 
1 8  LEU n 
1 9  LEU n 
1 10 GLN n 
1 11 ASP n 
1 12 SER n 
1 13 NH2 n 
# 
loop_
_chem_comp.id 
_chem_comp.type 
_chem_comp.mon_nstd_flag 
_chem_comp.name 
_chem_comp.pdbx_synonyms 
_chem_comp.formula 
_chem_comp.formula_weight 
ACE non-polymer         . 'ACETYL GROUP'        ? 'C2 H4 O'        44.053  
ASP 'L-peptide linking' y 'ASPARTIC ACID'       ? 'C4 H7 N O4'     133.103 
GLN 'L-peptide linking' y GLUTAMINE             ? 'C5 H10 N2 O3'   146.144 
HIS 'L-peptide linking' y HISTIDINE             ? 'C6 H10 N3 O2 1' 156.162 
ILE 'L-peptide linking' y ISOLEUCINE            ? 'C6 H13 N O2'    131.173 
LEU 'L-peptide linking' y LEUCINE               ? 'C6 H13 N O2'    131.173 
MK8 'L-peptide linking' n 2-methyl-L-norleucine ? 'C7 H15 N O2'    145.199 
NH2 non-polymer         . 'AMINO GROUP'         ? 'H2 N'           16.023  
SER 'L-peptide linking' y SERINE                ? 'C3 H7 N O3'     105.093 
# 
loop_
_pdbx_poly_seq_scheme.asym_id 
_pdbx_poly_seq_scheme.entity_id 
_pdbx_poly_seq_scheme.seq_id 
_pdbx_poly_seq_scheme.mon_id 
_pdbx_poly_seq_scheme.ndb_seq_num 
_pdbx_poly_seq_scheme.pdb_seq_num 
_pdbx_poly_seq_scheme.auth_seq_num 
_pdbx_poly_seq_scheme.pdb_mon_id 
_pdbx_poly_seq_scheme.auth_mon_id 
_pdbx_poly_seq_scheme.pdb_strand_id 
_pdbx_poly_seq_scheme.pdb_ins_code 
_pdbx_poly_seq_scheme.hetero 
A 1 1  ACE 1  0  0  ACE ACE A . n 
A 1 2  HIS 2  1  1  HIS HIS A . n 
A 1 3  MK8 3  2  2  MK8 MK8 A . n 
A 1 4  ILE 4  3  3  ILE ILE A . n 
A 1 5  LEU 5  4  4  LEU LEU A . n 
A 1 6  HIS 6  5  5  HIS HIS A . n 
A 1 7  MK8 7  6  6  MK8 MK8 A . n 
A 1 8  LEU 8  7  7  LEU LEU A . n 
A 1 9  LEU 9  8  8  LEU LEU A . n 
A 1 10 GLN 10 9  9  GLN GLN A . n 
A 1 11 ASP 11 10 10 ASP ASP A . n 
A 1 12 SER 12 11 11 SER SER A . n 
A 1 13 NH2 13 12 12 NH2 NH2 A . n 
# 
_exptl.absorpt_coefficient_mu     ? 
_exptl.absorpt_correction_T_max   ? 
_exptl.absorpt_correction_T_min   ? 
_exptl.absorpt_correction_type    ? 
_exptl.absorpt_process_details    ? 
_exptl.crystals_number            ? 
_exptl.details                    ? 
_exptl.entry_id                   2LDC 
_exptl.method                     'SOLUTION NMR' 
_exptl.method_details             ? 
# 
_struct.entry_id                  2LDC 
_struct.title                     'Solution structure of the estrogen receptor-binding stapled peptide SP1 (Ac-HXILHXLLQDS-NH2)' 
_struct.pdbx_model_details        'closest to the average, model 1' 
_struct.pdbx_CASP_flag            ? 
_struct.pdbx_model_type_details   ? 
# 
_struct_keywords.entry_id        2LDC 
_struct_keywords.pdbx_keywords   'DE NOVO PROTEIN' 
_struct_keywords.text            'DE NOVO PROTEIN' 
# 
_struct_asym.id                            A 
_struct_asym.pdbx_blank_PDB_chainid_flag   N 
_struct_asym.pdbx_modified                 N 
_struct_asym.entity_id                     1 
_struct_asym.details                       ? 
# 
_struct_ref.id                         1 
_struct_ref.db_name                    PDB 
_struct_ref.db_code                    2LDC 
_struct_ref.pdbx_db_accession          2LDC 
_struct_ref.entity_id                  1 
_struct_ref.pdbx_align_begin           ? 
_struct_ref.pdbx_seq_one_letter_code   ? 
_struct_ref.pdbx_db_isoform            ? 
# 
_struct_ref_seq.align_id                      1 
_struct_ref_seq.ref_id                        1 
_struct_ref_seq.pdbx_PDB_id_code              2LDC 
_struct_ref_seq.pdbx_strand_id                A 
_struct_ref_seq.seq_align_beg                 1 
_struct_ref_seq.pdbx_seq_align_beg_ins_code   ? 
_struct_ref_seq.seq_align_end                 13 
_struct_ref_seq.pdbx_seq_align_end_ins_code   ? 
_struct_ref_seq.pdbx_db_accession             2LDC 
_struct_ref_seq.db_align_beg                  0 
_struct_ref_seq.pdbx_db_align_beg_ins_code    ? 
_struct_ref_seq.db_align_end                  12 
_struct_ref_seq.pdbx_db_align_end_ins_code    ? 
_struct_ref_seq.pdbx_auth_seq_align_beg       0 
_struct_ref_seq.pdbx_auth_seq_align_end       12 
# 
_pdbx_struct_assembly.id                   1 
_pdbx_struct_assembly.details              author_defined_assembly 
_pdbx_struct_assembly.method_details       ? 
_pdbx_struct_assembly.oligomeric_details   monomeric 
_pdbx_struct_assembly.oligomeric_count     1 
# 
_pdbx_struct_assembly_gen.assembly_id       1 
_pdbx_struct_assembly_gen.oper_expression   1 
_pdbx_struct_assembly_gen.asym_id_list      A 
# 
_pdbx_struct_oper_list.id                   1 
_pdbx_struct_oper_list.type                 'identity operation' 
_pdbx_struct_oper_list.name                 1_555 
_pdbx_struct_oper_list.symmetry_operation   x,y,z 
_pdbx_struct_oper_list.matrix[1][1]         1.0000000000 
_pdbx_struct_oper_list.matrix[1][2]         0.0000000000 
_pdbx_struct_oper_list.matrix[1][3]         0.0000000000 
_pdbx_struct_oper_list.vector[1]            0.0000000000 
_pdbx_struct_oper_list.matrix[2][1]         0.0000000000 
_pdbx_struct_oper_list.matrix[2][2]         1.0000000000 
_pdbx_struct_oper_list.matrix[2][3]         0.0000000000 
_pdbx_struct_oper_list.vector[2]            0.0000000000 
_pdbx_struct_oper_list.matrix[3][1]         0.0000000000 
_pdbx_struct_oper_list.matrix[3][2]         0.0000000000 
_pdbx_struct_oper_list.matrix[3][3]         1.0000000000 
_pdbx_struct_oper_list.vector[3]            0.0000000000 
# 
_struct_biol.id        1 
_struct_biol.details   ? 
# 
_struct_conf.conf_type_id            HELX_P 
_struct_conf.id                      HELX_P1 
_struct_conf.pdbx_PDB_helix_id       1 
_struct_conf.beg_label_comp_id       HIS 
_struct_conf.beg_label_asym_id       A 
_struct_conf.beg_label_seq_id        2 
_struct_conf.pdbx_beg_PDB_ins_code   ? 
_struct_conf.end_label_comp_id       GLN 
_struct_conf.end_label_asym_id       A 
_struct_conf.end_label_seq_id        10 
_struct_conf.pdbx_end_PDB_ins_code   ? 
_struct_conf.beg_auth_comp_id        HIS 
_struct_conf.beg_auth_asym_id        A 
_struct_conf.beg_auth_seq_id         1 
_struct_conf.end_auth_comp_id        GLN 
_struct_conf.end_auth_asym_id        A 
_struct_conf.end_auth_seq_id         9 
_struct_conf.pdbx_PDB_helix_class    1 
_struct_conf.details                 ? 
_struct_conf.pdbx_PDB_helix_length   9 
# 
_struct_conf_type.id          HELX_P 
_struct_conf_type.criteria    ? 
_struct_conf_type.reference   ? 
# 
loop_
_struct_conn.id 
_struct_conn.conn_type_id 
_struct_conn.pdbx_leaving_atom_flag 
_struct_conn.pdbx_PDB_id 
_struct_conn.ptnr1_label_asym_id 
_struct_conn.ptnr1_label_comp_id 
_struct_conn.ptnr1_label_seq_id 
_struct_conn.ptnr1_label_atom_id 
_struct_conn.pdbx_ptnr1_label_alt_id 
_struct_conn.pdbx_ptnr1_PDB_ins_code 
_struct_conn.pdbx_ptnr1_standard_comp_id 
_struct_conn.ptnr1_symmetry 
_struct_conn.ptnr2_label_asym_id 
_struct_conn.ptnr2_label_comp_id 
_struct_conn.ptnr2_label_seq_id 
_struct_conn.ptnr2_label_atom_id 
_struct_conn.pdbx_ptnr2_label_alt_id 
_struct_conn.pdbx_ptnr2_PDB_ins_code 
_struct_conn.ptnr1_auth_asym_id 
_struct_conn.ptnr1_auth_comp_id 
_struct_conn.ptnr1_auth_seq_id 
_struct_conn.ptnr2_auth_asym_id 
_struct_conn.ptnr2_auth_comp_id 
_struct_conn.ptnr2_auth_seq_id 
_struct_conn.ptnr2_symmetry 
_struct_conn.pdbx_ptnr3_label_atom_id 
_struct_conn.pdbx_ptnr3_label_seq_id 
_struct_conn.pdbx_ptnr3_label_comp_id 
_struct_conn.pdbx_ptnr3_label_asym_id 
_struct_conn.pdbx_ptnr3_label_alt_id 
_struct_conn.pdbx_ptnr3_PDB_ins_code 
_struct_conn.details 
_struct_conn.pdbx_dist_value 
_struct_conn.pdbx_value_order 
_struct_conn.pdbx_role 
covale1 covale both ? A ACE 1  C  ? ? ? 1_555 A HIS 2  N  ? ? A ACE 0  A HIS 1  1_555 ? ? ? ? ? ? ? 1.379 ? ? 
covale2 covale both ? A HIS 2  C  ? ? ? 1_555 A MK8 3  N  ? ? A HIS 1  A MK8 2  1_555 ? ? ? ? ? ? ? 1.399 ? ? 
covale3 covale both ? A MK8 3  C  ? ? ? 1_555 A ILE 4  N  ? ? A MK8 2  A ILE 3  1_555 ? ? ? ? ? ? ? 1.381 ? ? 
covale4 covale none ? A MK8 3  CE ? ? ? 1_555 A MK8 7  CE ? ? A MK8 2  A MK8 6  1_555 ? ? ? ? ? ? ? 1.391 ? ? 
covale5 covale both ? A HIS 6  C  ? ? ? 1_555 A MK8 7  N  ? ? A HIS 5  A MK8 6  1_555 ? ? ? ? ? ? ? 1.391 ? ? 
covale6 covale both ? A MK8 7  C  ? ? ? 1_555 A LEU 8  N  ? ? A MK8 6  A LEU 7  1_555 ? ? ? ? ? ? ? 1.383 ? ? 
covale7 covale both ? A SER 12 C  ? ? ? 1_555 A NH2 13 N  ? ? A SER 11 A NH2 12 1_555 ? ? ? ? ? ? ? 1.327 ? ? 
# 
_struct_conn_type.id          covale 
_struct_conn_type.criteria    ? 
_struct_conn_type.reference   ? 
# 
loop_
_pdbx_modification_feature.ordinal 
_pdbx_modification_feature.label_comp_id 
_pdbx_modification_feature.label_asym_id 
_pdbx_modification_feature.label_seq_id 
_pdbx_modification_feature.label_alt_id 
_pdbx_modification_feature.modified_residue_label_comp_id 
_pdbx_modification_feature.modified_residue_label_asym_id 
_pdbx_modification_feature.modified_residue_label_seq_id 
_pdbx_modification_feature.modified_residue_label_alt_id 
_pdbx_modification_feature.auth_comp_id 
_pdbx_modification_feature.auth_asym_id 
_pdbx_modification_feature.auth_seq_id 
_pdbx_modification_feature.PDB_ins_code 
_pdbx_modification_feature.symmetry 
_pdbx_modification_feature.modified_residue_auth_comp_id 
_pdbx_modification_feature.modified_residue_auth_asym_id 
_pdbx_modification_feature.modified_residue_auth_seq_id 
_pdbx_modification_feature.modified_residue_PDB_ins_code 
_pdbx_modification_feature.modified_residue_symmetry 
_pdbx_modification_feature.comp_id_linking_atom 
_pdbx_modification_feature.modified_residue_id_linking_atom 
_pdbx_modification_feature.modified_residue_id 
_pdbx_modification_feature.ref_pcm_id 
_pdbx_modification_feature.ref_comp_id 
_pdbx_modification_feature.type 
_pdbx_modification_feature.category 
1 MK8 A 3  ? .   . .  . MK8 A 2  ? 1_555 .   . .  . .     .  .  LEU 1  MK8 Norleucine  'Named protein modification' 
2 MK8 A 3  ? .   . .  . MK8 A 2  ? 1_555 .   . .  . .     .  .  LEU 2  MK8 Methylation 'Named protein modification' 
3 MK8 A 7  ? .   . .  . MK8 A 6  ? 1_555 .   . .  . .     .  .  LEU 1  MK8 Norleucine  'Named protein modification' 
4 MK8 A 7  ? .   . .  . MK8 A 6  ? 1_555 .   . .  . .     .  .  LEU 2  MK8 Methylation 'Named protein modification' 
5 ACE A 1  ? HIS A 2  ? ACE A 0  ? 1_555 HIS A 1  ? 1_555 .  .  HIS 19 ACE None        'Terminal acetylation'       
6 NH2 A 13 ? SER A 12 ? NH2 A 12 ? 1_555 SER A 11 ? 1_555 .  .  SER 6  NH2 None        'Terminal amidation'         
7 MK8 A 3  ? MK8 A 7  ? MK8 A 2  ? 1_555 MK8 A 6  ? 1_555 CE CE .   .  .   None        'Non-standard linkage'       
# 
_pdbx_entry_details.entry_id                   2LDC 
_pdbx_entry_details.compound_details           ? 
_pdbx_entry_details.source_details             ? 
_pdbx_entry_details.nonpolymer_details         ? 
_pdbx_entry_details.sequence_details           ? 
_pdbx_entry_details.has_ligand_of_interest     ? 
_pdbx_entry_details.has_protein_modification   Y 
# 
_pdbx_validate_torsion.id              1 
_pdbx_validate_torsion.PDB_model_num   4 
_pdbx_validate_torsion.auth_comp_id    MK8 
_pdbx_validate_torsion.auth_asym_id    A 
_pdbx_validate_torsion.auth_seq_id     6 
_pdbx_validate_torsion.PDB_ins_code    ? 
_pdbx_validate_torsion.label_alt_id    ? 
_pdbx_validate_torsion.phi             -55.44 
_pdbx_validate_torsion.psi             -7.33 
# 
loop_
_pdbx_struct_mod_residue.id 
_pdbx_struct_mod_residue.label_asym_id 
_pdbx_struct_mod_residue.label_comp_id 
_pdbx_struct_mod_residue.label_seq_id 
_pdbx_struct_mod_residue.auth_asym_id 
_pdbx_struct_mod_residue.auth_comp_id 
_pdbx_struct_mod_residue.auth_seq_id 
_pdbx_struct_mod_residue.PDB_ins_code 
_pdbx_struct_mod_residue.parent_comp_id 
_pdbx_struct_mod_residue.details 
1 A MK8 3 A MK8 2 ? LEU 2-METHYL-L-NORLEUCINE 
2 A MK8 7 A MK8 6 ? LEU 2-METHYL-L-NORLEUCINE 
# 
_pdbx_nmr_ensemble.average_constraint_violations_per_residue     ? 
_pdbx_nmr_ensemble.average_constraints_per_residue               ? 
_pdbx_nmr_ensemble.average_distance_constraint_violation         ? 
_pdbx_nmr_ensemble.average_torsion_angle_constraint_violation    ? 
_pdbx_nmr_ensemble.conformer_selection_criteria                  'all calculated structures submitted' 
_pdbx_nmr_ensemble.conformers_calculated_total_number            10 
_pdbx_nmr_ensemble.conformers_submitted_total_number             10 
_pdbx_nmr_ensemble.distance_constraint_violation_method          ? 
_pdbx_nmr_ensemble.entry_id                                      2LDC 
_pdbx_nmr_ensemble.maximum_distance_constraint_violation         ? 
_pdbx_nmr_ensemble.maximum_lower_distance_constraint_violation   ? 
_pdbx_nmr_ensemble.maximum_torsion_angle_constraint_violation    ? 
_pdbx_nmr_ensemble.maximum_upper_distance_constraint_violation   ? 
_pdbx_nmr_ensemble.torsion_angle_constraint_violation_method     ? 
# 
_pdbx_nmr_representative.conformer_id         1 
_pdbx_nmr_representative.entry_id             2LDC 
_pdbx_nmr_representative.selection_criteria   'closest to the average' 
# 
loop_
_pdbx_nmr_sample_details.contents 
_pdbx_nmr_sample_details.solution_id 
_pdbx_nmr_sample_details.solvent_system 
'5 mM stapled peptide SP1, 90% H2O/10% D2O' 1 '90% H2O/10% D2O' 
'5 mM stapled peptide SP1, 100% D2O'        2 '100% D2O'        
# 
loop_
_pdbx_nmr_exptl_sample.component 
_pdbx_nmr_exptl_sample.concentration 
_pdbx_nmr_exptl_sample.concentration_range 
_pdbx_nmr_exptl_sample.concentration_units 
_pdbx_nmr_exptl_sample.isotopic_labeling 
_pdbx_nmr_exptl_sample.solution_id 
'stapled peptide SP1-1' 5 ? mM ? 1 
'stapled peptide SP1-2' 5 ? mM ? 2 
# 
_pdbx_nmr_exptl_sample_conditions.conditions_id       1 
_pdbx_nmr_exptl_sample_conditions.ionic_strength      50 
_pdbx_nmr_exptl_sample_conditions.pH                  5.5 
_pdbx_nmr_exptl_sample_conditions.pressure            ambient 
_pdbx_nmr_exptl_sample_conditions.pressure_units      ? 
_pdbx_nmr_exptl_sample_conditions.temperature         298 
_pdbx_nmr_exptl_sample_conditions.temperature_units   K 
# 
loop_
_pdbx_nmr_exptl.conditions_id 
_pdbx_nmr_exptl.experiment_id 
_pdbx_nmr_exptl.solution_id 
_pdbx_nmr_exptl.type 
1 1 1 '2D 1H-1H COSY'  
1 2 1 '2D 1H-1H TOCSY' 
1 3 1 '2D 1H-1H NOESY' 
1 4 2 '2D 1H-1H COSY'  
1 5 2 '2D 1H-1H TOCSY' 
1 6 2 '2D 1H-1H NOESY' 
# 
_pdbx_nmr_refine.entry_id           2LDC 
_pdbx_nmr_refine.method             'simulated annealing' 
_pdbx_nmr_refine.details            ? 
_pdbx_nmr_refine.software_ordinal   1 
# 
loop_
_pdbx_nmr_software.authors 
_pdbx_nmr_software.classification 
_pdbx_nmr_software.name 
_pdbx_nmr_software.version 
_pdbx_nmr_software.ordinal 
Varian                                              collection                  VNMR     ?   1 
'Andy Pickford'                                     'structure solution'        NMRSwarm 0.1 2 
'Andy Pickford'                                     'data analysis'             NMRSwarm 0.1 3 
'Delaglio, Grzesiek, Vuister, Zhu, Pfeifer and Bax' processing                  NMRPipe  ?   4 
CCPN                                                'chemical shift assignment' Analysis ?   5 
?                                                   refinement                  NMRSwarm ?   6 
# 
loop_
_chem_comp_atom.comp_id 
_chem_comp_atom.atom_id 
_chem_comp_atom.type_symbol 
_chem_comp_atom.pdbx_aromatic_flag 
_chem_comp_atom.pdbx_stereo_config 
_chem_comp_atom.pdbx_ordinal 
ACE C    C N N 1   
ACE O    O N N 2   
ACE CH3  C N N 3   
ACE H    H N N 4   
ACE H1   H N N 5   
ACE H2   H N N 6   
ACE H3   H N N 7   
ASP N    N N N 8   
ASP CA   C N S 9   
ASP C    C N N 10  
ASP O    O N N 11  
ASP CB   C N N 12  
ASP CG   C N N 13  
ASP OD1  O N N 14  
ASP OD2  O N N 15  
ASP OXT  O N N 16  
ASP H    H N N 17  
ASP H2   H N N 18  
ASP HA   H N N 19  
ASP HB2  H N N 20  
ASP HB3  H N N 21  
ASP HD2  H N N 22  
ASP HXT  H N N 23  
GLN N    N N N 24  
GLN CA   C N S 25  
GLN C    C N N 26  
GLN O    O N N 27  
GLN CB   C N N 28  
GLN CG   C N N 29  
GLN CD   C N N 30  
GLN OE1  O N N 31  
GLN NE2  N N N 32  
GLN OXT  O N N 33  
GLN H    H N N 34  
GLN H2   H N N 35  
GLN HA   H N N 36  
GLN HB2  H N N 37  
GLN HB3  H N N 38  
GLN HG2  H N N 39  
GLN HG3  H N N 40  
GLN HE21 H N N 41  
GLN HE22 H N N 42  
GLN HXT  H N N 43  
HIS N    N N N 44  
HIS CA   C N S 45  
HIS C    C N N 46  
HIS O    O N N 47  
HIS CB   C N N 48  
HIS CG   C Y N 49  
HIS ND1  N Y N 50  
HIS CD2  C Y N 51  
HIS CE1  C Y N 52  
HIS NE2  N Y N 53  
HIS OXT  O N N 54  
HIS H    H N N 55  
HIS H2   H N N 56  
HIS HA   H N N 57  
HIS HB2  H N N 58  
HIS HB3  H N N 59  
HIS HD1  H N N 60  
HIS HD2  H N N 61  
HIS HE1  H N N 62  
HIS HE2  H N N 63  
HIS HXT  H N N 64  
ILE N    N N N 65  
ILE CA   C N S 66  
ILE C    C N N 67  
ILE O    O N N 68  
ILE CB   C N S 69  
ILE CG1  C N N 70  
ILE CG2  C N N 71  
ILE CD1  C N N 72  
ILE OXT  O N N 73  
ILE H    H N N 74  
ILE H2   H N N 75  
ILE HA   H N N 76  
ILE HB   H N N 77  
ILE HG12 H N N 78  
ILE HG13 H N N 79  
ILE HG21 H N N 80  
ILE HG22 H N N 81  
ILE HG23 H N N 82  
ILE HD11 H N N 83  
ILE HD12 H N N 84  
ILE HD13 H N N 85  
ILE HXT  H N N 86  
LEU N    N N N 87  
LEU CA   C N S 88  
LEU C    C N N 89  
LEU O    O N N 90  
LEU CB   C N N 91  
LEU CG   C N N 92  
LEU CD1  C N N 93  
LEU CD2  C N N 94  
LEU OXT  O N N 95  
LEU H    H N N 96  
LEU H2   H N N 97  
LEU HA   H N N 98  
LEU HB2  H N N 99  
LEU HB3  H N N 100 
LEU HG   H N N 101 
LEU HD11 H N N 102 
LEU HD12 H N N 103 
LEU HD13 H N N 104 
LEU HD21 H N N 105 
LEU HD22 H N N 106 
LEU HD23 H N N 107 
LEU HXT  H N N 108 
MK8 C    C N N 109 
MK8 N    N N N 110 
MK8 O    O N N 111 
MK8 CA   C N S 112 
MK8 CB   C N N 113 
MK8 CD   C N N 114 
MK8 CE   C N N 115 
MK8 CG   C N N 116 
MK8 CB1  C N N 117 
MK8 OXT  O N N 118 
MK8 H    H N N 119 
MK8 H2   H N N 120 
MK8 HB   H N N 121 
MK8 HBA  H N N 122 
MK8 HD   H N N 123 
MK8 HDA  H N N 124 
MK8 HE   H N N 125 
MK8 HEA  H N N 126 
MK8 HEB  H N N 127 
MK8 HG   H N N 128 
MK8 HGA  H N N 129 
MK8 HB1  H N N 130 
MK8 HB1A H N N 131 
MK8 HB1B H N N 132 
MK8 HXT  H N N 133 
NH2 N    N N N 134 
NH2 HN1  H N N 135 
NH2 HN2  H N N 136 
SER N    N N N 137 
SER CA   C N S 138 
SER C    C N N 139 
SER O    O N N 140 
SER CB   C N N 141 
SER OG   O N N 142 
SER OXT  O N N 143 
SER H    H N N 144 
SER H2   H N N 145 
SER HA   H N N 146 
SER HB2  H N N 147 
SER HB3  H N N 148 
SER HG   H N N 149 
SER HXT  H N N 150 
# 
loop_
_chem_comp_bond.comp_id 
_chem_comp_bond.atom_id_1 
_chem_comp_bond.atom_id_2 
_chem_comp_bond.value_order 
_chem_comp_bond.pdbx_aromatic_flag 
_chem_comp_bond.pdbx_stereo_config 
_chem_comp_bond.pdbx_ordinal 
ACE C   O    doub N N 1   
ACE C   CH3  sing N N 2   
ACE C   H    sing N N 3   
ACE CH3 H1   sing N N 4   
ACE CH3 H2   sing N N 5   
ACE CH3 H3   sing N N 6   
ASP N   CA   sing N N 7   
ASP N   H    sing N N 8   
ASP N   H2   sing N N 9   
ASP CA  C    sing N N 10  
ASP CA  CB   sing N N 11  
ASP CA  HA   sing N N 12  
ASP C   O    doub N N 13  
ASP C   OXT  sing N N 14  
ASP CB  CG   sing N N 15  
ASP CB  HB2  sing N N 16  
ASP CB  HB3  sing N N 17  
ASP CG  OD1  doub N N 18  
ASP CG  OD2  sing N N 19  
ASP OD2 HD2  sing N N 20  
ASP OXT HXT  sing N N 21  
GLN N   CA   sing N N 22  
GLN N   H    sing N N 23  
GLN N   H2   sing N N 24  
GLN CA  C    sing N N 25  
GLN CA  CB   sing N N 26  
GLN CA  HA   sing N N 27  
GLN C   O    doub N N 28  
GLN C   OXT  sing N N 29  
GLN CB  CG   sing N N 30  
GLN CB  HB2  sing N N 31  
GLN CB  HB3  sing N N 32  
GLN CG  CD   sing N N 33  
GLN CG  HG2  sing N N 34  
GLN CG  HG3  sing N N 35  
GLN CD  OE1  doub N N 36  
GLN CD  NE2  sing N N 37  
GLN NE2 HE21 sing N N 38  
GLN NE2 HE22 sing N N 39  
GLN OXT HXT  sing N N 40  
HIS N   CA   sing N N 41  
HIS N   H    sing N N 42  
HIS N   H2   sing N N 43  
HIS CA  C    sing N N 44  
HIS CA  CB   sing N N 45  
HIS CA  HA   sing N N 46  
HIS C   O    doub N N 47  
HIS C   OXT  sing N N 48  
HIS CB  CG   sing N N 49  
HIS CB  HB2  sing N N 50  
HIS CB  HB3  sing N N 51  
HIS CG  ND1  sing Y N 52  
HIS CG  CD2  doub Y N 53  
HIS ND1 CE1  doub Y N 54  
HIS ND1 HD1  sing N N 55  
HIS CD2 NE2  sing Y N 56  
HIS CD2 HD2  sing N N 57  
HIS CE1 NE2  sing Y N 58  
HIS CE1 HE1  sing N N 59  
HIS NE2 HE2  sing N N 60  
HIS OXT HXT  sing N N 61  
ILE N   CA   sing N N 62  
ILE N   H    sing N N 63  
ILE N   H2   sing N N 64  
ILE CA  C    sing N N 65  
ILE CA  CB   sing N N 66  
ILE CA  HA   sing N N 67  
ILE C   O    doub N N 68  
ILE C   OXT  sing N N 69  
ILE CB  CG1  sing N N 70  
ILE CB  CG2  sing N N 71  
ILE CB  HB   sing N N 72  
ILE CG1 CD1  sing N N 73  
ILE CG1 HG12 sing N N 74  
ILE CG1 HG13 sing N N 75  
ILE CG2 HG21 sing N N 76  
ILE CG2 HG22 sing N N 77  
ILE CG2 HG23 sing N N 78  
ILE CD1 HD11 sing N N 79  
ILE CD1 HD12 sing N N 80  
ILE CD1 HD13 sing N N 81  
ILE OXT HXT  sing N N 82  
LEU N   CA   sing N N 83  
LEU N   H    sing N N 84  
LEU N   H2   sing N N 85  
LEU CA  C    sing N N 86  
LEU CA  CB   sing N N 87  
LEU CA  HA   sing N N 88  
LEU C   O    doub N N 89  
LEU C   OXT  sing N N 90  
LEU CB  CG   sing N N 91  
LEU CB  HB2  sing N N 92  
LEU CB  HB3  sing N N 93  
LEU CG  CD1  sing N N 94  
LEU CG  CD2  sing N N 95  
LEU CG  HG   sing N N 96  
LEU CD1 HD11 sing N N 97  
LEU CD1 HD12 sing N N 98  
LEU CD1 HD13 sing N N 99  
LEU CD2 HD21 sing N N 100 
LEU CD2 HD22 sing N N 101 
LEU CD2 HD23 sing N N 102 
LEU OXT HXT  sing N N 103 
MK8 C   CA   sing N N 104 
MK8 C   OXT  sing N N 105 
MK8 N   H    sing N N 106 
MK8 N   H2   sing N N 107 
MK8 O   C    doub N N 108 
MK8 CA  N    sing N N 109 
MK8 CA  CB   sing N N 110 
MK8 CB  HB   sing N N 111 
MK8 CB  HBA  sing N N 112 
MK8 CD  CG   sing N N 113 
MK8 CD  HD   sing N N 114 
MK8 CD  HDA  sing N N 115 
MK8 CE  CD   sing N N 116 
MK8 CE  HE   sing N N 117 
MK8 CE  HEA  sing N N 118 
MK8 CE  HEB  sing N N 119 
MK8 CG  CB   sing N N 120 
MK8 CG  HG   sing N N 121 
MK8 CG  HGA  sing N N 122 
MK8 CB1 CA   sing N N 123 
MK8 CB1 HB1  sing N N 124 
MK8 CB1 HB1A sing N N 125 
MK8 CB1 HB1B sing N N 126 
MK8 OXT HXT  sing N N 127 
NH2 N   HN1  sing N N 128 
NH2 N   HN2  sing N N 129 
SER N   CA   sing N N 130 
SER N   H    sing N N 131 
SER N   H2   sing N N 132 
SER CA  C    sing N N 133 
SER CA  CB   sing N N 134 
SER CA  HA   sing N N 135 
SER C   O    doub N N 136 
SER C   OXT  sing N N 137 
SER CB  OG   sing N N 138 
SER CB  HB2  sing N N 139 
SER CB  HB3  sing N N 140 
SER OG  HG   sing N N 141 
SER OXT HXT  sing N N 142 
# 
_pdbx_nmr_spectrometer.field_strength    600 
_pdbx_nmr_spectrometer.manufacturer      Varian 
_pdbx_nmr_spectrometer.model             INOVA 
_pdbx_nmr_spectrometer.spectrometer_id   1 
_pdbx_nmr_spectrometer.type              'Varian INOVA' 
# 
_atom_sites.entry_id                    2LDC 
_atom_sites.fract_transf_matrix[1][1]   1.000000 
_atom_sites.fract_transf_matrix[1][2]   0.000000 
_atom_sites.fract_transf_matrix[1][3]   0.000000 
_atom_sites.fract_transf_matrix[2][1]   0.000000 
_atom_sites.fract_transf_matrix[2][2]   1.000000 
_atom_sites.fract_transf_matrix[2][3]   0.000000 
_atom_sites.fract_transf_matrix[3][1]   0.000000 
_atom_sites.fract_transf_matrix[3][2]   0.000000 
_atom_sites.fract_transf_matrix[3][3]   1.000000 
_atom_sites.fract_transf_vector[1]      0.00000 
_atom_sites.fract_transf_vector[2]      0.00000 
_atom_sites.fract_transf_vector[3]      0.00000 
# 
loop_
_atom_type.symbol 
C 
H 
N 
O 
# 
loop_
_atom_site.group_PDB 
_atom_site.id 
_atom_site.type_symbol 
_atom_site.label_atom_id 
_atom_site.label_alt_id 
_atom_site.label_comp_id 
_atom_site.label_asym_id 
_atom_site.label_entity_id 
_atom_site.label_seq_id 
_atom_site.pdbx_PDB_ins_code 
_atom_site.Cartn_x 
_atom_site.Cartn_y 
_atom_site.Cartn_z 
_atom_site.occupancy 
_atom_site.B_iso_or_equiv 
_atom_site.pdbx_formal_charge 
_atom_site.auth_seq_id 
_atom_site.auth_comp_id 
_atom_site.auth_asym_id 
_atom_site.auth_atom_id 
_atom_site.pdbx_PDB_model_num 
HETATM 1    C C    . ACE A 1 1  ? 2.058  -2.878 9.004  1.00 0.00 ? 0  ACE A C    1  
HETATM 2    O O    . ACE A 1 1  ? 0.827  -2.705 8.889  1.00 0.00 ? 0  ACE A O    1  
HETATM 3    C CH3  . ACE A 1 1  ? 2.571  -4.102 9.733  1.00 0.00 ? 0  ACE A CH3  1  
HETATM 4    H H1   . ACE A 1 1  ? 1.737  -4.736 9.975  1.00 0.00 ? 0  ACE A H1   1  
HETATM 5    H H2   . ACE A 1 1  ? 3.069  -3.798 10.644 1.00 0.00 ? 0  ACE A H2   1  
HETATM 6    H H3   . ACE A 1 1  ? 3.263  -4.637 9.097  1.00 0.00 ? 0  ACE A H3   1  
ATOM   7    N N    . HIS A 1 2  ? 3.034  -2.030 8.523  1.00 0.00 ? 1  HIS A N    1  
ATOM   8    C CA   . HIS A 1 2  ? 2.756  -0.775 7.792  1.00 0.00 ? 1  HIS A CA   1  
ATOM   9    C C    . HIS A 1 2  ? 2.933  -0.936 6.283  1.00 0.00 ? 1  HIS A C    1  
ATOM   10   O O    . HIS A 1 2  ? 2.249  -0.230 5.525  1.00 0.00 ? 1  HIS A O    1  
ATOM   11   C CB   . HIS A 1 2  ? 3.672  0.349  8.289  1.00 0.00 ? 1  HIS A CB   1  
ATOM   12   C CG   . HIS A 1 2  ? 3.109  1.720  8.115  1.00 0.00 ? 1  HIS A CG   1  
ATOM   13   N ND1  . HIS A 1 2  ? 2.138  2.242  8.936  1.00 0.00 ? 1  HIS A ND1  1  
ATOM   14   C CD2  . HIS A 1 2  ? 3.396  2.681  7.216  1.00 0.00 ? 1  HIS A CD2  1  
ATOM   15   C CE1  . HIS A 1 2  ? 1.854  3.468  8.551  1.00 0.00 ? 1  HIS A CE1  1  
ATOM   16   N NE2  . HIS A 1 2  ? 2.602  3.760  7.505  1.00 0.00 ? 1  HIS A NE2  1  
ATOM   17   H H    . HIS A 1 2  ? 3.975  -2.274 8.686  1.00 0.00 ? 1  HIS A H    1  
ATOM   18   H HA   . HIS A 1 2  ? 1.730  -0.496 7.987  1.00 0.00 ? 1  HIS A HA   1  
ATOM   19   H HB2  . HIS A 1 2  ? 3.866  0.214  9.336  1.00 0.00 ? 1  HIS A HB2  1  
ATOM   20   H HB3  . HIS A 1 2  ? 4.604  0.306  7.748  1.00 0.00 ? 1  HIS A HB3  1  
ATOM   21   H HD1  . HIS A 1 2  ? 1.725  1.788  9.692  1.00 0.00 ? 1  HIS A HD1  1  
ATOM   22   H HD2  . HIS A 1 2  ? 4.125  2.609  6.423  1.00 0.00 ? 1  HIS A HD2  1  
ATOM   23   H HE1  . HIS A 1 2  ? 1.136  4.126  9.024  1.00 0.00 ? 1  HIS A HE1  1  
ATOM   24   H HE2  . HIS A 1 2  ? 2.684  4.645  7.102  1.00 0.00 ? 1  HIS A HE2  1  
HETATM 25   C C    . MK8 A 1 3  ? 2.898  -2.284 3.541  1.00 0.00 ? 2  MK8 A C    1  
HETATM 26   N N    . MK8 A 1 3  ? 3.893  -1.855 5.846  1.00 0.00 ? 2  MK8 A N    1  
HETATM 27   O O    . MK8 A 1 3  ? 2.832  -1.899 2.348  1.00 0.00 ? 2  MK8 A O    1  
HETATM 28   C CA   . MK8 A 1 3  ? 4.213  -2.109 4.400  1.00 0.00 ? 2  MK8 A CA   1  
HETATM 29   C CB   . MK8 A 1 3  ? 5.107  -3.368 4.213  1.00 0.00 ? 2  MK8 A CB   1  
HETATM 30   C CD   . MK8 A 1 3  ? 3.539  -5.411 3.951  1.00 0.00 ? 2  MK8 A CD   1  
HETATM 31   C CE   . MK8 A 1 3  ? 3.943  -6.101 2.625  1.00 0.00 ? 2  MK8 A CE   1  
HETATM 32   C CG   . MK8 A 1 3  ? 4.606  -4.702 4.802  1.00 0.00 ? 2  MK8 A CG   1  
HETATM 33   C CB1  . MK8 A 1 3  ? 5.100  -0.936 3.929  1.00 0.00 ? 2  MK8 A CB1  1  
HETATM 34   H H    . MK8 A 1 3  ? 4.409  -2.341 6.524  1.00 0.00 ? 2  MK8 A H    1  
HETATM 35   H HB   . MK8 A 1 3  ? 6.073  -3.156 4.652  1.00 0.00 ? 2  MK8 A HB   1  
HETATM 36   H HBA  . MK8 A 1 3  ? 5.249  -3.528 3.156  1.00 0.00 ? 2  MK8 A HBA  1  
HETATM 37   H HD   . MK8 A 1 3  ? 2.787  -4.675 3.735  1.00 0.00 ? 2  MK8 A HD   1  
HETATM 38   H HDA  . MK8 A 1 3  ? 3.092  -6.172 4.566  1.00 0.00 ? 2  MK8 A HDA  1  
HETATM 39   H HE   . MK8 A 1 3  ? 4.756  -6.785 2.699  1.00 0.00 ? 2  MK8 A HE   1  
HETATM 40   H HG   . MK8 A 1 3  ? 4.209  -4.517 5.774  1.00 0.00 ? 2  MK8 A HG   1  
HETATM 41   H HGA  . MK8 A 1 3  ? 5.447  -5.365 4.888  1.00 0.00 ? 2  MK8 A HGA  1  
HETATM 42   H HB1  . MK8 A 1 3  ? 4.641  0.007  4.197  1.00 0.00 ? 2  MK8 A HB1  1  
HETATM 43   H HB1A . MK8 A 1 3  ? 5.208  -0.992 2.858  1.00 0.00 ? 2  MK8 A HB1A 1  
HETATM 44   H HB1B . MK8 A 1 3  ? 6.076  -1.013 4.393  1.00 0.00 ? 2  MK8 A HB1B 1  
ATOM   45   N N    . ILE A 1 4  ? 1.876  -2.942 4.197  1.00 0.00 ? 3  ILE A N    1  
ATOM   46   C CA   . ILE A 1 4  ? 0.567  -3.302 3.581  1.00 0.00 ? 3  ILE A CA   1  
ATOM   47   C C    . ILE A 1 4  ? -0.170 -2.019 3.204  1.00 0.00 ? 3  ILE A C    1  
ATOM   48   O O    . ILE A 1 4  ? -0.719 -1.912 2.096  1.00 0.00 ? 3  ILE A O    1  
ATOM   49   C CB   . ILE A 1 4  ? -0.357 -4.207 4.510  1.00 0.00 ? 3  ILE A CB   1  
ATOM   50   C CG1  . ILE A 1 4  ? 0.400  -5.293 5.311  1.00 0.00 ? 3  ILE A CG1  1  
ATOM   51   C CG2  . ILE A 1 4  ? -1.402 -4.937 3.666  1.00 0.00 ? 3  ILE A CG2  1  
ATOM   52   C CD1  . ILE A 1 4  ? 1.123  -4.797 6.541  1.00 0.00 ? 3  ILE A CD1  1  
ATOM   53   H H    . ILE A 1 4  ? 2.045  -3.239 5.105  1.00 0.00 ? 3  ILE A H    1  
ATOM   54   H HA   . ILE A 1 4  ? 0.787  -3.863 2.674  1.00 0.00 ? 3  ILE A HA   1  
ATOM   55   H HB   . ILE A 1 4  ? -0.881 -3.559 5.209  1.00 0.00 ? 3  ILE A HB   1  
ATOM   56   H HG12 . ILE A 1 4  ? -0.304 -6.026 5.638  1.00 0.00 ? 3  ILE A HG12 1  
ATOM   57   H HG13 . ILE A 1 4  ? 1.126  -5.762 4.667  1.00 0.00 ? 3  ILE A HG13 1  
ATOM   58   H HG21 . ILE A 1 4  ? -1.930 -5.646 4.291  1.00 0.00 ? 3  ILE A HG21 1  
ATOM   59   H HG22 . ILE A 1 4  ? -0.905 -5.460 2.867  1.00 0.00 ? 3  ILE A HG22 1  
ATOM   60   H HG23 . ILE A 1 4  ? -2.097 -4.222 3.255  1.00 0.00 ? 3  ILE A HG23 1  
ATOM   61   H HD11 . ILE A 1 4  ? 2.066  -5.302 6.626  1.00 0.00 ? 3  ILE A HD11 1  
ATOM   62   H HD12 . ILE A 1 4  ? 0.526  -4.998 7.419  1.00 0.00 ? 3  ILE A HD12 1  
ATOM   63   H HD13 . ILE A 1 4  ? 1.286  -3.734 6.450  1.00 0.00 ? 3  ILE A HD13 1  
ATOM   64   N N    . LEU A 1 5  ? -0.126 -1.035 4.161  1.00 0.00 ? 4  LEU A N    1  
ATOM   65   C CA   . LEU A 1 5  ? -0.740 0.302  4.030  1.00 0.00 ? 4  LEU A CA   1  
ATOM   66   C C    . LEU A 1 5  ? -0.252 0.992  2.744  1.00 0.00 ? 4  LEU A C    1  
ATOM   67   O O    . LEU A 1 5  ? -1.022 1.736  2.117  1.00 0.00 ? 4  LEU A O    1  
ATOM   68   C CB   . LEU A 1 5  ? -0.383 1.130  5.286  1.00 0.00 ? 4  LEU A CB   1  
ATOM   69   C CG   . LEU A 1 5  ? -1.035 2.515  5.451  1.00 0.00 ? 4  LEU A CG   1  
ATOM   70   C CD1  . LEU A 1 5  ? -1.048 2.899  6.916  1.00 0.00 ? 4  LEU A CD1  1  
ATOM   71   C CD2  . LEU A 1 5  ? -0.276 3.571  4.657  1.00 0.00 ? 4  LEU A CD2  1  
ATOM   72   H H    . LEU A 1 5  ? 0.360  -1.233 4.985  1.00 0.00 ? 4  LEU A H    1  
ATOM   73   H HA   . LEU A 1 5  ? -1.808 0.173  3.978  1.00 0.00 ? 4  LEU A HA   1  
ATOM   74   H HB2  . LEU A 1 5  ? -0.649 0.543  6.146  1.00 0.00 ? 4  LEU A HB2  1  
ATOM   75   H HB3  . LEU A 1 5  ? 0.686  1.265  5.301  1.00 0.00 ? 4  LEU A HB3  1  
ATOM   76   H HG   . LEU A 1 5  ? -2.052 2.478  5.096  1.00 0.00 ? 4  LEU A HG   1  
ATOM   77   H HD11 . LEU A 1 5  ? -0.828 2.032  7.522  1.00 0.00 ? 4  LEU A HD11 1  
ATOM   78   H HD12 . LEU A 1 5  ? -2.020 3.282  7.178  1.00 0.00 ? 4  LEU A HD12 1  
ATOM   79   H HD13 . LEU A 1 5  ? -0.300 3.659  7.095  1.00 0.00 ? 4  LEU A HD13 1  
ATOM   80   H HD21 . LEU A 1 5  ? -0.079 3.204  3.662  1.00 0.00 ? 4  LEU A HD21 1  
ATOM   81   H HD22 . LEU A 1 5  ? 0.664  3.788  5.154  1.00 0.00 ? 4  LEU A HD22 1  
ATOM   82   H HD23 . LEU A 1 5  ? -0.862 4.470  4.599  1.00 0.00 ? 4  LEU A HD23 1  
ATOM   83   N N    . HIS A 1 6  ? 1.042  0.704  2.397  1.00 0.00 ? 5  HIS A N    1  
ATOM   84   C CA   . HIS A 1 6  ? 1.728  1.240  1.213  1.00 0.00 ? 5  HIS A CA   1  
ATOM   85   C C    . HIS A 1 6  ? 1.368  0.470  -0.052 1.00 0.00 ? 5  HIS A C    1  
ATOM   86   O O    . HIS A 1 6  ? 0.959  1.094  -1.029 1.00 0.00 ? 5  HIS A O    1  
ATOM   87   C CB   . HIS A 1 6  ? 3.227  1.231  1.457  1.00 0.00 ? 5  HIS A CB   1  
ATOM   88   C CG   . HIS A 1 6  ? 3.772  2.588  1.772  1.00 0.00 ? 5  HIS A CG   1  
ATOM   89   N ND1  . HIS A 1 6  ? 3.972  3.566  0.812  1.00 0.00 ? 5  HIS A ND1  1  
ATOM   90   C CD2  . HIS A 1 6  ? 4.124  3.149  2.957  1.00 0.00 ? 5  HIS A CD2  1  
ATOM   91   C CE1  . HIS A 1 6  ? 4.428  4.659  1.399  1.00 0.00 ? 5  HIS A CE1  1  
ATOM   92   N NE2  . HIS A 1 6  ? 4.524  4.431  2.696  1.00 0.00 ? 5  HIS A NE2  1  
ATOM   93   H H    . HIS A 1 6  ? 1.548  0.101  2.982  1.00 0.00 ? 5  HIS A H    1  
ATOM   94   H HA   . HIS A 1 6  ? 1.404  2.265  1.091  1.00 0.00 ? 5  HIS A HA   1  
ATOM   95   H HB2  . HIS A 1 6  ? 3.433  0.593  2.305  1.00 0.00 ? 5  HIS A HB2  1  
ATOM   96   H HB3  . HIS A 1 6  ? 3.739  0.851  0.581  1.00 0.00 ? 5  HIS A HB3  1  
ATOM   97   H HD1  . HIS A 1 6  ? 3.804  3.474  -0.156 1.00 0.00 ? 5  HIS A HD1  1  
ATOM   98   H HD2  . HIS A 1 6  ? 4.080  2.682  3.935  1.00 0.00 ? 5  HIS A HD2  1  
ATOM   99   H HE1  . HIS A 1 6  ? 4.678  5.583  0.908  1.00 0.00 ? 5  HIS A HE1  1  
ATOM   100  H HE2  . HIS A 1 6  ? 4.885  5.062  3.356  1.00 0.00 ? 5  HIS A HE2  1  
HETATM 101  C C    . MK8 A 1 7  ? -0.298 -1.586 -1.611 1.00 0.00 ? 6  MK8 A C    1  
HETATM 102  N N    . MK8 A 1 7  ? 1.511  -0.914 -0.017 1.00 0.00 ? 6  MK8 A N    1  
HETATM 103  O O    . MK8 A 1 7  ? -0.732 -2.059 -2.697 1.00 0.00 ? 6  MK8 A O    1  
HETATM 104  C CA   . MK8 A 1 7  ? 1.179  -1.841 -1.170 1.00 0.00 ? 6  MK8 A CA   1  
HETATM 105  C CB   . MK8 A 1 7  ? 1.259  -3.349 -0.728 1.00 0.00 ? 6  MK8 A CB   1  
HETATM 106  C CD   . MK8 A 1 7  ? 2.194  -5.041 0.937  1.00 0.00 ? 6  MK8 A CD   1  
HETATM 107  C CE   . MK8 A 1 7  ? 3.380  -5.949 1.362  1.00 0.00 ? 6  MK8 A CE   1  
HETATM 108  C CG   . MK8 A 1 7  ? 2.482  -3.791 0.109  1.00 0.00 ? 6  MK8 A CG   1  
HETATM 109  C CB1  . MK8 A 1 7  ? 2.150  -1.581 -2.369 1.00 0.00 ? 6  MK8 A CB1  1  
HETATM 110  H H    . MK8 A 1 7  ? 1.837  -1.311 0.814  1.00 0.00 ? 6  MK8 A H    1  
HETATM 111  H HB   . MK8 A 1 7  ? 1.249  -3.953 -1.623 1.00 0.00 ? 6  MK8 A HB   1  
HETATM 112  H HBA  . MK8 A 1 7  ? 0.372  -3.581 -0.154 1.00 0.00 ? 6  MK8 A HBA  1  
HETATM 113  H HD   . MK8 A 1 7  ? 1.492  -5.646 0.370  1.00 0.00 ? 6  MK8 A HD   1  
HETATM 114  H HDA  . MK8 A 1 7  ? 1.706  -4.727 1.839  1.00 0.00 ? 6  MK8 A HDA  1  
HETATM 115  H HE   . MK8 A 1 7  ? 3.814  -6.529 0.574  1.00 0.00 ? 6  MK8 A HE   1  
HETATM 116  H HG   . MK8 A 1 7  ? 2.757  -2.985 0.771  1.00 0.00 ? 6  MK8 A HG   1  
HETATM 117  H HGA  . MK8 A 1 7  ? 3.297  -4.001 -0.563 1.00 0.00 ? 6  MK8 A HGA  1  
HETATM 118  H HB1  . MK8 A 1 7  ? 2.974  -0.972 -2.031 1.00 0.00 ? 6  MK8 A HB1  1  
HETATM 119  H HB1A . MK8 A 1 7  ? 1.622  -1.064 -3.155 1.00 0.00 ? 6  MK8 A HB1A 1  
HETATM 120  H HB1B . MK8 A 1 7  ? 2.522  -2.523 -2.739 1.00 0.00 ? 6  MK8 A HB1B 1  
ATOM   121  N N    . LEU A 1 8  ? -1.063 -0.858 -0.719 1.00 0.00 ? 7  LEU A N    1  
ATOM   122  C CA   . LEU A 1 8  ? -2.486 -0.516 -0.924 1.00 0.00 ? 7  LEU A CA   1  
ATOM   123  C C    . LEU A 1 8  ? -2.635 0.809  -1.671 1.00 0.00 ? 7  LEU A C    1  
ATOM   124  O O    . LEU A 1 8  ? -3.527 0.923  -2.543 1.00 0.00 ? 7  LEU A O    1  
ATOM   125  C CB   . LEU A 1 8  ? -3.240 -0.454 0.433  1.00 0.00 ? 7  LEU A CB   1  
ATOM   126  C CG   . LEU A 1 8  ? -4.783 -0.457 0.352  1.00 0.00 ? 7  LEU A CG   1  
ATOM   127  C CD1  . LEU A 1 8  ? -5.345 -1.871 0.190  1.00 0.00 ? 7  LEU A CD1  1  
ATOM   128  C CD2  . LEU A 1 8  ? -5.384 0.188  1.595  1.00 0.00 ? 7  LEU A CD2  1  
ATOM   129  H H    . LEU A 1 8  ? -0.635 -0.561 0.109  1.00 0.00 ? 7  LEU A H    1  
ATOM   130  H HA   . LEU A 1 8  ? -2.917 -1.306 -1.531 1.00 0.00 ? 7  LEU A HA   1  
ATOM   131  H HB2  . LEU A 1 8  ? -2.932 -1.299 1.035  1.00 0.00 ? 7  LEU A HB2  1  
ATOM   132  H HB3  . LEU A 1 8  ? -2.944 0.449  0.944  1.00 0.00 ? 7  LEU A HB3  1  
ATOM   133  H HG   . LEU A 1 8  ? -5.090 0.128  -0.512 1.00 0.00 ? 7  LEU A HG   1  
ATOM   134  H HD11 . LEU A 1 8  ? -6.422 -1.832 0.235  1.00 0.00 ? 7  LEU A HD11 1  
ATOM   135  H HD12 . LEU A 1 8  ? -4.978 -2.501 0.985  1.00 0.00 ? 7  LEU A HD12 1  
ATOM   136  H HD13 . LEU A 1 8  ? -5.037 -2.275 -0.758 1.00 0.00 ? 7  LEU A HD13 1  
ATOM   137  H HD21 . LEU A 1 8  ? -4.647 0.817  2.079  1.00 0.00 ? 7  LEU A HD21 1  
ATOM   138  H HD22 . LEU A 1 8  ? -5.697 -0.585 2.274  1.00 0.00 ? 7  LEU A HD22 1  
ATOM   139  H HD23 . LEU A 1 8  ? -6.239 0.789  1.315  1.00 0.00 ? 7  LEU A HD23 1  
ATOM   140  N N    . LEU A 1 9  ? -1.758 1.809  -1.294 1.00 0.00 ? 8  LEU A N    1  
ATOM   141  C CA   . LEU A 1 9  ? -1.757 3.170  -1.878 1.00 0.00 ? 8  LEU A CA   1  
ATOM   142  C C    . LEU A 1 9  ? -1.099 3.214  -3.252 1.00 0.00 ? 8  LEU A C    1  
ATOM   143  O O    . LEU A 1 9  ? -1.550 3.973  -4.125 1.00 0.00 ? 8  LEU A O    1  
ATOM   144  C CB   . LEU A 1 9  ? -1.036 4.166  -0.942 1.00 0.00 ? 8  LEU A CB   1  
ATOM   145  C CG   . LEU A 1 9  ? -1.503 4.202  0.531  1.00 0.00 ? 8  LEU A CG   1  
ATOM   146  C CD1  . LEU A 1 9  ? -0.415 4.806  1.391  1.00 0.00 ? 8  LEU A CD1  1  
ATOM   147  C CD2  . LEU A 1 9  ? -2.783 5.012  0.719  1.00 0.00 ? 8  LEU A CD2  1  
ATOM   148  H H    . LEU A 1 9  ? -1.101 1.608  -0.594 1.00 0.00 ? 8  LEU A H    1  
ATOM   149  H HA   . LEU A 1 9  ? -2.777 3.480  -1.976 1.00 0.00 ? 8  LEU A HA   1  
ATOM   150  H HB2  . LEU A 1 9  ? 0.019  3.934  -0.950 1.00 0.00 ? 8  LEU A HB2  1  
ATOM   151  H HB3  . LEU A 1 9  ? -1.165 5.159  -1.354 1.00 0.00 ? 8  LEU A HB3  1  
ATOM   152  H HG   . LEU A 1 9  ? -1.687 3.191  0.880  1.00 0.00 ? 8  LEU A HG   1  
ATOM   153  H HD11 . LEU A 1 9  ? 0.013  4.043  2.021  1.00 0.00 ? 8  LEU A HD11 1  
ATOM   154  H HD12 . LEU A 1 9  ? -0.836 5.589  2.005  1.00 0.00 ? 8  LEU A HD12 1  
ATOM   155  H HD13 . LEU A 1 9  ? 0.351  5.222  0.754  1.00 0.00 ? 8  LEU A HD13 1  
ATOM   156  H HD21 . LEU A 1 9  ? -2.841 5.381  1.735  1.00 0.00 ? 8  LEU A HD21 1  
ATOM   157  H HD22 . LEU A 1 9  ? -3.634 4.382  0.517  1.00 0.00 ? 8  LEU A HD22 1  
ATOM   158  H HD23 . LEU A 1 9  ? -2.780 5.842  0.033  1.00 0.00 ? 8  LEU A HD23 1  
ATOM   159  N N    . GLN A 1 10 ? -0.010 2.387  -3.404 1.00 0.00 ? 9  GLN A N    1  
ATOM   160  C CA   . GLN A 1 10 ? 0.805  2.289  -4.635 1.00 0.00 ? 9  GLN A CA   1  
ATOM   161  C C    . GLN A 1 10 ? 0.084  1.529  -5.722 1.00 0.00 ? 9  GLN A C    1  
ATOM   162  O O    . GLN A 1 10 ? 0.266  1.841  -6.917 1.00 0.00 ? 9  GLN A O    1  
ATOM   163  C CB   . GLN A 1 10 ? 2.145  1.606  -4.328 1.00 0.00 ? 9  GLN A CB   1  
ATOM   164  C CG   . GLN A 1 10 ? 2.996  2.328  -3.285 1.00 0.00 ? 9  GLN A CG   1  
ATOM   165  C CD   . GLN A 1 10 ? 4.316  1.628  -3.036 1.00 0.00 ? 9  GLN A CD   1  
ATOM   166  O OE1  . GLN A 1 10 ? 4.345  0.466  -2.625 1.00 0.00 ? 9  GLN A OE1  1  
ATOM   167  N NE2  . GLN A 1 10 ? 5.418  2.322  -3.297 1.00 0.00 ? 9  GLN A NE2  1  
ATOM   168  H H    . GLN A 1 10 ? 0.251  1.837  -2.641 1.00 0.00 ? 9  GLN A H    1  
ATOM   169  H HA   . GLN A 1 10 ? 0.997  3.285  -4.993 1.00 0.00 ? 9  GLN A HA   1  
ATOM   170  H HB2  . GLN A 1 10 ? 1.947  0.606  -3.966 1.00 0.00 ? 9  GLN A HB2  1  
ATOM   171  H HB3  . GLN A 1 10 ? 2.717  1.538  -5.239 1.00 0.00 ? 9  GLN A HB3  1  
ATOM   172  H HG2  . GLN A 1 10 ? 3.194  3.335  -3.627 1.00 0.00 ? 9  GLN A HG2  1  
ATOM   173  H HG3  . GLN A 1 10 ? 2.446  2.364  -2.352 1.00 0.00 ? 9  GLN A HG3  1  
ATOM   174  H HE21 . GLN A 1 10 ? 5.325  3.231  -3.636 1.00 0.00 ? 9  GLN A HE21 1  
ATOM   175  H HE22 . GLN A 1 10 ? 6.284  1.896  -3.131 1.00 0.00 ? 9  GLN A HE22 1  
ATOM   176  N N    . ASP A 1 11 ? -0.732 0.526  -5.271 1.00 0.00 ? 10 ASP A N    1  
ATOM   177  C CA   . ASP A 1 11 ? -1.535 -0.346 -6.146 1.00 0.00 ? 10 ASP A CA   1  
ATOM   178  C C    . ASP A 1 11 ? -2.681 0.432  -6.779 1.00 0.00 ? 10 ASP A C    1  
ATOM   179  O O    . ASP A 1 11 ? -2.888 0.347  -8.000 1.00 0.00 ? 10 ASP A O    1  
ATOM   180  C CB   . ASP A 1 11 ? -2.085 -1.515 -5.339 1.00 0.00 ? 10 ASP A CB   1  
ATOM   181  C CG   . ASP A 1 11 ? -2.708 -2.580 -6.219 1.00 0.00 ? 10 ASP A CG   1  
ATOM   182  O OD1  . ASP A 1 11 ? -3.684 -2.266 -6.933 1.00 0.00 ? 10 ASP A OD1  1  
ATOM   183  O OD2  . ASP A 1 11 ? -2.218 -3.726 -6.198 1.00 0.00 ? 10 ASP A OD2  1  
ATOM   184  H H    . ASP A 1 11 ? -0.794 0.384  -4.304 1.00 0.00 ? 10 ASP A H    1  
ATOM   185  H HA   . ASP A 1 11 ? -0.883 -0.731 -6.925 1.00 0.00 ? 10 ASP A HA   1  
ATOM   186  H HB2  . ASP A 1 11 ? -1.280 -1.962 -4.785 1.00 0.00 ? 10 ASP A HB2  1  
ATOM   187  H HB3  . ASP A 1 11 ? -2.846 -1.150 -4.656 1.00 0.00 ? 10 ASP A HB3  1  
ATOM   188  N N    . SER A 1 12 ? -3.405 1.205  -5.894 1.00 0.00 ? 11 SER A N    1  
ATOM   189  C CA   . SER A 1 12 ? -4.548 2.056  -6.276 1.00 0.00 ? 11 SER A CA   1  
ATOM   190  C C    . SER A 1 12 ? -4.134 3.075  -7.331 1.00 0.00 ? 11 SER A C    1  
ATOM   191  O O    . SER A 1 12 ? -4.666 3.080  -8.435 1.00 0.00 ? 11 SER A O    1  
ATOM   192  C CB   . SER A 1 12 ? -5.106 2.784  -5.054 1.00 0.00 ? 11 SER A CB   1  
ATOM   193  O OG   . SER A 1 12 ? -4.134 3.614  -4.437 1.00 0.00 ? 11 SER A OG   1  
ATOM   194  H H    . SER A 1 12 ? -3.129 1.202  -4.956 1.00 0.00 ? 11 SER A H    1  
ATOM   195  H HA   . SER A 1 12 ? -5.318 1.420  -6.691 1.00 0.00 ? 11 SER A HA   1  
ATOM   196  H HB2  . SER A 1 12 ? -5.927 3.397  -5.368 1.00 0.00 ? 11 SER A HB2  1  
ATOM   197  H HB3  . SER A 1 12 ? -5.450 2.065  -4.338 1.00 0.00 ? 11 SER A HB3  1  
ATOM   198  H HG   . SER A 1 12 ? -4.462 4.519  -4.388 1.00 0.00 ? 11 SER A HG   1  
HETATM 199  N N    . NH2 A 1 13 ? -3.056 3.796  -7.050 1.00 0.00 ? 12 NH2 A N    1  
HETATM 200  H HN1  . NH2 A 1 13 ? -2.596 3.632  -6.196 1.00 0.00 ? 12 NH2 A HN1  1  
HETATM 201  H HN2  . NH2 A 1 13 ? -2.765 4.460  -7.710 1.00 0.00 ? 12 NH2 A HN2  1  
HETATM 202  C C    . ACE A 1 1  ? 2.401  -2.441 8.672  1.00 0.00 ? 0  ACE A C    2  
HETATM 203  O O    . ACE A 1 1  ? 1.201  -2.503 8.333  1.00 0.00 ? 0  ACE A O    2  
HETATM 204  C CH3  . ACE A 1 1  ? 2.990  -3.549 9.519  1.00 0.00 ? 0  ACE A CH3  2  
HETATM 205  H H1   . ACE A 1 1  ? 2.518  -3.548 10.488 1.00 0.00 ? 0  ACE A H1   2  
HETATM 206  H H2   . ACE A 1 1  ? 4.042  -3.374 9.638  1.00 0.00 ? 0  ACE A H2   2  
HETATM 207  H H3   . ACE A 1 1  ? 2.829  -4.511 9.036  1.00 0.00 ? 0  ACE A H3   2  
ATOM   208  N N    . HIS A 1 2  ? 3.267  -1.417 8.334  1.00 0.00 ? 1  HIS A N    2  
ATOM   209  C CA   . HIS A 1 2  ? 2.889  -0.243 7.516  1.00 0.00 ? 1  HIS A CA   2  
ATOM   210  C C    . HIS A 1 2  ? 3.031  -0.567 6.037  1.00 0.00 ? 1  HIS A C    2  
ATOM   211  O O    . HIS A 1 2  ? 2.424  0.098  5.187  1.00 0.00 ? 1  HIS A O    2  
ATOM   212  C CB   . HIS A 1 2  ? 3.761  0.958  7.866  1.00 0.00 ? 1  HIS A CB   2  
ATOM   213  C CG   . HIS A 1 2  ? 3.121  2.277  7.561  1.00 0.00 ? 1  HIS A CG   2  
ATOM   214  N ND1  . HIS A 1 2  ? 2.078  2.805  8.305  1.00 0.00 ? 1  HIS A ND1  2  
ATOM   215  C CD2  . HIS A 1 2  ? 3.387  3.180  6.593  1.00 0.00 ? 1  HIS A CD2  2  
ATOM   216  C CE1  . HIS A 1 2  ? 1.731  3.980  7.796  1.00 0.00 ? 1  HIS A CE1  2  
ATOM   217  N NE2  . HIS A 1 2  ? 2.510  4.229  6.755  1.00 0.00 ? 1  HIS A NE2  2  
ATOM   218  H H    . HIS A 1 2  ? 4.187  -1.473 8.653  1.00 0.00 ? 1  HIS A H    2  
ATOM   219  H HA   . HIS A 1 2  ? 1.857  -0.012 7.726  1.00 0.00 ? 1  HIS A HA   2  
ATOM   220  H HB2  . HIS A 1 2  ? 3.974  0.932  8.918  1.00 0.00 ? 1  HIS A HB2  2  
ATOM   221  H HB3  . HIS A 1 2  ? 4.684  0.892  7.309  1.00 0.00 ? 1  HIS A HB3  2  
ATOM   222  H HD1  . HIS A 1 2  ? 1.661  2.389  9.086  1.00 0.00 ? 1  HIS A HD1  2  
ATOM   223  H HD2  . HIS A 1 2  ? 4.152  3.095  5.836  1.00 0.00 ? 1  HIS A HD2  2  
ATOM   224  H HE1  . HIS A 1 2  ? 0.953  4.634  8.177  1.00 0.00 ? 1  HIS A HE1  2  
ATOM   225  H HE2  . HIS A 1 2  ? 2.425  4.998  6.155  1.00 0.00 ? 1  HIS A HE2  2  
HETATM 226  C C    . MK8 A 1 3  ? 2.783  -2.384 3.609  1.00 0.00 ? 2  MK8 A C    2  
HETATM 227  N N    . MK8 A 1 3  ? 3.863  -1.633 5.742  1.00 0.00 ? 2  MK8 A N    2  
HETATM 228  O O    . MK8 A 1 3  ? 2.507  -1.816 2.532  1.00 0.00 ? 2  MK8 A O    2  
HETATM 229  C CA   . MK8 A 1 3  ? 4.154  -2.145 4.372  1.00 0.00 ? 2  MK8 A CA   2  
HETATM 230  C CB   . MK8 A 1 3  ? 4.962  -3.479 4.596  1.00 0.00 ? 2  MK8 A CB   2  
HETATM 231  C CD   . MK8 A 1 3  ? 3.922  -5.364 3.255  1.00 0.00 ? 2  MK8 A CD   2  
HETATM 232  C CE   . MK8 A 1 3  ? 3.804  -6.302 2.030  1.00 0.00 ? 2  MK8 A CE   2  
HETATM 233  C CG   . MK8 A 1 3  ? 5.153  -4.493 3.425  1.00 0.00 ? 2  MK8 A CG   2  
HETATM 234  C CB1  . MK8 A 1 3  ? 5.120  -1.145 3.673  1.00 0.00 ? 2  MK8 A CB1  2  
HETATM 235  H H    . MK8 A 1 3  ? 4.297  -2.098 6.489  1.00 0.00 ? 2  MK8 A H    2  
HETATM 236  H HB   . MK8 A 1 3  ? 4.479  -4.004 5.400  1.00 0.00 ? 2  MK8 A HB   2  
HETATM 237  H HBA  . MK8 A 1 3  ? 5.949  -3.202 4.931  1.00 0.00 ? 2  MK8 A HBA  2  
HETATM 238  H HD   . MK8 A 1 3  ? 3.065  -4.703 3.261  1.00 0.00 ? 2  MK8 A HD   2  
HETATM 239  H HDA  . MK8 A 1 3  ? 3.864  -5.991 4.127  1.00 0.00 ? 2  MK8 A HDA  2  
HETATM 240  H HE   . MK8 A 1 3  ? 4.546  -7.068 1.964  1.00 0.00 ? 2  MK8 A HE   2  
HETATM 241  H HG   . MK8 A 1 3  ? 5.996  -5.121 3.658  1.00 0.00 ? 2  MK8 A HG   2  
HETATM 242  H HGA  . MK8 A 1 3  ? 5.345  -3.956 2.505  1.00 0.00 ? 2  MK8 A HGA  2  
HETATM 243  H HB1  . MK8 A 1 3  ? 5.029  -0.173 4.136  1.00 0.00 ? 2  MK8 A HB1  2  
HETATM 244  H HB1A . MK8 A 1 3  ? 4.874  -1.069 2.625  1.00 0.00 ? 2  MK8 A HB1A 2  
HETATM 245  H HB1B . MK8 A 1 3  ? 6.135  -1.500 3.778  1.00 0.00 ? 2  MK8 A HB1B 2  
ATOM   246  N N    . ILE A 1 4  ? 1.962  -3.313 4.220  1.00 0.00 ? 3  ILE A N    2  
ATOM   247  C CA   . ILE A 1 4  ? 0.646  -3.778 3.686  1.00 0.00 ? 3  ILE A CA   2  
ATOM   248  C C    . ILE A 1 4  ? -0.250 -2.562 3.356  1.00 0.00 ? 3  ILE A C    2  
ATOM   249  O O    . ILE A 1 4  ? -1.004 -2.594 2.365  1.00 0.00 ? 3  ILE A O    2  
ATOM   250  C CB   . ILE A 1 4  ? -0.127 -4.783 4.650  1.00 0.00 ? 3  ILE A CB   2  
ATOM   251  C CG1  . ILE A 1 4  ? 0.786  -5.845 5.309  1.00 0.00 ? 3  ILE A CG1  2  
ATOM   252  C CG2  . ILE A 1 4  ? -1.219 -5.553 3.902  1.00 0.00 ? 3  ILE A CG2  2  
ATOM   253  C CD1  . ILE A 1 4  ? 1.579  -5.364 6.506  1.00 0.00 ? 3  ILE A CD1  2  
ATOM   254  H H    . ILE A 1 4  ? 2.292  -3.730 5.038  1.00 0.00 ? 3  ILE A H    2  
ATOM   255  H HA   . ILE A 1 4  ? 0.860  -4.297 2.760  1.00 0.00 ? 3  ILE A HA   2  
ATOM   256  H HB   . ILE A 1 4  ? -0.604 -4.199 5.428  1.00 0.00 ? 3  ILE A HB   2  
ATOM   257  H HG12 . ILE A 1 4  ? 0.178  -6.673 5.640  1.00 0.00 ? 3  ILE A HG12 2  
ATOM   258  H HG13 . ILE A 1 4  ? 1.489  -6.202 4.572  1.00 0.00 ? 3  ILE A HG13 2  
ATOM   259  H HG21 . ILE A 1 4  ? -1.589 -4.954 3.085  1.00 0.00 ? 3  ILE A HG21 2  
ATOM   260  H HG22 . ILE A 1 4  ? -2.029 -5.780 4.580  1.00 0.00 ? 3  ILE A HG22 2  
ATOM   261  H HG23 . ILE A 1 4  ? -0.804 -6.477 3.518  1.00 0.00 ? 3  ILE A HG23 2  
ATOM   262  H HD11 . ILE A 1 4  ? 2.561  -5.075 6.181  1.00 0.00 ? 3  ILE A HD11 2  
ATOM   263  H HD12 . ILE A 1 4  ? 1.658  -6.166 7.227  1.00 0.00 ? 3  ILE A HD12 2  
ATOM   264  H HD13 . ILE A 1 4  ? 1.081  -4.518 6.956  1.00 0.00 ? 3  ILE A HD13 2  
ATOM   265  N N    . LEU A 1 5  ? -0.109 -1.504 4.222  1.00 0.00 ? 4  LEU A N    2  
ATOM   266  C CA   . LEU A 1 5  ? -0.840 -0.228 4.106  1.00 0.00 ? 4  LEU A CA   2  
ATOM   267  C C    . LEU A 1 5  ? -0.473 0.451  2.795  1.00 0.00 ? 4  LEU A C    2  
ATOM   268  O O    . LEU A 1 5  ? -1.360 0.854  2.029  1.00 0.00 ? 4  LEU A O    2  
ATOM   269  C CB   . LEU A 1 5  ? -0.488 0.667  5.318  1.00 0.00 ? 4  LEU A CB   2  
ATOM   270  C CG   . LEU A 1 5  ? -1.291 1.967  5.503  1.00 0.00 ? 4  LEU A CG   2  
ATOM   271  C CD1  . LEU A 1 5  ? -1.184 2.428  6.941  1.00 0.00 ? 4  LEU A CD1  2  
ATOM   272  C CD2  . LEU A 1 5  ? -0.796 3.090  4.585  1.00 0.00 ? 4  LEU A CD2  2  
ATOM   273  H H    . LEU A 1 5  ? 0.530  -1.598 4.953  1.00 0.00 ? 4  LEU A H    2  
ATOM   274  H HA   . LEU A 1 5  ? -1.900 -0.438 4.107  1.00 0.00 ? 4  LEU A HA   2  
ATOM   275  H HB2  . LEU A 1 5  ? -0.611 0.078  6.211  1.00 0.00 ? 4  LEU A HB2  2  
ATOM   276  H HB3  . LEU A 1 5  ? 0.560  0.928  5.233  1.00 0.00 ? 4  LEU A HB3  2  
ATOM   277  H HG   . LEU A 1 5  ? -2.332 1.776  5.285  1.00 0.00 ? 4  LEU A HG   2  
ATOM   278  H HD11 . LEU A 1 5  ? -1.772 1.778  7.571  1.00 0.00 ? 4  LEU A HD11 2  
ATOM   279  H HD12 . LEU A 1 5  ? -1.552 3.438  7.016  1.00 0.00 ? 4  LEU A HD12 2  
ATOM   280  H HD13 . LEU A 1 5  ? -0.151 2.395  7.254  1.00 0.00 ? 4  LEU A HD13 2  
ATOM   281  H HD21 . LEU A 1 5  ? -1.534 3.875  4.542  1.00 0.00 ? 4  LEU A HD21 2  
ATOM   282  H HD22 . LEU A 1 5  ? -0.628 2.697  3.592  1.00 0.00 ? 4  LEU A HD22 2  
ATOM   283  H HD23 . LEU A 1 5  ? 0.135  3.484  4.972  1.00 0.00 ? 4  LEU A HD23 2  
ATOM   284  N N    . HIS A 1 6  ? 0.878  0.562  2.580  1.00 0.00 ? 5  HIS A N    2  
ATOM   285  C CA   . HIS A 1 6  ? 1.494  1.183  1.396  1.00 0.00 ? 5  HIS A CA   2  
ATOM   286  C C    . HIS A 1 6  ? 1.153  0.447  0.114  1.00 0.00 ? 5  HIS A C    2  
ATOM   287  O O    . HIS A 1 6  ? 0.867  1.099  -0.904 1.00 0.00 ? 5  HIS A O    2  
ATOM   288  C CB   . HIS A 1 6  ? 3.002  1.237  1.591  1.00 0.00 ? 5  HIS A CB   2  
ATOM   289  C CG   . HIS A 1 6  ? 3.497  2.603  1.911  1.00 0.00 ? 5  HIS A CG   2  
ATOM   290  N ND1  . HIS A 1 6  ? 3.603  3.614  0.974  1.00 0.00 ? 5  HIS A ND1  2  
ATOM   291  C CD2  . HIS A 1 6  ? 3.935  3.123  3.081  1.00 0.00 ? 5  HIS A CD2  2  
ATOM   292  C CE1  . HIS A 1 6  ? 4.095  4.695  1.555  1.00 0.00 ? 5  HIS A CE1  2  
ATOM   293  N NE2  . HIS A 1 6  ? 4.302  4.423  2.832  1.00 0.00 ? 5  HIS A NE2  2  
ATOM   294  H H    . HIS A 1 6  ? 1.477  0.203  3.271  1.00 0.00 ? 5  HIS A H    2  
ATOM   295  H HA   . HIS A 1 6  ? 1.122  2.197  1.326  1.00 0.00 ? 5  HIS A HA   2  
ATOM   296  H HB2  . HIS A 1 6  ? 3.270  0.586  2.406  1.00 0.00 ? 5  HIS A HB2  2  
ATOM   297  H HB3  . HIS A 1 6  ? 3.491  0.902  0.699  1.00 0.00 ? 5  HIS A HB3  2  
ATOM   298  H HD1  . HIS A 1 6  ? 3.354  3.553  0.027  1.00 0.00 ? 5  HIS A HD1  2  
ATOM   299  H HD2  . HIS A 1 6  ? 3.973  2.614  4.039  1.00 0.00 ? 5  HIS A HD2  2  
ATOM   300  H HE1  . HIS A 1 6  ? 4.326  5.626  1.056  1.00 0.00 ? 5  HIS A HE1  2  
ATOM   301  H HE2  . HIS A 1 6  ? 4.752  5.023  3.466  1.00 0.00 ? 5  HIS A HE2  2  
HETATM 302  C C    . MK8 A 1 7  ? -0.487 -1.483 -1.594 1.00 0.00 ? 6  MK8 A C    2  
HETATM 303  N N    . MK8 A 1 7  ? 1.209  -0.943 0.158  1.00 0.00 ? 6  MK8 A N    2  
HETATM 304  O O    . MK8 A 1 7  ? -0.841 -1.865 -2.736 1.00 0.00 ? 6  MK8 A O    2  
HETATM 305  C CA   . MK8 A 1 7  ? 0.920  -1.845 -1.016 1.00 0.00 ? 6  MK8 A CA   2  
HETATM 306  C CB   . MK8 A 1 7  ? 0.851  -3.339 -0.559 1.00 0.00 ? 6  MK8 A CB   2  
HETATM 307  C CD   . MK8 A 1 7  ? 1.666  -5.302 0.823  1.00 0.00 ? 6  MK8 A CD   2  
HETATM 308  C CE   . MK8 A 1 7  ? 2.862  -6.277 1.011  1.00 0.00 ? 6  MK8 A CE   2  
HETATM 309  C CG   . MK8 A 1 7  ? 1.927  -3.852 0.436  1.00 0.00 ? 6  MK8 A CG   2  
HETATM 310  C CB1  . MK8 A 1 7  ? 2.031  -1.685 -2.102 1.00 0.00 ? 6  MK8 A CB1  2  
HETATM 311  H H    . MK8 A 1 7  ? 1.459  -1.369 1.001  1.00 0.00 ? 6  MK8 A H    2  
HETATM 312  H HB   . MK8 A 1 7  ? 0.895  -3.963 -1.443 1.00 0.00 ? 6  MK8 A HB   2  
HETATM 313  H HBA  . MK8 A 1 7  ? -0.110 -3.502 -0.093 1.00 0.00 ? 6  MK8 A HBA  2  
HETATM 314  H HD   . MK8 A 1 7  ? 1.015  -5.722 0.062  1.00 0.00 ? 6  MK8 A HD   2  
HETATM 315  H HDA  . MK8 A 1 7  ? 1.124  -5.293 1.751  1.00 0.00 ? 6  MK8 A HDA  2  
HETATM 316  H HE   . MK8 A 1 7  ? 2.968  -7.030 0.254  1.00 0.00 ? 6  MK8 A HE   2  
HETATM 317  H HG   . MK8 A 1 7  ? 1.903  -3.246 1.322  1.00 0.00 ? 6  MK8 A HG   2  
HETATM 318  H HGA  . MK8 A 1 7  ? 2.902  -3.778 -0.031 1.00 0.00 ? 6  MK8 A HGA  2  
HETATM 319  H HB1  . MK8 A 1 7  ? 2.384  -2.658 -2.390 1.00 0.00 ? 6  MK8 A HB1  2  
HETATM 320  H HB1A . MK8 A 1 7  ? 2.850  -1.110 -1.693 1.00 0.00 ? 6  MK8 A HB1A 2  
HETATM 321  H HB1B . MK8 A 1 7  ? 1.629  -1.170 -2.961 1.00 0.00 ? 6  MK8 A HB1B 2  
ATOM   322  N N    . LEU A 1 8  ? -1.298 -0.769 -0.726 1.00 0.00 ? 7  LEU A N    2  
ATOM   323  C CA   . LEU A 1 8  ? -2.682 -0.335 -1.032 1.00 0.00 ? 7  LEU A CA   2  
ATOM   324  C C    . LEU A 1 8  ? -2.708 0.991  -1.807 1.00 0.00 ? 7  LEU A C    2  
ATOM   325  O O    . LEU A 1 8  ? -3.519 1.149  -2.738 1.00 0.00 ? 7  LEU A O    2  
ATOM   326  C CB   . LEU A 1 8  ? -3.506 -0.228 0.279  1.00 0.00 ? 7  LEU A CB   2  
ATOM   327  C CG   . LEU A 1 8  ? -5.042 -0.072 0.120  1.00 0.00 ? 7  LEU A CG   2  
ATOM   328  C CD1  . LEU A 1 8  ? -5.727 -1.408 -0.148 1.00 0.00 ? 7  LEU A CD1  2  
ATOM   329  C CD2  . LEU A 1 8  ? -5.643 0.587  1.358  1.00 0.00 ? 7  LEU A CD2  2  
ATOM   330  H H    . LEU A 1 8  ? -0.947 -0.565 0.167  1.00 0.00 ? 7  LEU A H    2  
ATOM   331  H HA   . LEU A 1 8  ? -3.120 -1.098 -1.648 1.00 0.00 ? 7  LEU A HA   2  
ATOM   332  H HB2  . LEU A 1 8  ? -3.316 -1.115 0.870  1.00 0.00 ? 7  LEU A HB2  2  
ATOM   333  H HB3  . LEU A 1 8  ? -3.145 0.622  0.834  1.00 0.00 ? 7  LEU A HB3  2  
ATOM   334  H HG   . LEU A 1 8  ? -5.238 0.566  -0.733 1.00 0.00 ? 7  LEU A HG   2  
ATOM   335  H HD11 . LEU A 1 8  ? -6.711 -1.403 0.296  1.00 0.00 ? 7  LEU A HD11 2  
ATOM   336  H HD12 . LEU A 1 8  ? -5.132 -2.205 0.282  1.00 0.00 ? 7  LEU A HD12 2  
ATOM   337  H HD13 . LEU A 1 8  ? -5.811 -1.556 -1.214 1.00 0.00 ? 7  LEU A HD13 2  
ATOM   338  H HD21 . LEU A 1 8  ? -6.482 0.001  1.710  1.00 0.00 ? 7  LEU A HD21 2  
ATOM   339  H HD22 . LEU A 1 8  ? -5.979 1.583  1.116  1.00 0.00 ? 7  LEU A HD22 2  
ATOM   340  H HD23 . LEU A 1 8  ? -4.894 0.643  2.138  1.00 0.00 ? 7  LEU A HD23 2  
ATOM   341  N N    . LEU A 1 9  ? -1.807 1.938  -1.378 1.00 0.00 ? 8  LEU A N    2  
ATOM   342  C CA   . LEU A 1 9  ? -1.657 3.288  -1.961 1.00 0.00 ? 8  LEU A CA   2  
ATOM   343  C C    . LEU A 1 9  ? -0.907 3.268  -3.299 1.00 0.00 ? 8  LEU A C    2  
ATOM   344  O O    . LEU A 1 9  ? -1.232 4.058  -4.206 1.00 0.00 ? 8  LEU A O    2  
ATOM   345  C CB   . LEU A 1 9  ? -0.867 4.184  -0.957 1.00 0.00 ? 8  LEU A CB   2  
ATOM   346  C CG   . LEU A 1 9  ? -1.548 4.744  0.353  1.00 0.00 ? 8  LEU A CG   2  
ATOM   347  C CD1  . LEU A 1 9  ? -2.671 5.748  0.058  1.00 0.00 ? 8  LEU A CD1  2  
ATOM   348  C CD2  . LEU A 1 9  ? -2.070 3.658  1.319  1.00 0.00 ? 8  LEU A CD2  2  
ATOM   349  H H    . LEU A 1 9  ? -1.235 1.715  -0.624 1.00 0.00 ? 8  LEU A H    2  
ATOM   350  H HA   . LEU A 1 9  ? -2.638 3.711  -2.094 1.00 0.00 ? 8  LEU A HA   2  
ATOM   351  H HB2  . LEU A 1 9  ? -0.008 3.617  -0.639 1.00 0.00 ? 8  LEU A HB2  2  
ATOM   352  H HB3  . LEU A 1 9  ? -0.501 5.039  -1.517 1.00 0.00 ? 8  LEU A HB3  2  
ATOM   353  H HG   . LEU A 1 9  ? -0.783 5.286  0.886  1.00 0.00 ? 8  LEU A HG   2  
ATOM   354  H HD11 . LEU A 1 9  ? -2.773 5.851  -1.006 1.00 0.00 ? 8  LEU A HD11 2  
ATOM   355  H HD12 . LEU A 1 9  ? -2.427 6.705  0.497  1.00 0.00 ? 8  LEU A HD12 2  
ATOM   356  H HD13 . LEU A 1 9  ? -3.590 5.382  0.478  1.00 0.00 ? 8  LEU A HD13 2  
ATOM   357  H HD21 . LEU A 1 9  ? -1.272 3.327  1.961  1.00 0.00 ? 8  LEU A HD21 2  
ATOM   358  H HD22 . LEU A 1 9  ? -2.453 2.823  0.749  1.00 0.00 ? 8  LEU A HD22 2  
ATOM   359  H HD23 . LEU A 1 9  ? -2.860 4.081  1.917  1.00 0.00 ? 8  LEU A HD23 2  
ATOM   360  N N    . GLN A 1 10 ? 0.111  2.347  -3.380 1.00 0.00 ? 9  GLN A N    2  
ATOM   361  C CA   . GLN A 1 10 ? 0.974  2.152  -4.565 1.00 0.00 ? 9  GLN A CA   2  
ATOM   362  C C    . GLN A 1 10 ? 0.221  1.425  -5.684 1.00 0.00 ? 9  GLN A C    2  
ATOM   363  O O    . GLN A 1 10 ? 0.435  1.753  -6.875 1.00 0.00 ? 9  GLN A O    2  
ATOM   364  C CB   . GLN A 1 10 ? 2.235  1.373  -4.169 1.00 0.00 ? 9  GLN A CB   2  
ATOM   365  C CG   . GLN A 1 10 ? 3.103  2.086  -3.120 1.00 0.00 ? 9  GLN A CG   2  
ATOM   366  C CD   . GLN A 1 10 ? 3.865  3.267  -3.682 1.00 0.00 ? 9  GLN A CD   2  
ATOM   367  O OE1  . GLN A 1 10 ? 3.273  4.198  -4.228 1.00 0.00 ? 9  GLN A OE1  2  
ATOM   368  N NE2  . GLN A 1 10 ? 5.191  3.249  -3.549 1.00 0.00 ? 9  GLN A NE2  2  
ATOM   369  H H    . GLN A 1 10 ? 0.276  1.782  -2.601 1.00 0.00 ? 9  GLN A H    2  
ATOM   370  H HA   . GLN A 1 10 ? 1.274  3.132  -4.924 1.00 0.00 ? 9  GLN A HA   2  
ATOM   371  H HB2  . GLN A 1 10 ? 1.942  0.416  -3.779 1.00 0.00 ? 9  GLN A HB2  2  
ATOM   372  H HB3  . GLN A 1 10 ? 2.837  1.218  -5.054 1.00 0.00 ? 9  GLN A HB3  2  
ATOM   373  H HG2  . GLN A 1 10 ? 2.459  2.441  -2.333 1.00 0.00 ? 9  GLN A HG2  2  
ATOM   374  H HG3  . GLN A 1 10 ? 3.803  1.378  -2.711 1.00 0.00 ? 9  GLN A HG3  2  
ATOM   375  H HE21 . GLN A 1 10 ? 5.610  2.484  -3.094 1.00 0.00 ? 9  GLN A HE21 2  
ATOM   376  H HE22 . GLN A 1 10 ? 5.702  4.001  -3.918 1.00 0.00 ? 9  GLN A HE22 2  
ATOM   377  N N    . ASP A 1 11 ? -0.654 0.448  -5.263 1.00 0.00 ? 10 ASP A N    2  
ATOM   378  C CA   . ASP A 1 11 ? -1.477 -0.362 -6.170 1.00 0.00 ? 10 ASP A CA   2  
ATOM   379  C C    . ASP A 1 11 ? -2.575 0.490  -6.796 1.00 0.00 ? 10 ASP A C    2  
ATOM   380  O O    . ASP A 1 11 ? -2.784 0.429  -8.031 1.00 0.00 ? 10 ASP A O    2  
ATOM   381  C CB   . ASP A 1 11 ? -2.102 -1.530 -5.412 1.00 0.00 ? 10 ASP A CB   2  
ATOM   382  C CG   . ASP A 1 11 ? -2.747 -2.543 -6.338 1.00 0.00 ? 10 ASP A CG   2  
ATOM   383  O OD1  . ASP A 1 11 ? -2.052 -3.087 -7.223 1.00 0.00 ? 10 ASP A OD1  2  
ATOM   384  O OD2  . ASP A 1 11 ? -3.953 -2.795 -6.171 1.00 0.00 ? 10 ASP A OD2  2  
ATOM   385  H H    . ASP A 1 11 ? -0.740 0.282  -4.302 1.00 0.00 ? 10 ASP A H    2  
ATOM   386  H HA   . ASP A 1 11 ? -0.839 -0.750 -6.950 1.00 0.00 ? 10 ASP A HA   2  
ATOM   387  H HB2  . ASP A 1 11 ? -1.338 -2.026 -4.838 1.00 0.00 ? 10 ASP A HB2  2  
ATOM   388  H HB3  . ASP A 1 11 ? -2.856 -1.161 -4.743 1.00 0.00 ? 10 ASP A HB3  2  
ATOM   389  N N    . SER A 1 12 ? -3.276 1.268  -5.901 1.00 0.00 ? 11 SER A N    2  
ATOM   390  C CA   . SER A 1 12 ? -4.383 2.150  -6.269 1.00 0.00 ? 11 SER A CA   2  
ATOM   391  C C    . SER A 1 12 ? -3.935 3.218  -7.255 1.00 0.00 ? 11 SER A C    2  
ATOM   392  O O    . SER A 1 12 ? -4.754 3.740  -8.006 1.00 0.00 ? 11 SER A O    2  
ATOM   393  C CB   . SER A 1 12 ? -4.981 2.801  -5.027 1.00 0.00 ? 11 SER A CB   2  
ATOM   394  O OG   . SER A 1 12 ? -5.607 1.845  -4.194 1.00 0.00 ? 11 SER A OG   2  
ATOM   395  H H    . SER A 1 12 ? -3.024 1.228  -4.955 1.00 0.00 ? 11 SER A H    2  
ATOM   396  H HA   . SER A 1 12 ? -5.143 1.542  -6.741 1.00 0.00 ? 11 SER A HA   2  
ATOM   397  H HB2  . SER A 1 12 ? -4.197 3.282  -4.465 1.00 0.00 ? 11 SER A HB2  2  
ATOM   398  H HB3  . SER A 1 12 ? -5.707 3.537  -5.332 1.00 0.00 ? 11 SER A HB3  2  
ATOM   399  H HG   . SER A 1 12 ? -6.334 1.436  -4.666 1.00 0.00 ? 11 SER A HG   2  
HETATM 400  N N    . NH2 A 1 13 ? -2.697 3.691  -7.105 1.00 0.00 ? 12 NH2 A N    2  
HETATM 401  H HN1  . NH2 A 1 13 ? -2.147 3.331  -6.386 1.00 0.00 ? 12 NH2 A HN1  2  
HETATM 402  H HN2  . NH2 A 1 13 ? -2.394 4.390  -7.706 1.00 0.00 ? 12 NH2 A HN2  2  
HETATM 403  C C    . ACE A 1 1  ? 2.176  -2.612 8.764  1.00 0.00 ? 0  ACE A C    3  
HETATM 404  O O    . ACE A 1 1  ? 0.968  -2.473 8.478  1.00 0.00 ? 0  ACE A O    3  
HETATM 405  C CH3  . ACE A 1 1  ? 2.604  -3.808 9.594  1.00 0.00 ? 0  ACE A CH3  3  
HETATM 406  H H1   . ACE A 1 1  ? 3.469  -4.272 9.141  1.00 0.00 ? 0  ACE A H1   3  
HETATM 407  H H2   . ACE A 1 1  ? 1.797  -4.520 9.641  1.00 0.00 ? 0  ACE A H2   3  
HETATM 408  H H3   . ACE A 1 1  ? 2.854  -3.482 10.595 1.00 0.00 ? 0  ACE A H3   3  
ATOM   409  N N    . HIS A 1 2  ? 3.186  -1.745 8.396  1.00 0.00 ? 1  HIS A N    3  
ATOM   410  C CA   . HIS A 1 2  ? 2.981  -0.522 7.606  1.00 0.00 ? 1  HIS A CA   3  
ATOM   411  C C    . HIS A 1 2  ? 3.111  -0.813 6.119  1.00 0.00 ? 1  HIS A C    3  
ATOM   412  O O    . HIS A 1 2  ? 2.619  -0.026 5.297  1.00 0.00 ? 1  HIS A O    3  
ATOM   413  C CB   . HIS A 1 2  ? 3.988  0.560  8.021  1.00 0.00 ? 1  HIS A CB   3  
ATOM   414  C CG   . HIS A 1 2  ? 3.543  1.956  7.719  1.00 0.00 ? 1  HIS A CG   3  
ATOM   415  N ND1  . HIS A 1 2  ? 2.571  2.623  8.444  1.00 0.00 ? 1  HIS A ND1  3  
ATOM   416  C CD2  . HIS A 1 2  ? 3.941  2.812  6.754  1.00 0.00 ? 1  HIS A CD2  3  
ATOM   417  C CE1  . HIS A 1 2  ? 2.402  3.831  7.932  1.00 0.00 ? 1  HIS A CE1  3  
ATOM   418  N NE2  . HIS A 1 2  ? 3.219  3.967  6.908  1.00 0.00 ? 1  HIS A NE2  3  
ATOM   419  H H    . HIS A 1 2  ? 4.098  -1.951 8.687  1.00 0.00 ? 1  HIS A H    3  
ATOM   420  H HA   . HIS A 1 2  ? 1.987  -0.170 7.794  1.00 0.00 ? 1  HIS A HA   3  
ATOM   421  H HB2  . HIS A 1 2  ? 4.150  0.493  9.080  1.00 0.00 ? 1  HIS A HB2  3  
ATOM   422  H HB3  . HIS A 1 2  ? 4.921  0.392  7.505  1.00 0.00 ? 1  HIS A HB3  3  
ATOM   423  H HD1  . HIS A 1 2  ? 2.073  2.263  9.203  1.00 0.00 ? 1  HIS A HD1  3  
ATOM   424  H HD2  . HIS A 1 2  ? 4.689  2.620  6.004  1.00 0.00 ? 1  HIS A HD2  3  
ATOM   425  H HE1  . HIS A 1 2  ? 1.735  4.592  8.305  1.00 0.00 ? 1  HIS A HE1  3  
ATOM   426  H HE2  . HIS A 1 2  ? 3.288  4.763  6.343  1.00 0.00 ? 1  HIS A HE2  3  
HETATM 427  C C    . MK8 A 1 3  ? 2.649  -2.455 3.597  1.00 0.00 ? 2  MK8 A C    3  
HETATM 428  N N    . MK8 A 1 3  ? 3.795  -1.969 5.773  1.00 0.00 ? 2  MK8 A N    3  
HETATM 429  O O    . MK8 A 1 3  ? 2.444  -1.770 2.579  1.00 0.00 ? 2  MK8 A O    3  
HETATM 430  C CA   . MK8 A 1 3  ? 4.039  -2.437 4.373  1.00 0.00 ? 2  MK8 A CA   3  
HETATM 431  C CB   . MK8 A 1 3  ? 4.636  -3.898 4.501  1.00 0.00 ? 2  MK8 A CB   3  
HETATM 432  C CD   . MK8 A 1 3  ? 4.007  -6.078 3.329  1.00 0.00 ? 2  MK8 A CD   3  
HETATM 433  C CE   . MK8 A 1 3  ? 2.525  -6.159 2.853  1.00 0.00 ? 2  MK8 A CE   3  
HETATM 434  C CG   . MK8 A 1 3  ? 4.788  -4.782 3.227  1.00 0.00 ? 2  MK8 A CG   3  
HETATM 435  C CB1  . MK8 A 1 3  ? 5.131  -1.504 3.739  1.00 0.00 ? 2  MK8 A CB1  3  
HETATM 436  H H    . MK8 A 1 3  ? 4.155  -2.532 6.493  1.00 0.00 ? 2  MK8 A H    3  
HETATM 437  H HB   . MK8 A 1 3  ? 4.025  -4.444 5.212  1.00 0.00 ? 2  MK8 A HB   3  
HETATM 438  H HBA  . MK8 A 1 3  ? 5.621  -3.808 4.919  1.00 0.00 ? 2  MK8 A HBA  3  
HETATM 439  H HD   . MK8 A 1 3  ? 4.031  -6.366 4.367  1.00 0.00 ? 2  MK8 A HD   3  
HETATM 440  H HDA  . MK8 A 1 3  ? 4.540  -6.815 2.779  1.00 0.00 ? 2  MK8 A HDA  3  
HETATM 441  H HE   . MK8 A 1 3  ? 1.839  -6.601 3.555  1.00 0.00 ? 2  MK8 A HE   3  
HETATM 442  H HG   . MK8 A 1 3  ? 5.824  -5.012 3.101  1.00 0.00 ? 2  MK8 A HG   3  
HETATM 443  H HGA  . MK8 A 1 3  ? 4.446  -4.222 2.375  1.00 0.00 ? 2  MK8 A HGA  3  
HETATM 444  H HB1  . MK8 A 1 3  ? 4.655  -0.697 3.200  1.00 0.00 ? 2  MK8 A HB1  3  
HETATM 445  H HB1A . MK8 A 1 3  ? 5.748  -2.075 3.060  1.00 0.00 ? 2  MK8 A HB1A 3  
HETATM 446  H HB1B . MK8 A 1 3  ? 5.752  -1.102 4.528  1.00 0.00 ? 2  MK8 A HB1B 3  
ATOM   447  N N    . ILE A 1 4  ? 1.711  -3.300 4.156  1.00 0.00 ? 3  ILE A N    3  
ATOM   448  C CA   . ILE A 1 4  ? 0.332  -3.535 3.625  1.00 0.00 ? 3  ILE A CA   3  
ATOM   449  C C    . ILE A 1 4  ? -0.386 -2.231 3.312  1.00 0.00 ? 3  ILE A C    3  
ATOM   450  O O    . ILE A 1 4  ? -1.159 -2.163 2.336  1.00 0.00 ? 3  ILE A O    3  
ATOM   451  C CB   . ILE A 1 4  ? -0.635 -4.400 4.540  1.00 0.00 ? 3  ILE A CB   3  
ATOM   452  C CG1  . ILE A 1 4  ? -0.064 -4.927 5.921  1.00 0.00 ? 3  ILE A CG1  3  
ATOM   453  C CG2  . ILE A 1 4  ? -1.245 -5.538 3.710  1.00 0.00 ? 3  ILE A CG2  3  
ATOM   454  C CD1  . ILE A 1 4  ? 1.231  -5.765 5.942  1.00 0.00 ? 3  ILE A CD1  3  
ATOM   455  H H    . ILE A 1 4  ? 1.981  -3.791 4.955  1.00 0.00 ? 3  ILE A H    3  
ATOM   456  H HA   . ILE A 1 4  ? 0.452  -4.068 2.702  1.00 0.00 ? 3  ILE A HA   3  
ATOM   457  H HB   . ILE A 1 4  ? -1.464 -3.733 4.773  1.00 0.00 ? 3  ILE A HB   3  
ATOM   458  H HG12 . ILE A 1 4  ? 0.119  -4.075 6.553  1.00 0.00 ? 3  ILE A HG12 3  
ATOM   459  H HG13 . ILE A 1 4  ? -0.835 -5.523 6.372  1.00 0.00 ? 3  ILE A HG13 3  
ATOM   460  H HG21 . ILE A 1 4  ? -2.182 -5.215 3.281  1.00 0.00 ? 3  ILE A HG21 3  
ATOM   461  H HG22 . ILE A 1 4  ? -1.416 -6.396 4.345  1.00 0.00 ? 3  ILE A HG22 3  
ATOM   462  H HG23 . ILE A 1 4  ? -0.566 -5.810 2.916  1.00 0.00 ? 3  ILE A HG23 3  
ATOM   463  H HD11 . ILE A 1 4  ? 1.643  -5.753 6.942  1.00 0.00 ? 3  ILE A HD11 3  
ATOM   464  H HD12 . ILE A 1 4  ? 1.945  -5.337 5.252  1.00 0.00 ? 3  ILE A HD12 3  
ATOM   465  H HD13 . ILE A 1 4  ? 1.008  -6.781 5.648  1.00 0.00 ? 3  ILE A HD13 3  
ATOM   466  N N    . LEU A 1 5  ? -0.097 -1.196 4.169  1.00 0.00 ? 4  LEU A N    3  
ATOM   467  C CA   . LEU A 1 5  ? -0.665 0.156  4.064  1.00 0.00 ? 4  LEU A CA   3  
ATOM   468  C C    . LEU A 1 5  ? -0.261 0.772  2.725  1.00 0.00 ? 4  LEU A C    3  
ATOM   469  O O    . LEU A 1 5  ? -1.138 1.178  1.945  1.00 0.00 ? 4  LEU A O    3  
ATOM   470  C CB   . LEU A 1 5  ? -0.163 1.018  5.239  1.00 0.00 ? 4  LEU A CB   3  
ATOM   471  C CG   . LEU A 1 5  ? -0.813 2.402  5.428  1.00 0.00 ? 4  LEU A CG   3  
ATOM   472  C CD1  . LEU A 1 5  ? -0.672 2.841  6.882  1.00 0.00 ? 4  LEU A CD1  3  
ATOM   473  C CD2  . LEU A 1 5  ? -0.157 3.442  4.520  1.00 0.00 ? 4  LEU A CD2  3  
ATOM   474  H H    . LEU A 1 5  ? 0.533  -1.374 4.901  1.00 0.00 ? 4  LEU A H    3  
ATOM   475  H HA   . LEU A 1 5  ? -1.742 0.073  4.117  1.00 0.00 ? 4  LEU A HA   3  
ATOM   476  H HB2  . LEU A 1 5  ? -0.315 0.455  6.142  1.00 0.00 ? 4  LEU A HB2  3  
ATOM   477  H HB3  . LEU A 1 5  ? 0.906  1.170  5.111  1.00 0.00 ? 4  LEU A HB3  3  
ATOM   478  H HG   . LEU A 1 5  ? -1.864 2.345  5.187  1.00 0.00 ? 4  LEU A HG   3  
ATOM   479  H HD11 . LEU A 1 5  ? -0.824 3.905  6.955  1.00 0.00 ? 4  LEU A HD11 3  
ATOM   480  H HD12 . LEU A 1 5  ? 0.319  2.592  7.234  1.00 0.00 ? 4  LEU A HD12 3  
ATOM   481  H HD13 . LEU A 1 5  ? -1.407 2.329  7.490  1.00 0.00 ? 4  LEU A HD13 3  
ATOM   482  H HD21 . LEU A 1 5  ? 0.891  3.509  4.761  1.00 0.00 ? 4  LEU A HD21 3  
ATOM   483  H HD22 . LEU A 1 5  ? -0.624 4.399  4.673  1.00 0.00 ? 4  LEU A HD22 3  
ATOM   484  H HD23 . LEU A 1 5  ? -0.275 3.145  3.487  1.00 0.00 ? 4  LEU A HD23 3  
ATOM   485  N N    . HIS A 1 6  ? 1.100  0.819  2.499  1.00 0.00 ? 5  HIS A N    3  
ATOM   486  C CA   . HIS A 1 6  ? 1.726  1.363  1.299  1.00 0.00 ? 5  HIS A CA   3  
ATOM   487  C C    . HIS A 1 6  ? 1.336  0.600  0.030  1.00 0.00 ? 5  HIS A C    3  
ATOM   488  O O    . HIS A 1 6  ? 0.897  1.226  -0.945 1.00 0.00 ? 5  HIS A O    3  
ATOM   489  C CB   . HIS A 1 6  ? 3.240  1.360  1.467  1.00 0.00 ? 5  HIS A CB   3  
ATOM   490  C CG   . HIS A 1 6  ? 3.795  2.692  1.825  1.00 0.00 ? 5  HIS A CG   3  
ATOM   491  N ND1  . HIS A 1 6  ? 3.873  3.742  0.936  1.00 0.00 ? 5  HIS A ND1  3  
ATOM   492  C CD2  . HIS A 1 6  ? 4.297  3.151  2.998  1.00 0.00 ? 5  HIS A CD2  3  
ATOM   493  C CE1  . HIS A 1 6  ? 4.391  4.787  1.540  1.00 0.00 ? 5  HIS A CE1  3  
ATOM   494  N NE2  . HIS A 1 6  ? 4.662  4.452  2.795  1.00 0.00 ? 5  HIS A NE2  3  
ATOM   495  H H    . HIS A 1 6  ? 1.694  0.461  3.193  1.00 0.00 ? 5  HIS A H    3  
ATOM   496  H HA   . HIS A 1 6  ? 1.392  2.392  1.206  1.00 0.00 ? 5  HIS A HA   3  
ATOM   497  H HB2  . HIS A 1 6  ? 3.506  0.672  2.253  1.00 0.00 ? 5  HIS A HB2  3  
ATOM   498  H HB3  . HIS A 1 6  ? 3.698  1.043  0.543  1.00 0.00 ? 5  HIS A HB3  3  
ATOM   499  H HD1  . HIS A 1 6  ? 3.605  3.714  -0.008 1.00 0.00 ? 5  HIS A HD1  3  
ATOM   500  H HD2  . HIS A 1 6  ? 4.378  2.597  3.921  1.00 0.00 ? 5  HIS A HD2  3  
ATOM   501  H HE1  . HIS A 1 6  ? 4.524  5.761  1.106  1.00 0.00 ? 5  HIS A HE1  3  
ATOM   502  H HE2  . HIS A 1 6  ? 5.056  5.047  3.471  1.00 0.00 ? 5  HIS A HE2  3  
HETATM 503  C C    . MK8 A 1 7  ? -0.257 -1.480 -1.564 1.00 0.00 ? 6  MK8 A C    3  
HETATM 504  N N    . MK8 A 1 7  ? 1.527  -0.774 0.046  1.00 0.00 ? 6  MK8 A N    3  
HETATM 505  O O    . MK8 A 1 7  ? -0.649 -1.937 -2.667 1.00 0.00 ? 6  MK8 A O    3  
HETATM 506  C CA   . MK8 A 1 7  ? 1.229  -1.694 -1.106 1.00 0.00 ? 6  MK8 A CA   3  
HETATM 507  C CB   . MK8 A 1 7  ? 1.374  -3.198 -0.680 1.00 0.00 ? 6  MK8 A CB   3  
HETATM 508  C CD   . MK8 A 1 7  ? 2.710  -5.078 0.439  1.00 0.00 ? 6  MK8 A CD   3  
HETATM 509  C CE   . MK8 A 1 7  ? 1.978  -5.747 1.644  1.00 0.00 ? 6  MK8 A CE   3  
HETATM 510  C CG   . MK8 A 1 7  ? 2.583  -3.578 0.223  1.00 0.00 ? 6  MK8 A CG   3  
HETATM 511  C CB1  . MK8 A 1 7  ? 2.221  -1.411 -2.289 1.00 0.00 ? 6  MK8 A CB1  3  
HETATM 512  H H    . MK8 A 1 7  ? 1.891  -1.173 0.852  1.00 0.00 ? 6  MK8 A H    3  
HETATM 513  H HB   . MK8 A 1 7  ? 1.443  -3.792 -1.581 1.00 0.00 ? 6  MK8 A HB   3  
HETATM 514  H HBA  . MK8 A 1 7  ? 0.474  -3.480 -0.159 1.00 0.00 ? 6  MK8 A HBA  3  
HETATM 515  H HD   . MK8 A 1 7  ? 3.766  -5.302 0.521  1.00 0.00 ? 6  MK8 A HD   3  
HETATM 516  H HDA  . MK8 A 1 7  ? 2.341  -5.554 -0.446 1.00 0.00 ? 6  MK8 A HDA  3  
HETATM 517  H HE   . MK8 A 1 7  ? 0.916  -5.911 1.526  1.00 0.00 ? 6  MK8 A HE   3  
HETATM 518  H HG   . MK8 A 1 7  ? 2.466  -3.098 1.183  1.00 0.00 ? 6  MK8 A HG   3  
HETATM 519  H HGA  . MK8 A 1 7  ? 3.485  -3.226 -0.250 1.00 0.00 ? 6  MK8 A HGA  3  
HETATM 520  H HB1  . MK8 A 1 7  ? 3.108  -2.020 -2.159 1.00 0.00 ? 6  MK8 A HB1  3  
HETATM 521  H HB1A . MK8 A 1 7  ? 2.503  -0.365 -2.290 1.00 0.00 ? 6  MK8 A HB1A 3  
HETATM 522  H HB1B . MK8 A 1 7  ? 1.749  -1.656 -3.221 1.00 0.00 ? 6  MK8 A HB1B 3  
ATOM   523  N N    . LEU A 1 8  ? -1.065 -0.789 -0.673 1.00 0.00 ? 7  LEU A N    3  
ATOM   524  C CA   . LEU A 1 8  ? -2.493 -0.482 -0.903 1.00 0.00 ? 7  LEU A CA   3  
ATOM   525  C C    . LEU A 1 8  ? -2.660 0.840  -1.681 1.00 0.00 ? 7  LEU A C    3  
ATOM   526  O O    . LEU A 1 8  ? -3.523 0.919  -2.575 1.00 0.00 ? 7  LEU A O    3  
ATOM   527  C CB   . LEU A 1 8  ? -3.246 -0.407 0.449  1.00 0.00 ? 7  LEU A CB   3  
ATOM   528  C CG   . LEU A 1 8  ? -4.787 -0.414 0.380  1.00 0.00 ? 7  LEU A CG   3  
ATOM   529  C CD1  . LEU A 1 8  ? -5.337 -1.836 0.268  1.00 0.00 ? 7  LEU A CD1  3  
ATOM   530  C CD2  . LEU A 1 8  ? -5.371 0.293  1.599  1.00 0.00 ? 7  LEU A CD2  3  
ATOM   531  H H    . LEU A 1 8  ? -0.660 -0.489 0.169  1.00 0.00 ? 7  LEU A H    3  
ATOM   532  H HA   . LEU A 1 8  ? -2.910 -1.292 -1.488 1.00 0.00 ? 7  LEU A HA   3  
ATOM   533  H HB2  . LEU A 1 8  ? -2.938 -1.248 1.049  1.00 0.00 ? 7  LEU A HB2  3  
ATOM   534  H HB3  . LEU A 1 8  ? -2.942 0.497  0.963  1.00 0.00 ? 7  LEU A HB3  3  
ATOM   535  H HG   . LEU A 1 8  ? -5.093 0.133  -0.495 1.00 0.00 ? 7  LEU A HG   3  
ATOM   536  H HD11 . LEU A 1 8  ? -5.517 -2.078 -0.774 1.00 0.00 ? 7  LEU A HD11 3  
ATOM   537  H HD12 . LEU A 1 8  ? -6.257 -1.906 0.819  1.00 0.00 ? 7  LEU A HD12 3  
ATOM   538  H HD13 . LEU A 1 8  ? -4.617 -2.526 0.679  1.00 0.00 ? 7  LEU A HD13 3  
ATOM   539  H HD21 . LEU A 1 8  ? -4.573 0.749  2.167  1.00 0.00 ? 7  LEU A HD21 3  
ATOM   540  H HD22 . LEU A 1 8  ? -5.884 -0.427 2.217  1.00 0.00 ? 7  LEU A HD22 3  
ATOM   541  H HD23 . LEU A 1 8  ? -6.071 1.054  1.280  1.00 0.00 ? 7  LEU A HD23 3  
ATOM   542  N N    . LEU A 1 9  ? -1.828 1.865  -1.302 1.00 0.00 ? 8  LEU A N    3  
ATOM   543  C CA   . LEU A 1 9  ? -1.830 3.223  -1.895 1.00 0.00 ? 8  LEU A CA   3  
ATOM   544  C C    . LEU A 1 9  ? -1.140 3.263  -3.259 1.00 0.00 ? 8  LEU A C    3  
ATOM   545  O O    . LEU A 1 9  ? -1.581 4.005  -4.156 1.00 0.00 ? 8  LEU A O    3  
ATOM   546  C CB   . LEU A 1 9  ? -1.102 4.194  -0.920 1.00 0.00 ? 8  LEU A CB   3  
ATOM   547  C CG   . LEU A 1 9  ? -1.847 4.806  0.334  1.00 0.00 ? 8  LEU A CG   3  
ATOM   548  C CD1  . LEU A 1 9  ? -2.925 5.800  -0.056 1.00 0.00 ? 8  LEU A CD1  3  
ATOM   549  C CD2  . LEU A 1 9  ? -2.421 3.781  1.338  1.00 0.00 ? 8  LEU A CD2  3  
ATOM   550  H H    . LEU A 1 9  ? -1.196 1.694  -0.565 1.00 0.00 ? 8  LEU A H    3  
ATOM   551  H HA   . LEU A 1 9  ? -2.854 3.540  -2.006 1.00 0.00 ? 8  LEU A HA   3  
ATOM   552  H HB2  . LEU A 1 9  ? -0.231 3.677  -0.549 1.00 0.00 ? 8  LEU A HB2  3  
ATOM   553  H HB3  . LEU A 1 9  ? -0.748 5.027  -1.515 1.00 0.00 ? 8  LEU A HB3  3  
ATOM   554  H HG   . LEU A 1 9  ? -1.111 5.369  0.874  1.00 0.00 ? 8  LEU A HG   3  
ATOM   555  H HD11 . LEU A 1 9  ? -3.289 5.561  -1.042 1.00 0.00 ? 8  LEU A HD11 3  
ATOM   556  H HD12 . LEU A 1 9  ? -2.503 6.790  -0.061 1.00 0.00 ? 8  LEU A HD12 3  
ATOM   557  H HD13 . LEU A 1 9  ? -3.740 5.757  0.654  1.00 0.00 ? 8  LEU A HD13 3  
ATOM   558  H HD21 . LEU A 1 9  ? -2.992 3.039  0.801  1.00 0.00 ? 8  LEU A HD21 3  
ATOM   559  H HD22 . LEU A 1 9  ? -3.065 4.279  2.052  1.00 0.00 ? 8  LEU A HD22 3  
ATOM   560  H HD23 . LEU A 1 9  ? -1.608 3.308  1.861  1.00 0.00 ? 8  LEU A HD23 3  
ATOM   561  N N    . GLN A 1 10 ? -0.036 2.464  -3.375 1.00 0.00 ? 9  GLN A N    3  
ATOM   562  C CA   . GLN A 1 10 ? 0.811  2.357  -4.594 1.00 0.00 ? 9  GLN A CA   3  
ATOM   563  C C    . GLN A 1 10 ? 0.111  1.542  -5.693 1.00 0.00 ? 9  GLN A C    3  
ATOM   564  O O    . GLN A 1 10 ? 0.276  1.853  -6.896 1.00 0.00 ? 9  GLN A O    3  
ATOM   565  C CB   . GLN A 1 10 ? 2.168  1.718  -4.246 1.00 0.00 ? 9  GLN A CB   3  
ATOM   566  C CG   . GLN A 1 10 ? 2.964  2.467  -3.183 1.00 0.00 ? 9  GLN A CG   3  
ATOM   567  C CD   . GLN A 1 10 ? 4.303  1.818  -2.882 1.00 0.00 ? 9  GLN A CD   3  
ATOM   568  O OE1  . GLN A 1 10 ? 4.368  0.644  -2.503 1.00 0.00 ? 9  GLN A OE1  3  
ATOM   569  N NE2  . GLN A 1 10 ? 5.382  2.591  -3.043 1.00 0.00 ? 9  GLN A NE2  3  
ATOM   570  H H    . GLN A 1 10 ? 0.215  1.940  -2.592 1.00 0.00 ? 9  GLN A H    3  
ATOM   571  H HA   . GLN A 1 10 ? 0.978  3.358  -4.971 1.00 0.00 ? 9  GLN A HA   3  
ATOM   572  H HB2  . GLN A 1 10 ? 1.993  0.713  -3.885 1.00 0.00 ? 9  GLN A HB2  3  
ATOM   573  H HB3  . GLN A 1 10 ? 2.766  1.669  -5.138 1.00 0.00 ? 9  GLN A HB3  3  
ATOM   574  H HG2  . GLN A 1 10 ? 3.145  3.475  -3.527 1.00 0.00 ? 9  GLN A HG2  3  
ATOM   575  H HG3  . GLN A 1 10 ? 2.381  2.502  -2.272 1.00 0.00 ? 9  GLN A HG3  3  
ATOM   576  H HE21 . GLN A 1 10 ? 5.245  3.517  -3.334 1.00 0.00 ? 9  GLN A HE21 3  
ATOM   577  H HE22 . GLN A 1 10 ? 6.265  2.201  -2.871 1.00 0.00 ? 9  GLN A HE22 3  
ATOM   578  N N    . ASP A 1 11 ? -0.673 0.507  -5.238 1.00 0.00 ? 10 ASP A N    3  
ATOM   579  C CA   . ASP A 1 11 ? -1.446 -0.397 -6.116 1.00 0.00 ? 10 ASP A CA   3  
ATOM   580  C C    . ASP A 1 11 ? -2.598 0.360  -6.753 1.00 0.00 ? 10 ASP A C    3  
ATOM   581  O O    . ASP A 1 11 ? -2.826 0.215  -7.965 1.00 0.00 ? 10 ASP A O    3  
ATOM   582  C CB   . ASP A 1 11 ? -1.972 -1.590 -5.318 1.00 0.00 ? 10 ASP A CB   3  
ATOM   583  C CG   . ASP A 1 11 ? -2.614 -2.658 -6.189 1.00 0.00 ? 10 ASP A CG   3  
ATOM   584  O OD1  . ASP A 1 11 ? -3.620 -2.342 -6.843 1.00 0.00 ? 10 ASP A OD1  3  
ATOM   585  O OD2  . ASP A 1 11 ? -2.115 -3.804 -6.215 1.00 0.00 ? 10 ASP A OD2  3  
ATOM   586  H H    . ASP A 1 11 ? -0.727 0.360  -4.268 1.00 0.00 ? 10 ASP A H    3  
ATOM   587  H HA   . ASP A 1 11 ? -0.789 -0.752 -6.892 1.00 0.00 ? 10 ASP A HA   3  
ATOM   588  H HB2  . ASP A 1 11 ? -1.152 -2.039 -4.781 1.00 0.00 ? 10 ASP A HB2  3  
ATOM   589  H HB3  . ASP A 1 11 ? -2.708 -1.234 -4.612 1.00 0.00 ? 10 ASP A HB3  3  
ATOM   590  N N    . SER A 1 12 ? -3.307 1.172  -5.895 1.00 0.00 ? 11 SER A N    3  
ATOM   591  C CA   . SER A 1 12 ? -4.451 1.997  -6.292 1.00 0.00 ? 11 SER A CA   3  
ATOM   592  C C    . SER A 1 12 ? -4.034 3.015  -7.332 1.00 0.00 ? 11 SER A C    3  
ATOM   593  O O    . SER A 1 12 ? -4.643 3.126  -8.399 1.00 0.00 ? 11 SER A O    3  
ATOM   594  C CB   . SER A 1 12 ? -5.042 2.713  -5.079 1.00 0.00 ? 11 SER A CB   3  
ATOM   595  O OG   . SER A 1 12 ? -4.088 3.536  -4.450 1.00 0.00 ? 11 SER A OG   3  
ATOM   596  H H    . SER A 1 12 ? -3.025 1.203  -4.964 1.00 0.00 ? 11 SER A H    3  
ATOM   597  H HA   . SER A 1 12 ? -5.199 1.347  -6.715 1.00 0.00 ? 11 SER A HA   3  
ATOM   598  H HB2  . SER A 1 12 ? -5.860 3.324  -5.402 1.00 0.00 ? 11 SER A HB2  3  
ATOM   599  H HB3  . SER A 1 12 ? -5.396 1.996  -4.379 1.00 0.00 ? 11 SER A HB3  3  
ATOM   600  H HG   . SER A 1 12 ? -4.381 3.746  -3.557 1.00 0.00 ? 11 SER A HG   3  
HETATM 601  N N    . NH2 A 1 13 ? -2.981 3.755  -7.016 1.00 0.00 ? 12 NH2 A N    3  
HETATM 602  H HN1  . NH2 A 1 13 ? -2.552 3.610  -6.166 1.00 0.00 ? 12 NH2 A HN1  3  
HETATM 603  H HN2  . NH2 A 1 13 ? -2.689 4.421  -7.632 1.00 0.00 ? 12 NH2 A HN2  3  
HETATM 604  C C    . ACE A 1 1  ? 2.562  -2.852 9.229  1.00 0.00 ? 0  ACE A C    4  
HETATM 605  O O    . ACE A 1 1  ? 1.325  -2.993 9.283  1.00 0.00 ? 0  ACE A O    4  
HETATM 606  C CH3  . ACE A 1 1  ? 3.442  -3.803 10.006 1.00 0.00 ? 0  ACE A CH3  4  
HETATM 607  H H1   . ACE A 1 1  ? 2.987  -4.778 10.024 1.00 0.00 ? 0  ACE A H1   4  
HETATM 608  H H2   . ACE A 1 1  ? 3.558  -3.439 11.018 1.00 0.00 ? 0  ACE A H2   4  
HETATM 609  H H3   . ACE A 1 1  ? 4.408  -3.862 9.527  1.00 0.00 ? 0  ACE A H3   4  
ATOM   610  N N    . HIS A 1 2  ? 3.222  -1.872 8.519  1.00 0.00 ? 1  HIS A N    4  
ATOM   611  C CA   . HIS A 1 2  ? 2.550  -0.842 7.702  1.00 0.00 ? 1  HIS A CA   4  
ATOM   612  C C    . HIS A 1 2  ? 2.769  -1.061 6.196  1.00 0.00 ? 1  HIS A C    4  
ATOM   613  O O    . HIS A 1 2  ? 2.192  -0.328 5.390  1.00 0.00 ? 1  HIS A O    4  
ATOM   614  C CB   . HIS A 1 2  ? 2.994  0.576  8.138  1.00 0.00 ? 1  HIS A CB   4  
ATOM   615  C CG   . HIS A 1 2  ? 4.476  0.853  8.103  1.00 0.00 ? 1  HIS A CG   4  
ATOM   616  N ND1  . HIS A 1 2  ? 5.376  0.295  8.986  1.00 0.00 ? 1  HIS A ND1  4  
ATOM   617  C CD2  . HIS A 1 2  ? 5.197  1.633  7.274  1.00 0.00 ? 1  HIS A CD2  4  
ATOM   618  C CE1  . HIS A 1 2  ? 6.589  0.727  8.701  1.00 0.00 ? 1  HIS A CE1  4  
ATOM   619  N NE2  . HIS A 1 2  ? 6.510  1.540  7.665  1.00 0.00 ? 1  HIS A NE2  4  
ATOM   620  H H    . HIS A 1 2  ? 4.195  -1.851 8.563  1.00 0.00 ? 1  HIS A H    4  
ATOM   621  H HA   . HIS A 1 2  ? 1.495  -0.929 7.891  1.00 0.00 ? 1  HIS A HA   4  
ATOM   622  H HB2  . HIS A 1 2  ? 2.521  1.292  7.493  1.00 0.00 ? 1  HIS A HB2  4  
ATOM   623  H HB3  . HIS A 1 2  ? 2.659  0.738  9.149  1.00 0.00 ? 1  HIS A HB3  4  
ATOM   624  H HD1  . HIS A 1 2  ? 5.159  -0.329 9.712  1.00 0.00 ? 1  HIS A HD1  4  
ATOM   625  H HD2  . HIS A 1 2  ? 4.810  2.215  6.449  1.00 0.00 ? 1  HIS A HD2  4  
ATOM   626  H HE1  . HIS A 1 2  ? 7.492  0.445  9.214  1.00 0.00 ? 1  HIS A HE1  4  
ATOM   627  H HE2  . HIS A 1 2  ? 7.273  1.971  7.221  1.00 0.00 ? 1  HIS A HE2  4  
HETATM 628  C C    . MK8 A 1 3  ? 2.667  -2.510 3.517  1.00 0.00 ? 2  MK8 A C    4  
HETATM 629  N N    . MK8 A 1 3  ? 3.645  -2.082 5.824  1.00 0.00 ? 2  MK8 A N    4  
HETATM 630  O O    . MK8 A 1 3  ? 2.624  -2.173 2.309  1.00 0.00 ? 2  MK8 A O    4  
HETATM 631  C CA   . MK8 A 1 3  ? 4.002  -2.424 4.396  1.00 0.00 ? 2  MK8 A CA   4  
HETATM 632  C CB   . MK8 A 1 3  ? 4.861  -3.758 4.375  1.00 0.00 ? 2  MK8 A CB   4  
HETATM 633  C CD   . MK8 A 1 3  ? 3.631  -5.536 3.083  1.00 0.00 ? 2  MK8 A CD   4  
HETATM 634  C CE   . MK8 A 1 3  ? 2.197  -6.136 2.953  1.00 0.00 ? 2  MK8 A CE   4  
HETATM 635  C CG   . MK8 A 1 3  ? 4.167  -5.142 4.458  1.00 0.00 ? 2  MK8 A CG   4  
HETATM 636  C CB1  . MK8 A 1 3  ? 4.961  -1.328 3.871  1.00 0.00 ? 2  MK8 A CB1  4  
HETATM 637  H H    . MK8 A 1 3  ? 4.069  -2.598 6.540  1.00 0.00 ? 2  MK8 A H    4  
HETATM 638  H HB   . MK8 A 1 3  ? 5.574  -3.703 5.191  1.00 0.00 ? 2  MK8 A HB   4  
HETATM 639  H HBA  . MK8 A 1 3  ? 5.416  -3.758 3.458  1.00 0.00 ? 2  MK8 A HBA  4  
HETATM 640  H HD   . MK8 A 1 3  ? 4.325  -6.247 2.657  1.00 0.00 ? 2  MK8 A HD   4  
HETATM 641  H HDA  . MK8 A 1 3  ? 3.650  -4.648 2.481  1.00 0.00 ? 2  MK8 A HDA  4  
HETATM 642  H HE   . MK8 A 1 3  ? 1.861  -6.727 3.782  1.00 0.00 ? 2  MK8 A HE   4  
HETATM 643  H HG   . MK8 A 1 3  ? 3.356  -5.088 5.154  1.00 0.00 ? 2  MK8 A HG   4  
HETATM 644  H HGA  . MK8 A 1 3  ? 4.884  -5.875 4.782  1.00 0.00 ? 2  MK8 A HGA  4  
HETATM 645  H HB1  . MK8 A 1 3  ? 4.551  -0.350 4.094  1.00 0.00 ? 2  MK8 A HB1  4  
HETATM 646  H HB1A . MK8 A 1 3  ? 5.084  -1.434 2.804  1.00 0.00 ? 2  MK8 A HB1A 4  
HETATM 647  H HB1B . MK8 A 1 3  ? 5.925  -1.436 4.345  1.00 0.00 ? 2  MK8 A HB1B 4  
ATOM   648  N N    . ILE A 1 4  ? 1.607  -3.036 4.216  1.00 0.00 ? 3  ILE A N    4  
ATOM   649  C CA   . ILE A 1 4  ? 0.249  -3.276 3.656  1.00 0.00 ? 3  ILE A CA   4  
ATOM   650  C C    . ILE A 1 4  ? -0.362 -1.940 3.242  1.00 0.00 ? 3  ILE A C    4  
ATOM   651  O O    . ILE A 1 4  ? -0.934 -1.827 2.145  1.00 0.00 ? 3  ILE A O    4  
ATOM   652  C CB   . ILE A 1 4  ? -0.766 -3.979 4.659  1.00 0.00 ? 3  ILE A CB   4  
ATOM   653  C CG1  . ILE A 1 4  ? -0.129 -5.030 5.609  1.00 0.00 ? 3  ILE A CG1  4  
ATOM   654  C CG2  . ILE A 1 4  ? -1.889 -4.670 3.881  1.00 0.00 ? 3  ILE A CG2  4  
ATOM   655  C CD1  . ILE A 1 4  ? 0.616  -4.436 6.785  1.00 0.00 ? 3  ILE A CD1  4  
ATOM   656  H H    . ILE A 1 4  ? 1.767  -3.293 5.141  1.00 0.00 ? 3  ILE A H    4  
ATOM   657  H HA   . ILE A 1 4  ? 0.349  -3.896 2.773  1.00 0.00 ? 3  ILE A HA   4  
ATOM   658  H HB   . ILE A 1 4  ? -1.216 -3.202 5.254  1.00 0.00 ? 3  ILE A HB   4  
ATOM   659  H HG12 . ILE A 1 4  ? -0.911 -5.650 6.009  1.00 0.00 ? 3  ILE A HG12 4  
ATOM   660  H HG13 . ILE A 1 4  ? 0.553  -5.637 5.053  1.00 0.00 ? 3  ILE A HG13 4  
ATOM   661  H HG21 . ILE A 1 4  ? -2.347 -3.949 3.222  1.00 0.00 ? 3  ILE A HG21 4  
ATOM   662  H HG22 . ILE A 1 4  ? -2.628 -5.050 4.572  1.00 0.00 ? 3  ILE A HG22 4  
ATOM   663  H HG23 . ILE A 1 4  ? -1.480 -5.485 3.297  1.00 0.00 ? 3  ILE A HG23 4  
ATOM   664  H HD11 . ILE A 1 4  ? -0.018 -4.461 7.659  1.00 0.00 ? 3  ILE A HD11 4  
ATOM   665  H HD12 . ILE A 1 4  ? 0.880  -3.411 6.558  1.00 0.00 ? 3  ILE A HD12 4  
ATOM   666  H HD13 . ILE A 1 4  ? 1.508  -5.005 6.970  1.00 0.00 ? 3  ILE A HD13 4  
ATOM   667  N N    . LEU A 1 5  ? -0.229 -0.942 4.180  1.00 0.00 ? 4  LEU A N    4  
ATOM   668  C CA   . LEU A 1 5  ? -0.742 0.438  4.022  1.00 0.00 ? 4  LEU A CA   4  
ATOM   669  C C    . LEU A 1 5  ? -0.240 1.051  2.707  1.00 0.00 ? 4  LEU A C    4  
ATOM   670  O O    . LEU A 1 5  ? -1.027 1.684  1.984  1.00 0.00 ? 4  LEU A O    4  
ATOM   671  C CB   . LEU A 1 5  ? -0.294 1.264  5.262  1.00 0.00 ? 4  LEU A CB   4  
ATOM   672  C CG   . LEU A 1 5  ? -0.762 2.734  5.386  1.00 0.00 ? 4  LEU A CG   4  
ATOM   673  C CD1  . LEU A 1 5  ? -0.700 3.175  6.839  1.00 0.00 ? 4  LEU A CD1  4  
ATOM   674  C CD2  . LEU A 1 5  ? 0.120  3.647  4.546  1.00 0.00 ? 4  LEU A CD2  4  
ATOM   675  H H    . LEU A 1 5  ? 0.233  -1.163 5.015  1.00 0.00 ? 4  LEU A H    4  
ATOM   676  H HA   . LEU A 1 5  ? -1.825 0.391  3.999  1.00 0.00 ? 4  LEU A HA   4  
ATOM   677  H HB2  . LEU A 1 5  ? -0.630 0.738  6.143  1.00 0.00 ? 4  LEU A HB2  4  
ATOM   678  H HB3  . LEU A 1 5  ? 0.791  1.263  5.276  1.00 0.00 ? 4  LEU A HB3  4  
ATOM   679  H HG   . LEU A 1 5  ? -1.779 2.829  5.049  1.00 0.00 ? 4  LEU A HG   4  
ATOM   680  H HD11 . LEU A 1 5  ? -1.640 2.959  7.321  1.00 0.00 ? 4  LEU A HD11 4  
ATOM   681  H HD12 . LEU A 1 5  ? -0.508 4.237  6.881  1.00 0.00 ? 4  LEU A HD12 4  
ATOM   682  H HD13 . LEU A 1 5  ? 0.095  2.643  7.342  1.00 0.00 ? 4  LEU A HD13 4  
ATOM   683  H HD21 . LEU A 1 5  ? 0.732  4.259  5.191  1.00 0.00 ? 4  LEU A HD21 4  
ATOM   684  H HD22 . LEU A 1 5  ? -0.497 4.279  3.924  1.00 0.00 ? 4  LEU A HD22 4  
ATOM   685  H HD23 . LEU A 1 5  ? 0.755  3.046  3.920  1.00 0.00 ? 4  LEU A HD23 4  
ATOM   686  N N    . HIS A 1 6  ? 1.088  0.829  2.440  1.00 0.00 ? 5  HIS A N    4  
ATOM   687  C CA   . HIS A 1 6  ? 1.794  1.320  1.244  1.00 0.00 ? 5  HIS A CA   4  
ATOM   688  C C    . HIS A 1 6  ? 1.410  0.553  -0.029 1.00 0.00 ? 5  HIS A C    4  
ATOM   689  O O    . HIS A 1 6  ? 0.909  1.183  -0.975 1.00 0.00 ? 5  HIS A O    4  
ATOM   690  C CB   . HIS A 1 6  ? 3.292  1.270  1.483  1.00 0.00 ? 5  HIS A CB   4  
ATOM   691  C CG   . HIS A 1 6  ? 3.877  2.593  1.871  1.00 0.00 ? 5  HIS A CG   4  
ATOM   692  N ND1  . HIS A 1 6  ? 4.075  3.614  0.972  1.00 0.00 ? 5  HIS A ND1  4  
ATOM   693  C CD2  . HIS A 1 6  ? 4.280  3.071  3.076  1.00 0.00 ? 5  HIS A CD2  4  
ATOM   694  C CE1  . HIS A 1 6  ? 4.575  4.662  1.600  1.00 0.00 ? 5  HIS A CE1  4  
ATOM   695  N NE2  . HIS A 1 6  ? 4.708  4.359  2.881  1.00 0.00 ? 5  HIS A NE2  4  
ATOM   696  H H    . HIS A 1 6  ? 1.603  0.313  3.092  1.00 0.00 ? 5  HIS A H    4  
ATOM   697  H HA   . HIS A 1 6  ? 1.511  2.356  1.111  1.00 0.00 ? 5  HIS A HA   4  
ATOM   698  H HB2  . HIS A 1 6  ? 3.496  0.579  2.285  1.00 0.00 ? 5  HIS A HB2  4  
ATOM   699  H HB3  . HIS A 1 6  ? 3.784  0.933  0.587  1.00 0.00 ? 5  HIS A HB3  4  
ATOM   700  H HD1  . HIS A 1 6  ? 3.881  3.577  0.014  1.00 0.00 ? 5  HIS A HD1  4  
ATOM   701  H HD2  . HIS A 1 6  ? 4.276  2.535  4.013  1.00 0.00 ? 5  HIS A HD2  4  
ATOM   702  H HE1  . HIS A 1 6  ? 4.850  5.601  1.135  1.00 0.00 ? 5  HIS A HE1  4  
ATOM   703  H HE2  . HIS A 1 6  ? 4.947  4.991  3.593  1.00 0.00 ? 5  HIS A HE2  4  
HETATM 704  C C    . MK8 A 1 7  ? -0.204 -1.573 -1.635 1.00 0.00 ? 6  MK8 A C    4  
HETATM 705  N N    . MK8 A 1 7  ? 1.624  -0.829 -0.060 1.00 0.00 ? 6  MK8 A N    4  
HETATM 706  O O    . MK8 A 1 7  ? -0.630 -2.121 -2.666 1.00 0.00 ? 6  MK8 A O    4  
HETATM 707  C CA   . MK8 A 1 7  ? 1.290  -1.721 -1.236 1.00 0.00 ? 6  MK8 A CA   4  
HETATM 708  C CB   . MK8 A 1 7  ? 1.591  -3.196 -0.912 1.00 0.00 ? 6  MK8 A CB   4  
HETATM 709  C CD   . MK8 A 1 7  ? 1.517  -5.206 0.553  1.00 0.00 ? 6  MK8 A CD   4  
HETATM 710  C CE   . MK8 A 1 7  ? 1.304  -5.992 1.885  1.00 0.00 ? 6  MK8 A CE   4  
HETATM 711  C CG   . MK8 A 1 7  ? 1.026  -3.765 0.390  1.00 0.00 ? 6  MK8 A CG   4  
HETATM 712  C CB1  . MK8 A 1 7  ? 2.211  -1.379 -2.434 1.00 0.00 ? 6  MK8 A CB1  4  
HETATM 713  H H    . MK8 A 1 7  ? 2.015  -1.249 0.737  1.00 0.00 ? 6  MK8 A H    4  
HETATM 714  H HB   . MK8 A 1 7  ? 2.661  -3.319 -0.885 1.00 0.00 ? 6  MK8 A HB   4  
HETATM 715  H HBA  . MK8 A 1 7  ? 1.197  -3.804 -1.713 1.00 0.00 ? 6  MK8 A HBA  4  
HETATM 716  H HD   . MK8 A 1 7  ? 2.584  -5.193 0.346  1.00 0.00 ? 6  MK8 A HD   4  
HETATM 717  H HDA  . MK8 A 1 7  ? 1.046  -5.793 -0.217 1.00 0.00 ? 6  MK8 A HDA  4  
HETATM 718  H HE   . MK8 A 1 7  ? 0.351  -6.490 1.990  1.00 0.00 ? 6  MK8 A HE   4  
HETATM 719  H HG   . MK8 A 1 7  ? -0.050 -3.760 0.343  1.00 0.00 ? 6  MK8 A HG   4  
HETATM 720  H HGA  . MK8 A 1 7  ? 1.366  -3.171 1.223  1.00 0.00 ? 6  MK8 A HGA  4  
HETATM 721  H HB1  . MK8 A 1 7  ? 3.234  -1.643 -2.196 1.00 0.00 ? 6  MK8 A HB1  4  
HETATM 722  H HB1A . MK8 A 1 7  ? 2.154  -0.321 -2.642 1.00 0.00 ? 6  MK8 A HB1A 4  
HETATM 723  H HB1B . MK8 A 1 7  ? 1.888  -1.932 -3.303 1.00 0.00 ? 6  MK8 A HB1B 4  
ATOM   724  N N    . LEU A 1 8  ? -0.974 -0.807 -0.777 1.00 0.00 ? 7  LEU A N    4  
ATOM   725  C CA   . LEU A 1 8  ? -2.410 -0.517 -0.971 1.00 0.00 ? 7  LEU A CA   4  
ATOM   726  C C    . LEU A 1 8  ? -2.588 0.797  -1.745 1.00 0.00 ? 7  LEU A C    4  
ATOM   727  O O    . LEU A 1 8  ? -3.474 0.880  -2.612 1.00 0.00 ? 7  LEU A O    4  
ATOM   728  C CB   . LEU A 1 8  ? -3.135 -0.419 0.394  1.00 0.00 ? 7  LEU A CB   4  
ATOM   729  C CG   . LEU A 1 8  ? -4.685 -0.425 0.354  1.00 0.00 ? 7  LEU A CG   4  
ATOM   730  C CD1  . LEU A 1 8  ? -5.248 -1.844 0.254  1.00 0.00 ? 7  LEU A CD1  4  
ATOM   731  C CD2  . LEU A 1 8  ? -5.246 0.293  1.567  1.00 0.00 ? 7  LEU A CD2  4  
ATOM   732  H H    . LEU A 1 8  ? -0.525 -0.430 0.008  1.00 0.00 ? 7  LEU A H    4  
ATOM   733  H HA   . LEU A 1 8  ? -2.841 -1.321 -1.543 1.00 0.00 ? 7  LEU A HA   4  
ATOM   734  H HB2  . LEU A 1 8  ? -2.808 -1.247 1.000  1.00 0.00 ? 7  LEU A HB2  4  
ATOM   735  H HB3  . LEU A 1 8  ? -2.821 0.496  0.873  1.00 0.00 ? 7  LEU A HB3  4  
ATOM   736  H HG   . LEU A 1 8  ? -5.004 0.118  -0.522 1.00 0.00 ? 7  LEU A HG   4  
ATOM   737  H HD11 . LEU A 1 8  ? -5.381 -2.258 1.246  1.00 0.00 ? 7  LEU A HD11 4  
ATOM   738  H HD12 . LEU A 1 8  ? -4.558 -2.454 -0.300 1.00 0.00 ? 7  LEU A HD12 4  
ATOM   739  H HD13 . LEU A 1 8  ? -6.202 -1.822 -0.257 1.00 0.00 ? 7  LEU A HD13 4  
ATOM   740  H HD21 . LEU A 1 8  ? -4.700 -0.002 2.450  1.00 0.00 ? 7  LEU A HD21 4  
ATOM   741  H HD22 . LEU A 1 8  ? -6.293 0.038  1.688  1.00 0.00 ? 7  LEU A HD22 4  
ATOM   742  H HD23 . LEU A 1 8  ? -5.157 1.355  1.423  1.00 0.00 ? 7  LEU A HD23 4  
ATOM   743  N N    . LEU A 1 9  ? -1.730 1.817  -1.381 1.00 0.00 ? 8  LEU A N    4  
ATOM   744  C CA   . LEU A 1 9  ? -1.746 3.167  -1.965 1.00 0.00 ? 8  LEU A CA   4  
ATOM   745  C C    . LEU A 1 9  ? -1.110 3.237  -3.343 1.00 0.00 ? 8  LEU A C    4  
ATOM   746  O O    . LEU A 1 9  ? -1.666 3.927  -4.225 1.00 0.00 ? 8  LEU A O    4  
ATOM   747  C CB   . LEU A 1 9  ? -1.000 4.144  -0.996 1.00 0.00 ? 8  LEU A CB   4  
ATOM   748  C CG   . LEU A 1 9  ? -1.774 4.930  0.126  1.00 0.00 ? 8  LEU A CG   4  
ATOM   749  C CD1  . LEU A 1 9  ? -2.693 6.005  -0.447 1.00 0.00 ? 8  LEU A CD1  4  
ATOM   750  C CD2  . LEU A 1 9  ? -2.557 4.069  1.139  1.00 0.00 ? 8  LEU A CD2  4  
ATOM   751  H H    . LEU A 1 9  ? -1.076 1.649  -0.671 1.00 0.00 ? 8  LEU A H    4  
ATOM   752  H HA   . LEU A 1 9  ? -2.773 3.474  -2.044 1.00 0.00 ? 8  LEU A HA   4  
ATOM   753  H HB2  . LEU A 1 9  ? -0.222 3.582  -0.506 1.00 0.00 ? 8  LEU A HB2  4  
ATOM   754  H HB3  . LEU A 1 9  ? -0.515 4.878  -1.622 1.00 0.00 ? 8  LEU A HB3  4  
ATOM   755  H HG   . LEU A 1 9  ? -1.022 5.441  0.691  1.00 0.00 ? 8  LEU A HG   4  
ATOM   756  H HD11 . LEU A 1 9  ? -2.534 6.930  0.082  1.00 0.00 ? 8  LEU A HD11 4  
ATOM   757  H HD12 . LEU A 1 9  ? -3.722 5.698  -0.342 1.00 0.00 ? 8  LEU A HD12 4  
ATOM   758  H HD13 . LEU A 1 9  ? -2.460 6.148  -1.495 1.00 0.00 ? 8  LEU A HD13 4  
ATOM   759  H HD21 . LEU A 1 9  ? -2.031 4.060  2.081  1.00 0.00 ? 8  LEU A HD21 4  
ATOM   760  H HD22 . LEU A 1 9  ? -2.641 3.060  0.766  1.00 0.00 ? 8  LEU A HD22 4  
ATOM   761  H HD23 . LEU A 1 9  ? -3.545 4.484  1.282  1.00 0.00 ? 8  LEU A HD23 4  
ATOM   762  N N    . GLN A 1 10 ? 0.067  2.535  -3.486 1.00 0.00 ? 9  GLN A N    4  
ATOM   763  C CA   . GLN A 1 10 ? 0.846  2.505  -4.744 1.00 0.00 ? 9  GLN A CA   4  
ATOM   764  C C    . GLN A 1 10 ? 0.168  1.657  -5.793 1.00 0.00 ? 9  GLN A C    4  
ATOM   765  O O    . GLN A 1 10 ? 0.300  1.965  -6.991 1.00 0.00 ? 9  GLN A O    4  
ATOM   766  C CB   . GLN A 1 10 ? 2.265  2.007  -4.496 1.00 0.00 ? 9  GLN A CB   4  
ATOM   767  C CG   . GLN A 1 10 ? 3.061  2.916  -3.575 1.00 0.00 ? 9  GLN A CG   4  
ATOM   768  C CD   . GLN A 1 10 ? 4.549  2.892  -3.872 1.00 0.00 ? 9  GLN A CD   4  
ATOM   769  O OE1  . GLN A 1 10 ? 4.973  3.118  -5.002 1.00 0.00 ? 9  GLN A OE1  4  
ATOM   770  N NE2  . GLN A 1 10 ? 5.352  2.641  -2.849 1.00 0.00 ? 9  GLN A NE2  4  
ATOM   771  H H    . GLN A 1 10 ? 0.416  2.043  -2.710 1.00 0.00 ? 9  GLN A H    4  
ATOM   772  H HA   . GLN A 1 10 ? 0.906  3.517  -5.122 1.00 0.00 ? 9  GLN A HA   4  
ATOM   773  H HB2  . GLN A 1 10 ? 2.217  1.028  -4.046 1.00 0.00 ? 9  GLN A HB2  4  
ATOM   774  H HB3  . GLN A 1 10 ? 2.781  1.935  -5.443 1.00 0.00 ? 9  GLN A HB3  4  
ATOM   775  H HG2  . GLN A 1 10 ? 2.694  3.927  -3.677 1.00 0.00 ? 9  GLN A HG2  4  
ATOM   776  H HG3  . GLN A 1 10 ? 2.904  2.583  -2.558 1.00 0.00 ? 9  GLN A HG3  4  
ATOM   777  H HE21 . GLN A 1 10 ? 4.951  2.494  -1.970 1.00 0.00 ? 9  GLN A HE21 4  
ATOM   778  H HE22 . GLN A 1 10 ? 6.310  2.601  -3.016 1.00 0.00 ? 9  GLN A HE22 4  
ATOM   779  N N    . ASP A 1 11 ? -0.572 0.600  -5.313 1.00 0.00 ? 10 ASP A N    4  
ATOM   780  C CA   . ASP A 1 11 ? -1.323 -0.334 -6.169 1.00 0.00 ? 10 ASP A CA   4  
ATOM   781  C C    . ASP A 1 11 ? -2.533 0.374  -6.759 1.00 0.00 ? 10 ASP A C    4  
ATOM   782  O O    . ASP A 1 11 ? -2.753 0.336  -7.986 1.00 0.00 ? 10 ASP A O    4  
ATOM   783  C CB   . ASP A 1 11 ? -1.750 -1.548 -5.349 1.00 0.00 ? 10 ASP A CB   4  
ATOM   784  C CG   . ASP A 1 11 ? -2.311 -2.676 -6.192 1.00 0.00 ? 10 ASP A CG   4  
ATOM   785  O OD1  . ASP A 1 11 ? -1.574 -3.206 -7.049 1.00 0.00 ? 10 ASP A OD1  4  
ATOM   786  O OD2  . ASP A 1 11 ? -3.488 -3.035 -5.983 1.00 0.00 ? 10 ASP A OD2  4  
ATOM   787  H H    . ASP A 1 11 ? -0.619 0.473  -4.341 1.00 0.00 ? 10 ASP A H    4  
ATOM   788  H HA   . ASP A 1 11 ? -0.672 -0.642 -6.971 1.00 0.00 ? 10 ASP A HA   4  
ATOM   789  H HB2  . ASP A 1 11 ? -0.894 -1.917 -4.807 1.00 0.00 ? 10 ASP A HB2  4  
ATOM   790  H HB3  . ASP A 1 11 ? -2.506 -1.249 -4.643 1.00 0.00 ? 10 ASP A HB3  4  
ATOM   791  N N    . SER A 1 12 ? -3.314 1.020  -5.828 1.00 0.00 ? 11 SER A N    4  
ATOM   792  C CA   . SER A 1 12 ? -4.543 1.778  -6.145 1.00 0.00 ? 11 SER A CA   4  
ATOM   793  C C    . SER A 1 12 ? -4.286 2.882  -7.161 1.00 0.00 ? 11 SER A C    4  
ATOM   794  O O    . SER A 1 12 ? -5.228 3.401  -7.758 1.00 0.00 ? 11 SER A O    4  
ATOM   795  C CB   . SER A 1 12 ? -5.134 2.382  -4.867 1.00 0.00 ? 11 SER A CB   4  
ATOM   796  O OG   . SER A 1 12 ? -5.585 1.359  -4.007 1.00 0.00 ? 11 SER A OG   4  
ATOM   797  H H    . SER A 1 12 ? -3.034 0.971  -4.889 1.00 0.00 ? 11 SER A H    4  
ATOM   798  H HA   . SER A 1 12 ? -5.258 1.083  -6.567 1.00 0.00 ? 11 SER A HA   4  
ATOM   799  H HB2  . SER A 1 12 ? -4.380 2.959  -4.360 1.00 0.00 ? 11 SER A HB2  4  
ATOM   800  H HB3  . SER A 1 12 ? -5.962 3.017  -5.110 1.00 0.00 ? 11 SER A HB3  4  
ATOM   801  H HG   . SER A 1 12 ? -6.064 1.745  -3.273 1.00 0.00 ? 11 SER A HG   4  
HETATM 802  N N    . NH2 A 1 13 ? -3.074 3.402  -7.172 1.00 0.00 ? 12 NH2 A N    4  
HETATM 803  H HN1  . NH2 A 1 13 ? -2.418 3.050  -6.531 1.00 0.00 ? 12 NH2 A HN1  4  
HETATM 804  H HN2  . NH2 A 1 13 ? -2.882 4.131  -7.823 1.00 0.00 ? 12 NH2 A HN2  4  
HETATM 805  C C    . ACE A 1 1  ? 3.058  -3.093 9.001  1.00 0.00 ? 0  ACE A C    5  
HETATM 806  O O    . ACE A 1 1  ? 1.819  -3.051 9.151  1.00 0.00 ? 0  ACE A O    5  
HETATM 807  C CH3  . ACE A 1 1  ? 3.819  -4.291 9.520  1.00 0.00 ? 0  ACE A CH3  5  
HETATM 808  H H1   . ACE A 1 1  ? 3.697  -5.119 8.845  1.00 0.00 ? 0  ACE A H1   5  
HETATM 809  H H2   . ACE A 1 1  ? 3.437  -4.553 10.497 1.00 0.00 ? 0  ACE A H2   5  
HETATM 810  H H3   . ACE A 1 1  ? 4.870  -4.047 9.605  1.00 0.00 ? 0  ACE A H3   5  
ATOM   811  N N    . HIS A 1 2  ? 3.828  -2.115 8.406  1.00 0.00 ? 1  HIS A N    5  
ATOM   812  C CA   . HIS A 1 2  ? 3.285  -0.858 7.859  1.00 0.00 ? 1  HIS A CA   5  
ATOM   813  C C    . HIS A 1 2  ? 3.207  -0.900 6.337  1.00 0.00 ? 1  HIS A C    5  
ATOM   814  O O    . HIS A 1 2  ? 2.377  -0.189 5.751  1.00 0.00 ? 1  HIS A O    5  
ATOM   815  C CB   . HIS A 1 2  ? 4.178  0.321  8.272  1.00 0.00 ? 1  HIS A CB   5  
ATOM   816  C CG   . HIS A 1 2  ? 3.515  1.668  8.296  1.00 0.00 ? 1  HIS A CG   5  
ATOM   817  N ND1  . HIS A 1 2  ? 2.644  2.079  9.288  1.00 0.00 ? 1  HIS A ND1  5  
ATOM   818  C CD2  . HIS A 1 2  ? 3.631  2.710  7.442  1.00 0.00 ? 1  HIS A CD2  5  
ATOM   819  C CE1  . HIS A 1 2  ? 2.260  3.319  9.042  1.00 0.00 ? 1  HIS A CE1  5  
ATOM   820  N NE2  . HIS A 1 2  ? 2.844  3.724  7.923  1.00 0.00 ? 1  HIS A NE2  5  
ATOM   821  H H    . HIS A 1 2  ? 4.796  -2.261 8.351  1.00 0.00 ? 1  HIS A H    5  
ATOM   822  H HA   . HIS A 1 2  ? 2.294  -0.719 8.264  1.00 0.00 ? 1  HIS A HA   5  
ATOM   823  H HB2  . HIS A 1 2  ? 4.572  0.139  9.252  1.00 0.00 ? 1  HIS A HB2  5  
ATOM   824  H HB3  . HIS A 1 2  ? 4.999  0.383  7.575  1.00 0.00 ? 1  HIS A HB3  5  
ATOM   825  H HD1  . HIS A 1 2  ? 2.350  1.544  10.049 1.00 0.00 ? 1  HIS A HD1  5  
ATOM   826  H HD2  . HIS A 1 2  ? 4.222  2.738  6.543  1.00 0.00 ? 1  HIS A HD2  5  
ATOM   827  H HE1  . HIS A 1 2  ? 1.596  3.912  9.660  1.00 0.00 ? 1  HIS A HE1  5  
ATOM   828  H HE2  . HIS A 1 2  ? 2.811  4.637  7.560  1.00 0.00 ? 1  HIS A HE2  5  
HETATM 829  C C    . MK8 A 1 3  ? 2.787  -2.089 3.561  1.00 0.00 ? 2  MK8 A C    5  
HETATM 830  N N    . MK8 A 1 3  ? 4.132  -1.722 5.684  1.00 0.00 ? 2  MK8 A N    5  
HETATM 831  O O    . MK8 A 1 3  ? 2.478  -1.685 2.417  1.00 0.00 ? 2  MK8 A O    5  
HETATM 832  C CA   . MK8 A 1 3  ? 4.231  -1.851 4.184  1.00 0.00 ? 2  MK8 A CA   5  
HETATM 833  C CB   . MK8 A 1 3  ? 5.252  -2.992 3.790  1.00 0.00 ? 2  MK8 A CB   5  
HETATM 834  C CD   . MK8 A 1 3  ? 4.025  -4.935 2.756  1.00 0.00 ? 2  MK8 A CD   5  
HETATM 835  C CE   . MK8 A 1 3  ? 2.897  -5.978 2.982  1.00 0.00 ? 2  MK8 A CE   5  
HETATM 836  C CG   . MK8 A 1 3  ? 4.852  -4.477 3.953  1.00 0.00 ? 2  MK8 A CG   5  
HETATM 837  C CB1  . MK8 A 1 3  ? 4.896  -0.557 3.645  1.00 0.00 ? 2  MK8 A CB1  5  
HETATM 838  H H    . MK8 A 1 3  ? 4.770  -2.221 6.230  1.00 0.00 ? 2  MK8 A H    5  
HETATM 839  H HB   . MK8 A 1 3  ? 6.158  -2.837 4.361  1.00 0.00 ? 2  MK8 A HB   5  
HETATM 840  H HBA  . MK8 A 1 3  ? 5.495  -2.856 2.750  1.00 0.00 ? 2  MK8 A HBA  5  
HETATM 841  H HD   . MK8 A 1 3  ? 4.707  -5.337 2.026  1.00 0.00 ? 2  MK8 A HD   5  
HETATM 842  H HDA  . MK8 A 1 3  ? 3.568  -4.062 2.327  1.00 0.00 ? 2  MK8 A HDA  5  
HETATM 843  H HE   . MK8 A 1 3  ? 2.987  -6.612 3.850  1.00 0.00 ? 2  MK8 A HE   5  
HETATM 844  H HG   . MK8 A 1 3  ? 4.278  -4.602 4.850  1.00 0.00 ? 2  MK8 A HG   5  
HETATM 845  H HGA  . MK8 A 1 3  ? 5.750  -5.070 4.009  1.00 0.00 ? 2  MK8 A HGA  5  
HETATM 846  H HB1  . MK8 A 1 3  ? 4.235  0.281  3.787  1.00 0.00 ? 2  MK8 A HB1  5  
HETATM 847  H HB1A . MK8 A 1 3  ? 5.101  -0.677 2.595  1.00 0.00 ? 2  MK8 A HB1A 5  
HETATM 848  H HB1B . MK8 A 1 3  ? 5.827  -0.386 4.175  1.00 0.00 ? 2  MK8 A HB1B 5  
ATOM   849  N N    . ILE A 1 4  ? 1.948  -2.840 4.367  1.00 0.00 ? 3  ILE A N    5  
ATOM   850  C CA   . ILE A 1 4  ? 0.568  -3.264 3.999  1.00 0.00 ? 3  ILE A CA   5  
ATOM   851  C C    . ILE A 1 4  ? -0.279 -2.121 3.450  1.00 0.00 ? 3  ILE A C    5  
ATOM   852  O O    . ILE A 1 4  ? -0.743 -2.212 2.291  1.00 0.00 ? 3  ILE A O    5  
ATOM   853  C CB   . ILE A 1 4  ? -0.257 -3.958 5.160  1.00 0.00 ? 3  ILE A CB   5  
ATOM   854  C CG1  . ILE A 1 4  ? 0.564  -4.557 6.384  1.00 0.00 ? 3  ILE A CG1  5  
ATOM   855  C CG2  . ILE A 1 4  ? -1.206 -4.997 4.559  1.00 0.00 ? 3  ILE A CG2  5  
ATOM   856  C CD1  . ILE A 1 4  ? 1.689  -5.586 6.121  1.00 0.00 ? 3  ILE A CD1  5  
ATOM   857  H H    . ILE A 1 4  ? 2.293  -3.154 5.225  1.00 0.00 ? 3  ILE A H    5  
ATOM   858  H HA   . ILE A 1 4  ? 0.673  -3.986 3.212  1.00 0.00 ? 3  ILE A HA   5  
ATOM   859  H HB   . ILE A 1 4  ? -0.904 -3.186 5.552  1.00 0.00 ? 3  ILE A HB   5  
ATOM   860  H HG12 . ILE A 1 4  ? 1.011  -3.735 6.911  1.00 0.00 ? 3  ILE A HG12 5  
ATOM   861  H HG13 . ILE A 1 4  ? -0.142 -5.030 7.042  1.00 0.00 ? 3  ILE A HG13 5  
ATOM   862  H HG21 . ILE A 1 4  ? -1.983 -5.235 5.272  1.00 0.00 ? 3  ILE A HG21 5  
ATOM   863  H HG22 . ILE A 1 4  ? -0.651 -5.891 4.319  1.00 0.00 ? 3  ILE A HG22 5  
ATOM   864  H HG23 . ILE A 1 4  ? -1.655 -4.593 3.660  1.00 0.00 ? 3  ILE A HG23 5  
ATOM   865  H HD11 . ILE A 1 4  ? 2.140  -5.870 7.062  1.00 0.00 ? 3  ILE A HD11 5  
ATOM   866  H HD12 . ILE A 1 4  ? 2.440  -5.151 5.484  1.00 0.00 ? 3  ILE A HD12 5  
ATOM   867  H HD13 . ILE A 1 4  ? 1.272  -6.460 5.648  1.00 0.00 ? 3  ILE A HD13 5  
ATOM   868  N N    . LEU A 1 5  ? -0.496 -1.058 4.310  1.00 0.00 ? 4  LEU A N    5  
ATOM   869  C CA   . LEU A 1 5  ? -1.318 0.135  3.965  1.00 0.00 ? 4  LEU A CA   5  
ATOM   870  C C    . LEU A 1 5  ? -0.798 0.795  2.689  1.00 0.00 ? 4  LEU A C    5  
ATOM   871  O O    . LEU A 1 5  ? -1.588 1.357  1.909  1.00 0.00 ? 4  LEU A O    5  
ATOM   872  C CB   . LEU A 1 5  ? -1.381 1.140  5.146  1.00 0.00 ? 4  LEU A CB   5  
ATOM   873  C CG   . LEU A 1 5  ? -0.059 1.728  5.666  1.00 0.00 ? 4  LEU A CG   5  
ATOM   874  C CD1  . LEU A 1 5  ? 0.438  2.873  4.797  1.00 0.00 ? 4  LEU A CD1  5  
ATOM   875  C CD2  . LEU A 1 5  ? -0.250 2.204  7.086  1.00 0.00 ? 4  LEU A CD2  5  
ATOM   876  H H    . LEU A 1 5  ? -0.095 -1.100 5.200  1.00 0.00 ? 4  LEU A H    5  
ATOM   877  H HA   . LEU A 1 5  ? -2.320 -0.227 3.772  1.00 0.00 ? 4  LEU A HA   5  
ATOM   878  H HB2  . LEU A 1 5  ? -2.005 1.966  4.846  1.00 0.00 ? 4  LEU A HB2  5  
ATOM   879  H HB3  . LEU A 1 5  ? -1.860 0.638  5.972  1.00 0.00 ? 4  LEU A HB3  5  
ATOM   880  H HG   . LEU A 1 5  ? 0.694  0.963  5.670  1.00 0.00 ? 4  LEU A HG   5  
ATOM   881  H HD11 . LEU A 1 5  ? 1.085  2.484  4.031  1.00 0.00 ? 4  LEU A HD11 5  
ATOM   882  H HD12 . LEU A 1 5  ? 0.980  3.581  5.408  1.00 0.00 ? 4  LEU A HD12 5  
ATOM   883  H HD13 . LEU A 1 5  ? -0.407 3.363  4.340  1.00 0.00 ? 4  LEU A HD13 5  
ATOM   884  H HD21 . LEU A 1 5  ? 0.306  3.118  7.231  1.00 0.00 ? 4  LEU A HD21 5  
ATOM   885  H HD22 . LEU A 1 5  ? 0.105  1.454  7.771  1.00 0.00 ? 4  LEU A HD22 5  
ATOM   886  H HD23 . LEU A 1 5  ? -1.300 2.388  7.259  1.00 0.00 ? 4  LEU A HD23 5  
ATOM   887  N N    . HIS A 1 6  ? 0.561  0.695  2.521  1.00 0.00 ? 5  HIS A N    5  
ATOM   888  C CA   . HIS A 1 6  ? 1.301  1.235  1.379  1.00 0.00 ? 5  HIS A CA   5  
ATOM   889  C C    . HIS A 1 6  ? 1.038  0.423  0.109  1.00 0.00 ? 5  HIS A C    5  
ATOM   890  O O    . HIS A 1 6  ? 0.926  1.013  -0.970 1.00 0.00 ? 5  HIS A O    5  
ATOM   891  C CB   . HIS A 1 6  ? 2.787  1.240  1.692  1.00 0.00 ? 5  HIS A CB   5  
ATOM   892  C CG   . HIS A 1 6  ? 3.338  2.601  1.944  1.00 0.00 ? 5  HIS A CG   5  
ATOM   893  N ND1  . HIS A 1 6  ? 3.504  3.548  0.955  1.00 0.00 ? 5  HIS A ND1  5  
ATOM   894  C CD2  . HIS A 1 6  ? 3.760  3.176  3.094  1.00 0.00 ? 5  HIS A CD2  5  
ATOM   895  C CE1  . HIS A 1 6  ? 4.009  4.641  1.488  1.00 0.00 ? 5  HIS A CE1  5  
ATOM   896  N NE2  . HIS A 1 6  ? 4.171  4.442  2.784  1.00 0.00 ? 5  HIS A NE2  5  
ATOM   897  H H    . HIS A 1 6  ? 1.076  0.233  3.214  1.00 0.00 ? 5  HIS A H    5  
ATOM   898  H HA   . HIS A 1 6  ? 0.976  2.253  1.220  1.00 0.00 ? 5  HIS A HA   5  
ATOM   899  H HB2  . HIS A 1 6  ? 2.955  0.652  2.575  1.00 0.00 ? 5  HIS A HB2  5  
ATOM   900  H HB3  . HIS A 1 6  ? 3.327  0.806  0.869  1.00 0.00 ? 5  HIS A HB3  5  
ATOM   901  H HD1  . HIS A 1 6  ? 3.277  3.441  0.007  1.00 0.00 ? 5  HIS A HD1  5  
ATOM   902  H HD2  . HIS A 1 6  ? 3.763  2.724  4.076  1.00 0.00 ? 5  HIS A HD2  5  
ATOM   903  H HE1  . HIS A 1 6  ? 4.258  5.541  0.952  1.00 0.00 ? 5  HIS A HE1  5  
ATOM   904  H HE2  . HIS A 1 6  ? 4.437  5.130  3.431  1.00 0.00 ? 5  HIS A HE2  5  
HETATM 905  C C    . MK8 A 1 7  ? -0.626 -1.516 -1.582 1.00 0.00 ? 6  MK8 A C    5  
HETATM 906  N N    . MK8 A 1 7  ? 0.960  -0.962 0.254  1.00 0.00 ? 6  MK8 A N    5  
HETATM 907  O O    . MK8 A 1 7  ? -0.875 -1.855 -2.772 1.00 0.00 ? 6  MK8 A O    5  
HETATM 908  C CA   . MK8 A 1 7  ? 0.716  -1.923 -0.876 1.00 0.00 ? 6  MK8 A CA   5  
HETATM 909  C CB   . MK8 A 1 7  ? 0.510  -3.385 -0.353 1.00 0.00 ? 6  MK8 A CB   5  
HETATM 910  C CD   . MK8 A 1 7  ? 1.337  -5.442 0.879  1.00 0.00 ? 6  MK8 A CD   5  
HETATM 911  C CE   . MK8 A 1 7  ? 1.772  -6.184 2.194  1.00 0.00 ? 6  MK8 A CE   5  
HETATM 912  C CG   . MK8 A 1 7  ? 1.427  -3.915 0.774  1.00 0.00 ? 6  MK8 A CG   5  
HETATM 913  C CB1  . MK8 A 1 7  ? 1.919  -1.925 -1.868 1.00 0.00 ? 6  MK8 A CB1  5  
HETATM 914  H H    . MK8 A 1 7  ? 1.079  -1.331 1.146  1.00 0.00 ? 6  MK8 A H    5  
HETATM 915  H HB   . MK8 A 1 7  ? 0.614  -4.054 -1.197 1.00 0.00 ? 6  MK8 A HB   5  
HETATM 916  H HBA  . MK8 A 1 7  ? -0.507 -3.468 0.008  1.00 0.00 ? 6  MK8 A HBA  5  
HETATM 917  H HD   . MK8 A 1 7  ? 1.917  -5.853 0.060  1.00 0.00 ? 6  MK8 A HD   5  
HETATM 918  H HDA  . MK8 A 1 7  ? 0.307  -5.704 0.712  1.00 0.00 ? 6  MK8 A HDA  5  
HETATM 919  H HE   . MK8 A 1 7  ? 1.106  -6.965 2.528  1.00 0.00 ? 6  MK8 A HE   5  
HETATM 920  H HG   . MK8 A 1 7  ? 1.116  -3.480 1.712  1.00 0.00 ? 6  MK8 A HG   5  
HETATM 921  H HGA  . MK8 A 1 7  ? 2.448  -3.637 0.563  1.00 0.00 ? 6  MK8 A HGA  5  
HETATM 922  H HB1  . MK8 A 1 7  ? 1.606  -2.355 -2.804 1.00 0.00 ? 6  MK8 A HB1  5  
HETATM 923  H HB1A . MK8 A 1 7  ? 2.721  -2.512 -1.449 1.00 0.00 ? 6  MK8 A HB1A 5  
HETATM 924  H HB1B . MK8 A 1 7  ? 2.261  -0.912 -2.029 1.00 0.00 ? 6  MK8 A HB1B 5  
ATOM   925  N N    . LEU A 1 8  ? -1.512 -0.830 -0.775 1.00 0.00 ? 7  LEU A N    5  
ATOM   926  C CA   . LEU A 1 8  ? -2.863 -0.382 -1.192 1.00 0.00 ? 7  LEU A CA   5  
ATOM   927  C C    . LEU A 1 8  ? -2.822 0.946  -1.966 1.00 0.00 ? 7  LEU A C    5  
ATOM   928  O O    . LEU A 1 8  ? -3.576 1.102  -2.951 1.00 0.00 ? 7  LEU A O    5  
ATOM   929  C CB   . LEU A 1 8  ? -3.771 -0.231 0.050  1.00 0.00 ? 7  LEU A CB   5  
ATOM   930  C CG   . LEU A 1 8  ? -5.284 -0.123 -0.212 1.00 0.00 ? 7  LEU A CG   5  
ATOM   931  C CD1  . LEU A 1 8  ? -5.921 -1.499 -0.365 1.00 0.00 ? 7  LEU A CD1  5  
ATOM   932  C CD2  . LEU A 1 8  ? -5.963 0.652  0.900  1.00 0.00 ? 7  LEU A CD2  5  
ATOM   933  H H    . LEU A 1 8  ? -1.249 -0.662 0.151  1.00 0.00 ? 7  LEU A H    5  
ATOM   934  H HA   . LEU A 1 8  ? -3.281 -1.150 -1.831 1.00 0.00 ? 7  LEU A HA   5  
ATOM   935  H HB2  . LEU A 1 8  ? -3.606 -1.082 0.693  1.00 0.00 ? 7  LEU A HB2  5  
ATOM   936  H HB3  . LEU A 1 8  ? -3.465 0.658  0.576  1.00 0.00 ? 7  LEU A HB3  5  
ATOM   937  H HG   . LEU A 1 8  ? -5.436 0.420  -1.134 1.00 0.00 ? 7  LEU A HG   5  
ATOM   938  H HD11 . LEU A 1 8  ? -5.219 -2.165 -0.838 1.00 0.00 ? 7  LEU A HD11 5  
ATOM   939  H HD12 . LEU A 1 8  ? -6.813 -1.421 -0.969 1.00 0.00 ? 7  LEU A HD12 5  
ATOM   940  H HD13 . LEU A 1 8  ? -6.181 -1.879 0.612  1.00 0.00 ? 7  LEU A HD13 5  
ATOM   941  H HD21 . LEU A 1 8  ? -6.861 1.120  0.518  1.00 0.00 ? 7  LEU A HD21 5  
ATOM   942  H HD22 . LEU A 1 8  ? -5.293 1.407  1.274  1.00 0.00 ? 7  LEU A HD22 5  
ATOM   943  H HD23 . LEU A 1 8  ? -6.231 -0.026 1.702  1.00 0.00 ? 7  LEU A HD23 5  
ATOM   944  N N    . LEU A 1 9  ? -1.952 1.897  -1.466 1.00 0.00 ? 8  LEU A N    5  
ATOM   945  C CA   . LEU A 1 9  ? -1.800 3.250  -2.032 1.00 0.00 ? 8  LEU A CA   5  
ATOM   946  C C    . LEU A 1 9  ? -1.002 3.227  -3.321 1.00 0.00 ? 8  LEU A C    5  
ATOM   947  O O    . LEU A 1 9  ? -1.295 4.018  -4.238 1.00 0.00 ? 8  LEU A O    5  
ATOM   948  C CB   . LEU A 1 9  ? -1.117 4.199  -1.015 1.00 0.00 ? 8  LEU A CB   5  
ATOM   949  C CG   . LEU A 1 9  ? -1.728 4.260  0.405  1.00 0.00 ? 8  LEU A CG   5  
ATOM   950  C CD1  . LEU A 1 9  ? -0.705 4.808  1.382  1.00 0.00 ? 8  LEU A CD1  5  
ATOM   951  C CD2  . LEU A 1 9  ? -2.997 5.122  0.466  1.00 0.00 ? 8  LEU A CD2  5  
ATOM   952  H H    . LEU A 1 9  ? -1.438 1.675  -0.668 1.00 0.00 ? 8  LEU A H    5  
ATOM   953  H HA   . LEU A 1 9  ? -2.787 3.622  -2.241 1.00 0.00 ? 8  LEU A HA   5  
ATOM   954  H HB2  . LEU A 1 9  ? -0.084 3.899  -0.914 1.00 0.00 ? 8  LEU A HB2  5  
ATOM   955  H HB3  . LEU A 1 9  ? -1.140 5.197  -1.435 1.00 0.00 ? 8  LEU A HB3  5  
ATOM   956  H HG   . LEU A 1 9  ? -1.981 3.258  0.718  1.00 0.00 ? 8  LEU A HG   5  
ATOM   957  H HD11 . LEU A 1 9  ? -1.142 4.830  2.367  1.00 0.00 ? 8  LEU A HD11 5  
ATOM   958  H HD12 . LEU A 1 9  ? -0.430 5.808  1.089  1.00 0.00 ? 8  LEU A HD12 5  
ATOM   959  H HD13 . LEU A 1 9  ? 0.173  4.173  1.391  1.00 0.00 ? 8  LEU A HD13 5  
ATOM   960  H HD21 . LEU A 1 9  ? -3.619 4.785  1.282  1.00 0.00 ? 8  LEU A HD21 5  
ATOM   961  H HD22 . LEU A 1 9  ? -3.540 5.027  -0.463 1.00 0.00 ? 8  LEU A HD22 5  
ATOM   962  H HD23 . LEU A 1 9  ? -2.724 6.154  0.618  1.00 0.00 ? 8  LEU A HD23 5  
ATOM   963  N N    . GLN A 1 10 ? 0.013  2.312  -3.349 1.00 0.00 ? 9  GLN A N    5  
ATOM   964  C CA   . GLN A 1 10 ? 0.938  2.122  -4.478 1.00 0.00 ? 9  GLN A CA   5  
ATOM   965  C C    . GLN A 1 10 ? 0.267  1.406  -5.647 1.00 0.00 ? 9  GLN A C    5  
ATOM   966  O O    . GLN A 1 10 ? 0.525  1.764  -6.817 1.00 0.00 ? 9  GLN A O    5  
ATOM   967  C CB   . GLN A 1 10 ? 2.175  1.339  -4.018 1.00 0.00 ? 9  GLN A CB   5  
ATOM   968  C CG   . GLN A 1 10 ? 2.978  2.048  -2.935 1.00 0.00 ? 9  GLN A CG   5  
ATOM   969  C CD   . GLN A 1 10 ? 4.180  1.248  -2.467 1.00 0.00 ? 9  GLN A CD   5  
ATOM   970  O OE1  . GLN A 1 10 ? 4.038  0.153  -1.936 1.00 0.00 ? 9  GLN A OE1  5  
ATOM   971  N NE2  . GLN A 1 10 ? 5.372  1.802  -2.648 1.00 0.00 ? 9  GLN A NE2  5  
ATOM   972  H H    . GLN A 1 10 ? 0.145  1.753  -2.559 1.00 0.00 ? 9  GLN A H    5  
ATOM   973  H HA   . GLN A 1 10 ? 1.249  3.105  -4.798 1.00 0.00 ? 9  GLN A HA   5  
ATOM   974  H HB2  . GLN A 1 10 ? 1.858  0.380  -3.632 1.00 0.00 ? 9  GLN A HB2  5  
ATOM   975  H HB3  . GLN A 1 10 ? 2.820  1.180  -4.868 1.00 0.00 ? 9  GLN A HB3  5  
ATOM   976  H HG2  . GLN A 1 10 ? 3.322  3.003  -3.319 1.00 0.00 ? 9  GLN A HG2  5  
ATOM   977  H HG3  . GLN A 1 10 ? 2.328  2.216  -2.089 1.00 0.00 ? 9  GLN A HG3  5  
ATOM   978  H HE21 . GLN A 1 10 ? 5.412  2.683  -3.066 1.00 0.00 ? 9  GLN A HE21 5  
ATOM   979  H HE22 . GLN A 1 10 ? 6.161  1.311  -2.342 1.00 0.00 ? 9  GLN A HE22 5  
ATOM   980  N N    . ASP A 1 11 ? -0.599 0.383  -5.301 1.00 0.00 ? 10 ASP A N    5  
ATOM   981  C CA   . ASP A 1 11 ? -1.351 -0.431 -6.278 1.00 0.00 ? 10 ASP A CA   5  
ATOM   982  C C    . ASP A 1 11 ? -2.432 0.415  -6.936 1.00 0.00 ? 10 ASP A C    5  
ATOM   983  O O    . ASP A 1 11 ? -2.615 0.341  -8.167 1.00 0.00 ? 10 ASP A O    5  
ATOM   984  C CB   . ASP A 1 11 ? -1.987 -1.632 -5.583 1.00 0.00 ? 10 ASP A CB   5  
ATOM   985  C CG   . ASP A 1 11 ? -2.597 -2.630 -6.561 1.00 0.00 ? 10 ASP A CG   5  
ATOM   986  O OD1  . ASP A 1 11 ? -3.540 -2.254 -7.290 1.00 0.00 ? 10 ASP A OD1  5  
ATOM   987  O OD2  . ASP A 1 11 ? -2.128 -3.784 -6.610 1.00 0.00 ? 10 ASP A OD2  5  
ATOM   988  H H    . ASP A 1 11 ? -0.724 0.185  -4.350 1.00 0.00 ? 10 ASP A H    5  
ATOM   989  H HA   . ASP A 1 11 ? -0.664 -0.772 -7.032 1.00 0.00 ? 10 ASP A HA   5  
ATOM   990  H HB2  . ASP A 1 11 ? -1.230 -2.136 -5.001 1.00 0.00 ? 10 ASP A HB2  5  
ATOM   991  H HB3  . ASP A 1 11 ? -2.765 -1.278 -4.923 1.00 0.00 ? 10 ASP A HB3  5  
ATOM   992  N N    . SER A 1 12 ? -3.123 1.230  -6.074 1.00 0.00 ? 11 SER A N    5  
ATOM   993  C CA   . SER A 1 12 ? -4.207 2.148  -6.478 1.00 0.00 ? 11 SER A CA   5  
ATOM   994  C C    . SER A 1 12 ? -3.698 3.199  -7.458 1.00 0.00 ? 11 SER A C    5  
ATOM   995  O O    . SER A 1 12 ? -4.469 3.752  -8.237 1.00 0.00 ? 11 SER A O    5  
ATOM   996  C CB   . SER A 1 12 ? -4.820 2.828  -5.246 1.00 0.00 ? 11 SER A CB   5  
ATOM   997  O OG   . SER A 1 12 ? -5.511 1.893  -4.450 1.00 0.00 ? 11 SER A OG   5  
ATOM   998  H H    . SER A 1 12 ? -2.876 1.208  -5.123 1.00 0.00 ? 11 SER A H    5  
ATOM   999  H HA   . SER A 1 12 ? -4.964 1.563  -6.971 1.00 0.00 ? 11 SER A HA   5  
ATOM   1000 H HB2  . SER A 1 12 ? -4.043 3.279  -4.647 1.00 0.00 ? 11 SER A HB2  5  
ATOM   1001 H HB3  . SER A 1 12 ? -5.512 3.590  -5.567 1.00 0.00 ? 11 SER A HB3  5  
ATOM   1002 H HG   . SER A 1 12 ? -6.449 2.040  -4.539 1.00 0.00 ? 11 SER A HG   5  
HETATM 1003 N N    . NH2 A 1 13 ? -2.444 3.599  -7.293 1.00 0.00 ? 12 NH2 A N    5  
HETATM 1004 H HN1  . NH2 A 1 13 ? -1.933 3.210  -6.571 1.00 0.00 ? 12 NH2 A HN1  5  
HETATM 1005 H HN2  . NH2 A 1 13 ? -2.086 4.273  -7.899 1.00 0.00 ? 12 NH2 A HN2  5  
HETATM 1006 C C    . ACE A 1 1  ? 2.951  -2.663 8.823  1.00 0.00 ? 0  ACE A C    6  
HETATM 1007 O O    . ACE A 1 1  ? 1.799  -3.042 8.516  1.00 0.00 ? 0  ACE A O    6  
HETATM 1008 C CH3  . ACE A 1 1  ? 3.843  -3.573 9.640  1.00 0.00 ? 0  ACE A CH3  6  
HETATM 1009 H H1   . ACE A 1 1  ? 4.428  -4.193 8.977  1.00 0.00 ? 0  ACE A H1   6  
HETATM 1010 H H2   . ACE A 1 1  ? 3.236  -4.203 10.274 1.00 0.00 ? 0  ACE A H2   6  
HETATM 1011 H H3   . ACE A 1 1  ? 4.501  -2.974 10.249 1.00 0.00 ? 0  ACE A H3   6  
ATOM   1012 N N    . HIS A 1 2  ? 3.514  -1.457 8.463  1.00 0.00 ? 1  HIS A N    6  
ATOM   1013 C CA   . HIS A 1 2  ? 2.825  -0.424 7.662  1.00 0.00 ? 1  HIS A CA   6  
ATOM   1014 C C    . HIS A 1 2  ? 2.987  -0.679 6.159  1.00 0.00 ? 1  HIS A C    6  
ATOM   1015 O O    . HIS A 1 2  ? 2.437  0.070  5.341  1.00 0.00 ? 1  HIS A O    6  
ATOM   1016 C CB   . HIS A 1 2  ? 3.283  1.001  8.051  1.00 0.00 ? 1  HIS A CB   6  
ATOM   1017 C CG   . HIS A 1 2  ? 4.752  1.289  7.945  1.00 0.00 ? 1  HIS A CG   6  
ATOM   1018 N ND1  . HIS A 1 2  ? 5.710  0.741  8.769  1.00 0.00 ? 1  HIS A ND1  6  
ATOM   1019 C CD2  . HIS A 1 2  ? 5.409  2.086  7.080  1.00 0.00 ? 1  HIS A CD2  6  
ATOM   1020 C CE1  . HIS A 1 2  ? 6.898  1.197  8.412  1.00 0.00 ? 1  HIS A CE1  6  
ATOM   1021 N NE2  . HIS A 1 2  ? 6.742  2.017  7.388  1.00 0.00 ? 1  HIS A NE2  6  
ATOM   1022 H H    . HIS A 1 2  ? 4.431  -1.281 8.746  1.00 0.00 ? 1  HIS A H    6  
ATOM   1023 H HA   . HIS A 1 2  ? 1.777  -0.508 7.888  1.00 0.00 ? 1  HIS A HA   6  
ATOM   1024 H HB2  . HIS A 1 2  ? 2.786  1.710  7.408  1.00 0.00 ? 1  HIS A HB2  6  
ATOM   1025 H HB3  . HIS A 1 2  ? 2.985  1.184  9.073  1.00 0.00 ? 1  HIS A HB3  6  
ATOM   1026 H HD1  . HIS A 1 2  ? 5.548  0.115  9.508  1.00 0.00 ? 1  HIS A HD1  6  
ATOM   1027 H HD2  . HIS A 1 2  ? 4.964  2.663  6.286  1.00 0.00 ? 1  HIS A HD2  6  
ATOM   1028 H HE1  . HIS A 1 2  ? 7.836  0.933  8.876  1.00 0.00 ? 1  HIS A HE1  6  
ATOM   1029 H HE2  . HIS A 1 2  ? 7.462  2.503  6.932  1.00 0.00 ? 1  HIS A HE2  6  
HETATM 1030 C C    . MK8 A 1 3  ? 2.668  -2.355 3.642  1.00 0.00 ? 2  MK8 A C    6  
HETATM 1031 N N    . MK8 A 1 3  ? 3.768  -1.767 5.818  1.00 0.00 ? 2  MK8 A N    6  
HETATM 1032 O O    . MK8 A 1 3  ? 2.406  -1.714 2.599  1.00 0.00 ? 2  MK8 A O    6  
HETATM 1033 C CA   . MK8 A 1 3  ? 4.054  -2.217 4.420  1.00 0.00 ? 2  MK8 A CA   6  
HETATM 1034 C CB   . MK8 A 1 3  ? 4.821  -3.593 4.561  1.00 0.00 ? 2  MK8 A CB   6  
HETATM 1035 C CD   . MK8 A 1 3  ? 3.688  -5.367 3.182  1.00 0.00 ? 2  MK8 A CD   6  
HETATM 1036 C CE   . MK8 A 1 3  ? 3.515  -6.362 2.013  1.00 0.00 ? 2  MK8 A CE   6  
HETATM 1037 C CG   . MK8 A 1 3  ? 4.952  -4.540 3.338  1.00 0.00 ? 2  MK8 A CG   6  
HETATM 1038 C CB1  . MK8 A 1 3  ? 5.047  -1.219 3.766  1.00 0.00 ? 2  MK8 A CB1  6  
HETATM 1039 H H    . MK8 A 1 3  ? 4.166  -2.293 6.550  1.00 0.00 ? 2  MK8 A H    6  
HETATM 1040 H HB   . MK8 A 1 3  ? 4.334  -4.147 5.345  1.00 0.00 ? 2  MK8 A HB   6  
HETATM 1041 H HBA  . MK8 A 1 3  ? 5.819  -3.374 4.888  1.00 0.00 ? 2  MK8 A HBA  6  
HETATM 1042 H HD   . MK8 A 1 3  ? 2.863  -4.670 3.147  1.00 0.00 ? 2  MK8 A HD   6  
HETATM 1043 H HDA  . MK8 A 1 3  ? 3.584  -5.944 4.082  1.00 0.00 ? 2  MK8 A HDA  6  
HETATM 1044 H HE   . MK8 A 1 3  ? 3.667  -7.397 2.268  1.00 0.00 ? 2  MK8 A HE   6  
HETATM 1045 H HG   . MK8 A 1 3  ? 5.776  -5.199 3.499  1.00 0.00 ? 2  MK8 A HG   6  
HETATM 1046 H HGA  . MK8 A 1 3  ? 5.112  -3.955 2.452  1.00 0.00 ? 2  MK8 A HGA  6  
HETATM 1047 H HB1  . MK8 A 1 3  ? 4.629  -0.226 3.782  1.00 0.00 ? 2  MK8 A HB1  6  
HETATM 1048 H HB1A . MK8 A 1 3  ? 5.236  -1.513 2.746  1.00 0.00 ? 2  MK8 A HB1A 6  
HETATM 1049 H HB1B . MK8 A 1 3  ? 5.973  -1.233 4.321  1.00 0.00 ? 2  MK8 A HB1B 6  
ATOM   1050 N N    . ILE A 1 4  ? 1.807  -3.280 4.209  1.00 0.00 ? 3  ILE A N    6  
ATOM   1051 C CA   . ILE A 1 4  ? 0.467  -3.651 3.662  1.00 0.00 ? 3  ILE A CA   6  
ATOM   1052 C C    . ILE A 1 4  ? -0.365 -2.383 3.361  1.00 0.00 ? 3  ILE A C    6  
ATOM   1053 O O    . ILE A 1 4  ? -1.092 -2.351 2.360  1.00 0.00 ? 3  ILE A O    6  
ATOM   1054 C CB   . ILE A 1 4  ? -0.371 -4.644 4.580  1.00 0.00 ? 3  ILE A CB   6  
ATOM   1055 C CG1  . ILE A 1 4  ? 0.482  -5.755 5.257  1.00 0.00 ? 3  ILE A CG1  6  
ATOM   1056 C CG2  . ILE A 1 4  ? -1.442 -5.361 3.747  1.00 0.00 ? 3  ILE A CG2  6  
ATOM   1057 C CD1  . ILE A 1 4  ? 1.252  -5.306 6.482  1.00 0.00 ? 3  ILE A CD1  6  
ATOM   1058 H H    . ILE A 1 4  ? 2.117  -3.752 5.000  1.00 0.00 ? 3  ILE A H    6  
ATOM   1059 H HA   . ILE A 1 4  ? 0.662  -4.158 2.719  1.00 0.00 ? 3  ILE A HA   6  
ATOM   1060 H HB   . ILE A 1 4  ? -0.869 -4.054 5.343  1.00 0.00 ? 3  ILE A HB   6  
ATOM   1061 H HG12 . ILE A 1 4  ? -0.162 -6.570 5.558  1.00 0.00 ? 3  ILE A HG12 6  
ATOM   1062 H HG13 . ILE A 1 4  ? 1.195  -6.126 4.539  1.00 0.00 ? 3  ILE A HG13 6  
ATOM   1063 H HG21 . ILE A 1 4  ? -1.079 -6.340 3.460  1.00 0.00 ? 3  ILE A HG21 6  
ATOM   1064 H HG22 . ILE A 1 4  ? -1.646 -4.783 2.855  1.00 0.00 ? 3  ILE A HG22 6  
ATOM   1065 H HG23 . ILE A 1 4  ? -2.345 -5.459 4.324  1.00 0.00 ? 3  ILE A HG23 6  
ATOM   1066 H HD11 . ILE A 1 4  ? 0.621  -5.392 7.358  1.00 0.00 ? 3  ILE A HD11 6  
ATOM   1067 H HD12 . ILE A 1 4  ? 1.565  -4.283 6.353  1.00 0.00 ? 3  ILE A HD12 6  
ATOM   1068 H HD13 . ILE A 1 4  ? 2.122  -5.931 6.605  1.00 0.00 ? 3  ILE A HD13 6  
ATOM   1069 N N    . LEU A 1 5  ? -0.194 -1.352 4.251  1.00 0.00 ? 4  LEU A N    6  
ATOM   1070 C CA   . LEU A 1 5  ? -0.861 -0.040 4.157  1.00 0.00 ? 4  LEU A CA   6  
ATOM   1071 C C    . LEU A 1 5  ? -0.483 0.642  2.825  1.00 0.00 ? 4  LEU A C    6  
ATOM   1072 O O    . LEU A 1 5  ? -1.374 1.144  2.109  1.00 0.00 ? 4  LEU A O    6  
ATOM   1073 C CB   . LEU A 1 5  ? -0.437 0.811  5.395  1.00 0.00 ? 4  LEU A CB   6  
ATOM   1074 C CG   . LEU A 1 5  ? -1.056 2.207  5.559  1.00 0.00 ? 4  LEU A CG   6  
ATOM   1075 C CD1  . LEU A 1 5  ? -0.991 2.622  7.015  1.00 0.00 ? 4  LEU A CD1  6  
ATOM   1076 C CD2  . LEU A 1 5  ? -0.327 3.241  4.705  1.00 0.00 ? 4  LEU A CD2  6  
ATOM   1077 H H    . LEU A 1 5  ? 0.432  -1.492 4.993  1.00 0.00 ? 4  LEU A H    6  
ATOM   1078 H HA   . LEU A 1 5  ? -1.927 -0.202 4.181  1.00 0.00 ? 4  LEU A HA   6  
ATOM   1079 H HB2  . LEU A 1 5  ? -0.684 0.248  6.289  1.00 0.00 ? 4  LEU A HB2  6  
ATOM   1080 H HB3  . LEU A 1 5  ? 0.637  0.927  5.368  1.00 0.00 ? 4  LEU A HB3  6  
ATOM   1081 H HG   . LEU A 1 5  ? -2.094 2.184  5.255  1.00 0.00 ? 4  LEU A HG   6  
ATOM   1082 H HD11 . LEU A 1 5  ? -1.989 2.676  7.414  1.00 0.00 ? 4  LEU A HD11 6  
ATOM   1083 H HD12 . LEU A 1 5  ? -0.513 3.587  7.089  1.00 0.00 ? 4  LEU A HD12 6  
ATOM   1084 H HD13 . LEU A 1 5  ? -0.421 1.893  7.577  1.00 0.00 ? 4  LEU A HD13 6  
ATOM   1085 H HD21 . LEU A 1 5  ? -0.563 4.226  5.061  1.00 0.00 ? 4  LEU A HD21 6  
ATOM   1086 H HD22 . LEU A 1 5  ? -0.639 3.135  3.680  1.00 0.00 ? 4  LEU A HD22 6  
ATOM   1087 H HD23 . LEU A 1 5  ? 0.742  3.080  4.770  1.00 0.00 ? 4  LEU A HD23 6  
ATOM   1088 N N    . HIS A 1 6  ? 0.855  0.643  2.539  1.00 0.00 ? 5  HIS A N    6  
ATOM   1089 C CA   . HIS A 1 6  ? 1.461  1.238  1.337  1.00 0.00 ? 5  HIS A CA   6  
ATOM   1090 C C    . HIS A 1 6  ? 1.123  0.463  0.067  1.00 0.00 ? 5  HIS A C    6  
ATOM   1091 O O    . HIS A 1 6  ? 0.830  1.077  -0.966 1.00 0.00 ? 5  HIS A O    6  
ATOM   1092 C CB   . HIS A 1 6  ? 2.973  1.316  1.530  1.00 0.00 ? 5  HIS A CB   6  
ATOM   1093 C CG   . HIS A 1 6  ? 3.468  2.703  1.786  1.00 0.00 ? 5  HIS A CG   6  
ATOM   1094 N ND1  . HIS A 1 6  ? 3.566  3.654  0.790  1.00 0.00 ? 5  HIS A ND1  6  
ATOM   1095 C CD2  . HIS A 1 6  ? 3.869  3.310  2.930  1.00 0.00 ? 5  HIS A CD2  6  
ATOM   1096 C CE1  . HIS A 1 6  ? 4.013  4.782  1.308  1.00 0.00 ? 5  HIS A CE1  6  
ATOM   1097 N NE2  . HIS A 1 6  ? 4.201  4.599  2.604  1.00 0.00 ? 5  HIS A NE2  6  
ATOM   1098 H H    . HIS A 1 6  ? 1.461  0.223  3.187  1.00 0.00 ? 5  HIS A H    6  
ATOM   1099 H HA   . HIS A 1 6  ? 1.074  2.237  1.236  1.00 0.00 ? 5  HIS A HA   6  
ATOM   1100 H HB2  . HIS A 1 6  ? 3.240  0.710  2.374  1.00 0.00 ? 5  HIS A HB2  6  
ATOM   1101 H HB3  . HIS A 1 6  ? 3.470  0.938  0.650  1.00 0.00 ? 5  HIS A HB3  6  
ATOM   1102 H HD1  . HIS A 1 6  ? 3.326  3.525  -0.160 1.00 0.00 ? 5  HIS A HD1  6  
ATOM   1103 H HD2  . HIS A 1 6  ? 3.899  2.865  3.919  1.00 0.00 ? 5  HIS A HD2  6  
ATOM   1104 H HE1  . HIS A 1 6  ? 4.231  5.683  0.759  1.00 0.00 ? 5  HIS A HE1  6  
ATOM   1105 H HE2  . HIS A 1 6  ? 4.524  5.272  3.232  1.00 0.00 ? 5  HIS A HE2  6  
HETATM 1106 C C    . MK8 A 1 7  ? -0.492 -1.515 -1.599 1.00 0.00 ? 6  MK8 A C    6  
HETATM 1107 N N    . MK8 A 1 7  ? 1.188  -0.918 0.151  1.00 0.00 ? 6  MK8 A N    6  
HETATM 1108 O O    . MK8 A 1 7  ? -0.818 -1.897 -2.749 1.00 0.00 ? 6  MK8 A O    6  
HETATM 1109 C CA   . MK8 A 1 7  ? 0.908  -1.865 -0.990 1.00 0.00 ? 6  MK8 A CA   6  
HETATM 1110 C CB   . MK8 A 1 7  ? 0.820  -3.347 -0.496 1.00 0.00 ? 6  MK8 A CB   6  
HETATM 1111 C CD   . MK8 A 1 7  ? 2.908  -4.714 0.021  1.00 0.00 ? 6  MK8 A CD   6  
HETATM 1112 C CE   . MK8 A 1 7  ? 3.188  -6.096 0.696  1.00 0.00 ? 6  MK8 A CE   6  
HETATM 1113 C CG   . MK8 A 1 7  ? 1.818  -3.818 0.589  1.00 0.00 ? 6  MK8 A CG   6  
HETATM 1114 C CB1  . MK8 A 1 7  ? 2.030  -1.762 -2.051 1.00 0.00 ? 6  MK8 A CB1  6  
HETATM 1115 H H    . MK8 A 1 7  ? 1.444  -1.300 1.005  1.00 0.00 ? 6  MK8 A H    6  
HETATM 1116 H HB   . MK8 A 1 7  ? 0.938  -3.994 -1.352 1.00 0.00 ? 6  MK8 A HB   6  
HETATM 1117 H HBA  . MK8 A 1 7  ? -0.169 -3.496 -0.105 1.00 0.00 ? 6  MK8 A HBA  6  
HETATM 1118 H HD   . MK8 A 1 7  ? 3.832  -4.150 0.034  1.00 0.00 ? 6  MK8 A HD   6  
HETATM 1119 H HDA  . MK8 A 1 7  ? 2.653  -4.912 -1.008 1.00 0.00 ? 6  MK8 A HDA  6  
HETATM 1120 H HE   . MK8 A 1 7  ? 3.115  -6.958 0.055  1.00 0.00 ? 6  MK8 A HE   6  
HETATM 1121 H HG   . MK8 A 1 7  ? 1.273  -4.367 1.348  1.00 0.00 ? 6  MK8 A HG   6  
HETATM 1122 H HGA  . MK8 A 1 7  ? 2.277  -2.945 1.037  1.00 0.00 ? 6  MK8 A HGA  6  
HETATM 1123 H HB1  . MK8 A 1 7  ? 1.617  -1.361 -2.964 1.00 0.00 ? 6  MK8 A HB1  6  
HETATM 1124 H HB1A . MK8 A 1 7  ? 2.436  -2.740 -2.238 1.00 0.00 ? 6  MK8 A HB1A 6  
HETATM 1125 H HB1B . MK8 A 1 7  ? 2.819  -1.105 -1.692 1.00 0.00 ? 6  MK8 A HB1B 6  
ATOM   1126 N N    . LEU A 1 8  ? -1.330 -0.803 -0.748 1.00 0.00 ? 7  LEU A N    6  
ATOM   1127 C CA   . LEU A 1 8  ? -2.711 -0.379 -1.091 1.00 0.00 ? 7  LEU A CA   6  
ATOM   1128 C C    . LEU A 1 8  ? -2.731 0.940  -1.873 1.00 0.00 ? 7  LEU A C    6  
ATOM   1129 O O    . LEU A 1 8  ? -3.536 1.082  -2.803 1.00 0.00 ? 7  LEU A O    6  
ATOM   1130 C CB   . LEU A 1 8  ? -3.564 -0.210 0.193  1.00 0.00 ? 7  LEU A CB   6  
ATOM   1131 C CG   . LEU A 1 8  ? -5.098 -0.135 0.018  1.00 0.00 ? 7  LEU A CG   6  
ATOM   1132 C CD1  . LEU A 1 8  ? -5.724 -1.521 -0.181 1.00 0.00 ? 7  LEU A CD1  6  
ATOM   1133 C CD2  . LEU A 1 8  ? -5.728 0.561  1.218  1.00 0.00 ? 7  LEU A CD2  6  
ATOM   1134 H H    . LEU A 1 8  ? -0.996 -0.584 0.146  1.00 0.00 ? 7  LEU A H    6  
ATOM   1135 H HA   . LEU A 1 8  ? -3.151 -1.155 -1.697 1.00 0.00 ? 7  LEU A HA   6  
ATOM   1136 H HB2  . LEU A 1 8  ? -3.347 -1.035 0.850  1.00 0.00 ? 7  LEU A HB2  6  
ATOM   1137 H HB3  . LEU A 1 8  ? -3.245 0.703  0.675  1.00 0.00 ? 7  LEU A HB3  6  
ATOM   1138 H HG   . LEU A 1 8  ? -5.313 0.458  -0.853 1.00 0.00 ? 7  LEU A HG   6  
ATOM   1139 H HD11 . LEU A 1 8  ? -5.908 -1.970 0.782  1.00 0.00 ? 7  LEU A HD11 6  
ATOM   1140 H HD12 . LEU A 1 8  ? -5.049 -2.150 -0.748 1.00 0.00 ? 7  LEU A HD12 6  
ATOM   1141 H HD13 . LEU A 1 8  ? -6.658 -1.418 -0.711 1.00 0.00 ? 7  LEU A HD13 6  
ATOM   1142 H HD21 . LEU A 1 8  ? -5.330 0.142  2.130  1.00 0.00 ? 7  LEU A HD21 6  
ATOM   1143 H HD22 . LEU A 1 8  ? -6.796 0.418  1.192  1.00 0.00 ? 7  LEU A HD22 6  
ATOM   1144 H HD23 . LEU A 1 8  ? -5.509 1.618  1.184  1.00 0.00 ? 7  LEU A HD23 6  
ATOM   1145 N N    . LEU A 1 9  ? -1.843 1.903  -1.441 1.00 0.00 ? 8  LEU A N    6  
ATOM   1146 C CA   . LEU A 1 9  ? -1.720 3.257  -2.026 1.00 0.00 ? 8  LEU A CA   6  
ATOM   1147 C C    . LEU A 1 9  ? -0.959 3.245  -3.346 1.00 0.00 ? 8  LEU A C    6  
ATOM   1148 O O    . LEU A 1 9  ? -1.301 4.031  -4.246 1.00 0.00 ? 8  LEU A O    6  
ATOM   1149 C CB   . LEU A 1 9  ? -1.004 4.207  -1.026 1.00 0.00 ? 8  LEU A CB   6  
ATOM   1150 C CG   . LEU A 1 9  ? -1.527 4.250  0.441  1.00 0.00 ? 8  LEU A CG   6  
ATOM   1151 C CD1  . LEU A 1 9  ? -0.495 4.928  1.322  1.00 0.00 ? 8  LEU A CD1  6  
ATOM   1152 C CD2  . LEU A 1 9  ? -2.874 4.973  0.595  1.00 0.00 ? 8  LEU A CD2  6  
ATOM   1153 H H    . LEU A 1 9  ? -1.271 1.688  -0.681 1.00 0.00 ? 8  LEU A H    6  
ATOM   1154 H HA   . LEU A 1 9  ? -2.710 3.637  -2.199 1.00 0.00 ? 8  LEU A HA   6  
ATOM   1155 H HB2  . LEU A 1 9  ? 0.035  3.908  -0.987 1.00 0.00 ? 8  LEU A HB2  6  
ATOM   1156 H HB3  . LEU A 1 9  ? -1.042 5.204  -1.431 1.00 0.00 ? 8  LEU A HB3  6  
ATOM   1157 H HG   . LEU A 1 9  ? -1.656 3.232  0.796  1.00 0.00 ? 8  LEU A HG   6  
ATOM   1158 H HD11 . LEU A 1 9  ? -0.009 5.717  0.763  1.00 0.00 ? 8  LEU A HD11 6  
ATOM   1159 H HD12 . LEU A 1 9  ? 0.239  4.207  1.639  1.00 0.00 ? 8  LEU A HD12 6  
ATOM   1160 H HD13 . LEU A 1 9  ? -0.980 5.352  2.186  1.00 0.00 ? 8  LEU A HD13 6  
ATOM   1161 H HD21 . LEU A 1 9  ? -3.040 5.213  1.639  1.00 0.00 ? 8  LEU A HD21 6  
ATOM   1162 H HD22 . LEU A 1 9  ? -3.658 4.325  0.249  1.00 0.00 ? 8  LEU A HD22 6  
ATOM   1163 H HD23 . LEU A 1 9  ? -2.867 5.880  0.015  1.00 0.00 ? 8  LEU A HD23 6  
ATOM   1164 N N    . GLN A 1 10 ? 0.081  2.346  -3.423 1.00 0.00 ? 9  GLN A N    6  
ATOM   1165 C CA   . GLN A 1 10 ? 0.961  2.188  -4.597 1.00 0.00 ? 9  GLN A CA   6  
ATOM   1166 C C    . GLN A 1 10 ? 0.229  1.469  -5.729 1.00 0.00 ? 9  GLN A C    6  
ATOM   1167 O O    . GLN A 1 10 ? 0.402  1.837  -6.906 1.00 0.00 ? 9  GLN A O    6  
ATOM   1168 C CB   . GLN A 1 10 ? 2.245  1.423  -4.223 1.00 0.00 ? 9  GLN A CB   6  
ATOM   1169 C CG   . GLN A 1 10 ? 3.099  2.138  -3.186 1.00 0.00 ? 9  GLN A CG   6  
ATOM   1170 C CD   . GLN A 1 10 ? 4.346  1.357  -2.806 1.00 0.00 ? 9  GLN A CD   6  
ATOM   1171 O OE1  . GLN A 1 10 ? 4.260  0.212  -2.377 1.00 0.00 ? 9  GLN A OE1  6  
ATOM   1172 N NE2  . GLN A 1 10 ? 5.512  1.978  -2.969 1.00 0.00 ? 9  GLN A NE2  6  
ATOM   1173 H H    . GLN A 1 10 ? 0.261  1.787  -2.642 1.00 0.00 ? 9  GLN A H    6  
ATOM   1174 H HA   . GLN A 1 10 ? 1.228  3.182  -4.933 1.00 0.00 ? 9  GLN A HA   6  
ATOM   1175 H HB2  . GLN A 1 10 ? 1.976  0.455  -3.823 1.00 0.00 ? 9  GLN A HB2  6  
ATOM   1176 H HB3  . GLN A 1 10 ? 2.848  1.283  -5.113 1.00 0.00 ? 9  GLN A HB3  6  
ATOM   1177 H HG2  . GLN A 1 10 ? 3.407  3.086  -3.587 1.00 0.00 ? 9  GLN A HG2  6  
ATOM   1178 H HG3  . GLN A 1 10 ? 2.504  2.305  -2.301 1.00 0.00 ? 9  GLN A HG3  6  
ATOM   1179 H HE21 . GLN A 1 10 ? 5.503  2.888  -3.313 1.00 0.00 ? 9  GLN A HE21 6  
ATOM   1180 H HE22 . GLN A 1 10 ? 6.338  1.495  -2.746 1.00 0.00 ? 9  GLN A HE22 6  
ATOM   1181 N N    . ASP A 1 11 ? -0.599 0.443  -5.320 1.00 0.00 ? 10 ASP A N    6  
ATOM   1182 C CA   . ASP A 1 11 ? -1.402 -0.380 -6.245 1.00 0.00 ? 10 ASP A CA   6  
ATOM   1183 C C    . ASP A 1 11 ? -2.526 0.457  -6.859 1.00 0.00 ? 10 ASP A C    6  
ATOM   1184 O O    . ASP A 1 11 ? -2.728 0.430  -8.094 1.00 0.00 ? 10 ASP A O    6  
ATOM   1185 C CB   . ASP A 1 11 ? -1.981 -1.612 -5.529 1.00 0.00 ? 10 ASP A CB   6  
ATOM   1186 C CG   . ASP A 1 11 ? -2.626 -2.596 -6.501 1.00 0.00 ? 10 ASP A CG   6  
ATOM   1187 O OD1  . ASP A 1 11 ? -3.587 -2.198 -7.195 1.00 0.00 ? 10 ASP A OD1  6  
ATOM   1188 O OD2  . ASP A 1 11 ? -2.155 -3.754 -6.589 1.00 0.00 ? 10 ASP A OD2  6  
ATOM   1189 H H    . ASP A 1 11 ? -0.658 0.256  -4.364 1.00 0.00 ? 10 ASP A H    6  
ATOM   1190 H HA   . ASP A 1 11 ? -0.744 -0.717 -7.035 1.00 0.00 ? 10 ASP A HA   6  
ATOM   1191 H HB2  . ASP A 1 11 ? -1.188 -2.124 -5.015 1.00 0.00 ? 10 ASP A HB2  6  
ATOM   1192 H HB3  . ASP A 1 11 ? -2.721 -1.296 -4.819 1.00 0.00 ? 10 ASP A HB3  6  
ATOM   1193 N N    . SER A 1 12 ? -3.239 1.212  -5.958 1.00 0.00 ? 11 SER A N    6  
ATOM   1194 C CA   . SER A 1 12 ? -4.358 2.103  -6.309 1.00 0.00 ? 11 SER A CA   6  
ATOM   1195 C C    . SER A 1 12 ? -3.893 3.228  -7.230 1.00 0.00 ? 11 SER A C    6  
ATOM   1196 O O    . SER A 1 12 ? -4.665 3.729  -8.036 1.00 0.00 ? 11 SER A O    6  
ATOM   1197 C CB   . SER A 1 12 ? -4.980 2.686  -5.031 1.00 0.00 ? 11 SER A CB   6  
ATOM   1198 O OG   . SER A 1 12 ? -5.579 1.673  -4.252 1.00 0.00 ? 11 SER A OG   6  
ATOM   1199 H H    . SER A 1 12 ? -2.986 1.158  -5.017 1.00 0.00 ? 11 SER A H    6  
ATOM   1200 H HA   . SER A 1 12 ? -5.109 1.507  -6.821 1.00 0.00 ? 11 SER A HA   6  
ATOM   1201 H HB2  . SER A 1 12 ? -4.224 3.171  -4.436 1.00 0.00 ? 11 SER A HB2  6  
ATOM   1202 H HB3  . SER A 1 12 ? -5.739 3.403  -5.300 1.00 0.00 ? 11 SER A HB3  6  
ATOM   1203 H HG   . SER A 1 12 ? -6.230 2.064  -3.664 1.00 0.00 ? 11 SER A HG   6  
HETATM 1204 N N    . NH2 A 1 13 ? -2.651 3.677  -7.052 1.00 0.00 ? 12 NH2 A N    6  
HETATM 1205 H HN1  . NH2 A 1 13 ? -2.110 3.272  -6.347 1.00 0.00 ? 12 NH2 A HN1  6  
HETATM 1206 H HN2  . NH2 A 1 13 ? -2.324 4.386  -7.638 1.00 0.00 ? 12 NH2 A HN2  6  
HETATM 1207 C C    . ACE A 1 1  ? 2.618  -2.946 9.062  1.00 0.00 ? 0  ACE A C    7  
HETATM 1208 O O    . ACE A 1 1  ? 1.373  -2.924 9.114  1.00 0.00 ? 0  ACE A O    7  
HETATM 1209 C CH3  . ACE A 1 1  ? 3.362  -4.105 9.676  1.00 0.00 ? 0  ACE A CH3  7  
HETATM 1210 H H1   . ACE A 1 1  ? 4.247  -4.321 9.093  1.00 0.00 ? 0  ACE A H1   7  
HETATM 1211 H H2   . ACE A 1 1  ? 2.717  -4.969 9.696  1.00 0.00 ? 0  ACE A H2   7  
HETATM 1212 H H3   . ACE A 1 1  ? 3.652  -3.850 10.686 1.00 0.00 ? 0  ACE A H3   7  
ATOM   1213 N N    . HIS A 1 2  ? 3.413  -1.989 8.486  1.00 0.00 ? 1  HIS A N    7  
ATOM   1214 C CA   . HIS A 1 2  ? 2.898  -0.767 7.836  1.00 0.00 ? 1  HIS A CA   7  
ATOM   1215 C C    . HIS A 1 2  ? 2.971  -0.872 6.314  1.00 0.00 ? 1  HIS A C    7  
ATOM   1216 O O    . HIS A 1 2  ? 2.192  -0.207 5.623  1.00 0.00 ? 1  HIS A O    7  
ATOM   1217 C CB   . HIS A 1 2  ? 3.703  0.457  8.299  1.00 0.00 ? 1  HIS A CB   7  
ATOM   1218 C CG   . HIS A 1 2  ? 2.962  1.750  8.204  1.00 0.00 ? 1  HIS A CG   7  
ATOM   1219 N ND1  . HIS A 1 2  ? 2.020  2.157  9.124  1.00 0.00 ? 1  HIS A ND1  7  
ATOM   1220 C CD2  . HIS A 1 2  ? 3.037  2.741  7.292  1.00 0.00 ? 1  HIS A CD2  7  
ATOM   1221 C CE1  . HIS A 1 2  ? 1.552  3.345  8.781  1.00 0.00 ? 1  HIS A CE1  7  
ATOM   1222 N NE2  . HIS A 1 2  ? 2.157  3.717  7.671  1.00 0.00 ? 1  HIS A NE2  7  
ATOM   1223 H H    . HIS A 1 2  ? 4.388  -2.125 8.516  1.00 0.00 ? 1  HIS A H    7  
ATOM   1224 H HA   . HIS A 1 2  ? 1.867  -0.635 8.122  1.00 0.00 ? 1  HIS A HA   7  
ATOM   1225 H HB2  . HIS A 1 2  ? 3.992  0.323  9.326  1.00 0.00 ? 1  HIS A HB2  7  
ATOM   1226 H HB3  . HIS A 1 2  ? 4.594  0.545  7.690  1.00 0.00 ? 1  HIS A HB3  7  
ATOM   1227 H HD1  . HIS A 1 2  ? 1.742  1.653  9.911  1.00 0.00 ? 1  HIS A HD1  7  
ATOM   1228 H HD2  . HIS A 1 2  ? 3.663  2.749  6.414  1.00 0.00 ? 1  HIS A HD2  7  
ATOM   1229 H HE1  . HIS A 1 2  ? 0.799  3.912  9.306  1.00 0.00 ? 1  HIS A HE1  7  
ATOM   1230 H HE2  . HIS A 1 2  ? 2.025  4.566  7.218  1.00 0.00 ? 1  HIS A HE2  7  
HETATM 1231 C C    . MK8 A 1 3  ? 2.851  -2.122 3.540  1.00 0.00 ? 2  MK8 A C    7  
HETATM 1232 N N    . MK8 A 1 3  ? 3.965  -1.709 5.786  1.00 0.00 ? 2  MK8 A N    7  
HETATM 1233 O O    . MK8 A 1 3  ? 2.629  -1.640 2.408  1.00 0.00 ? 2  MK8 A O    7  
HETATM 1234 C CA   . MK8 A 1 3  ? 4.223  -1.898 4.313  1.00 0.00 ? 2  MK8 A CA   7  
HETATM 1235 C CB   . MK8 A 1 3  ? 5.278  -3.067 4.085  1.00 0.00 ? 2  MK8 A CB   7  
HETATM 1236 C CD   . MK8 A 1 3  ? 4.161  -4.903 2.680  1.00 0.00 ? 2  MK8 A CD   7  
HETATM 1237 C CE   . MK8 A 1 3  ? 3.316  -6.167 2.586  1.00 0.00 ? 2  MK8 A CE   7  
HETATM 1238 C CG   . MK8 A 1 3  ? 4.837  -4.558 4.021  1.00 0.00 ? 2  MK8 A CG   7  
HETATM 1239 C CB1  . MK8 A 1 3  ? 4.976  -0.629 3.840  1.00 0.00 ? 2  MK8 A CB1  7  
HETATM 1240 H H    . MK8 A 1 3  ? 4.546  -2.173 6.414  1.00 0.00 ? 2  MK8 A H    7  
HETATM 1241 H HB   . MK8 A 1 3  ? 6.010  -2.990 4.879  1.00 0.00 ? 2  MK8 A HB   7  
HETATM 1242 H HBA  . MK8 A 1 3  ? 5.784  -2.866 3.161  1.00 0.00 ? 2  MK8 A HBA  7  
HETATM 1243 H HD   . MK8 A 1 3  ? 4.932  -4.964 1.931  1.00 0.00 ? 2  MK8 A HD   7  
HETATM 1244 H HDA  . MK8 A 1 3  ? 3.520  -4.081 2.424  1.00 0.00 ? 2  MK8 A HDA  7  
HETATM 1245 H HE   . MK8 A 1 3  ? 3.642  -7.006 3.183  1.00 0.00 ? 2  MK8 A HE   7  
HETATM 1246 H HG   . MK8 A 1 3  ? 4.160  -4.760 4.826  1.00 0.00 ? 2  MK8 A HG   7  
HETATM 1247 H HGA  . MK8 A 1 3  ? 5.719  -5.175 4.133  1.00 0.00 ? 2  MK8 A HGA  7  
HETATM 1248 H HB1  . MK8 A 1 3  ? 5.694  -0.339 4.595  1.00 0.00 ? 2  MK8 A HB1  7  
HETATM 1249 H HB1A . MK8 A 1 3  ? 4.274  0.173  3.681  1.00 0.00 ? 2  MK8 A HB1A 7  
HETATM 1250 H HB1B . MK8 A 1 3  ? 5.496  -0.845 2.920  1.00 0.00 ? 2  MK8 A HB1B 7  
ATOM   1251 N N    . ILE A 1 4  ? 1.972  -2.968 4.206  1.00 0.00 ? 3  ILE A N    7  
ATOM   1252 C CA   . ILE A 1 4  ? 0.640  -3.395 3.687  1.00 0.00 ? 3  ILE A CA   7  
ATOM   1253 C C    . ILE A 1 4  ? -0.194 -2.160 3.308  1.00 0.00 ? 3  ILE A C    7  
ATOM   1254 O O    . ILE A 1 4  ? -0.753 -2.095 2.202  1.00 0.00 ? 3  ILE A O    7  
ATOM   1255 C CB   . ILE A 1 4  ? -0.203 -4.299 4.688  1.00 0.00 ? 3  ILE A CB   7  
ATOM   1256 C CG1  . ILE A 1 4  ? 0.638  -5.311 5.502  1.00 0.00 ? 3  ILE A CG1  7  
ATOM   1257 C CG2  . ILE A 1 4  ? -1.256 -5.109 3.922  1.00 0.00 ? 3  ILE A CG2  7  
ATOM   1258 C CD1  . ILE A 1 4  ? 1.363  -4.723 6.690  1.00 0.00 ? 3  ILE A CD1  7  
ATOM   1259 H H    . ILE A 1 4  ? 2.266  -3.345 5.056  1.00 0.00 ? 3  ILE A H    7  
ATOM   1260 H HA   . ILE A 1 4  ? 0.818  -3.969 2.789  1.00 0.00 ? 3  ILE A HA   7  
ATOM   1261 H HB   . ILE A 1 4  ? -0.718 -3.640 5.373  1.00 0.00 ? 3  ILE A HB   7  
ATOM   1262 H HG12 . ILE A 1 4  ? -0.013 -6.086 5.870  1.00 0.00 ? 3  ILE A HG12 7  
ATOM   1263 H HG13 . ILE A 1 4  ? 1.375  -5.749 4.856  1.00 0.00 ? 3  ILE A HG13 7  
ATOM   1264 H HG21 . ILE A 1 4  ? -1.185 -6.149 4.205  1.00 0.00 ? 3  ILE A HG21 7  
ATOM   1265 H HG22 . ILE A 1 4  ? -1.080 -5.010 2.864  1.00 0.00 ? 3  ILE A HG22 7  
ATOM   1266 H HG23 . ILE A 1 4  ? -2.245 -4.737 4.162  1.00 0.00 ? 3  ILE A HG23 7  
ATOM   1267 H HD11 . ILE A 1 4  ? 2.166  -5.379 6.982  1.00 0.00 ? 3  ILE A HD11 7  
ATOM   1268 H HD12 . ILE A 1 4  ? 0.676  -4.604 7.514  1.00 0.00 ? 3  ILE A HD12 7  
ATOM   1269 H HD13 . ILE A 1 4  ? 1.770  -3.761 6.417  1.00 0.00 ? 3  ILE A HD13 7  
ATOM   1270 N N    . LEU A 1 5  ? -0.229 -1.177 4.263  1.00 0.00 ? 4  LEU A N    7  
ATOM   1271 C CA   . LEU A 1 5  ? -0.941 0.115  4.134  1.00 0.00 ? 4  LEU A CA   7  
ATOM   1272 C C    . LEU A 1 5  ? -0.528 0.827  2.840  1.00 0.00 ? 4  LEU A C    7  
ATOM   1273 O O    . LEU A 1 5  ? -1.352 1.499  2.193  1.00 0.00 ? 4  LEU A O    7  
ATOM   1274 C CB   . LEU A 1 5  ? -0.577 0.949  5.372  1.00 0.00 ? 4  LEU A CB   7  
ATOM   1275 C CG   . LEU A 1 5  ? -1.282 2.300  5.580  1.00 0.00 ? 4  LEU A CG   7  
ATOM   1276 C CD1  . LEU A 1 5  ? -1.245 2.649  7.048  1.00 0.00 ? 4  LEU A CD1  7  
ATOM   1277 C CD2  . LEU A 1 5  ? -0.600 3.401  4.768  1.00 0.00 ? 4  LEU A CD2  7  
ATOM   1278 H H    . LEU A 1 5  ? 0.274  -1.338 5.094  1.00 0.00 ? 4  LEU A H    7  
ATOM   1279 H HA   . LEU A 1 5  ? -2.005 -0.067 4.127  1.00 0.00 ? 4  LEU A HA   7  
ATOM   1280 H HB2  . LEU A 1 5  ? -0.776 0.339  6.240  1.00 0.00 ? 4  LEU A HB2  7  
ATOM   1281 H HB3  . LEU A 1 5  ? 0.486  1.133  5.333  1.00 0.00 ? 4  LEU A HB3  7  
ATOM   1282 H HG   . LEU A 1 5  ? -2.314 2.230  5.273  1.00 0.00 ? 4  LEU A HG   7  
ATOM   1283 H HD11 . LEU A 1 5  ? -0.229 2.552  7.408  1.00 0.00 ? 4  LEU A HD11 7  
ATOM   1284 H HD12 . LEU A 1 5  ? -1.890 1.975  7.596  1.00 0.00 ? 4  LEU A HD12 7  
ATOM   1285 H HD13 . LEU A 1 5  ? -1.577 3.662  7.184  1.00 0.00 ? 4  LEU A HD13 7  
ATOM   1286 H HD21 . LEU A 1 5  ? -1.135 4.328  4.904  1.00 0.00 ? 4  LEU A HD21 7  
ATOM   1287 H HD22 . LEU A 1 5  ? -0.601 3.132  3.717  1.00 0.00 ? 4  LEU A HD22 7  
ATOM   1288 H HD23 . LEU A 1 5  ? 0.421  3.514  5.108  1.00 0.00 ? 4  LEU A HD23 7  
ATOM   1289 N N    . HIS A 1 6  ? 0.782  0.642  2.521  1.00 0.00 ? 5  HIS A N    7  
ATOM   1290 C CA   . HIS A 1 6  ? 1.451  1.207  1.352  1.00 0.00 ? 5  HIS A CA   7  
ATOM   1291 C C    . HIS A 1 6  ? 1.152  0.423  0.075  1.00 0.00 ? 5  HIS A C    7  
ATOM   1292 O O    . HIS A 1 6  ? 0.936  1.043  -0.978 1.00 0.00 ? 5  HIS A O    7  
ATOM   1293 C CB   . HIS A 1 6  ? 2.946  1.251  1.608  1.00 0.00 ? 5  HIS A CB   7  
ATOM   1294 C CG   . HIS A 1 6  ? 3.453  2.619  1.944  1.00 0.00 ? 5  HIS A CG   7  
ATOM   1295 N ND1  . HIS A 1 6  ? 3.654  3.604  0.994  1.00 0.00 ? 5  HIS A ND1  7  
ATOM   1296 C CD2  . HIS A 1 6  ? 3.783  3.180  3.137  1.00 0.00 ? 5  HIS A CD2  7  
ATOM   1297 C CE1  . HIS A 1 6  ? 4.090  4.702  1.587  1.00 0.00 ? 5  HIS A CE1  7  
ATOM   1298 N NE2  . HIS A 1 6  ? 4.180  4.472  2.885  1.00 0.00 ? 5  HIS A NE2  7  
ATOM   1299 H H    . HIS A 1 6  ? 1.315  0.094  3.130  1.00 0.00 ? 5  HIS A H    7  
ATOM   1300 H HA   . HIS A 1 6  ? 1.104  2.219  1.227  1.00 0.00 ? 5  HIS A HA   7  
ATOM   1301 H HB2  . HIS A 1 6  ? 3.172  0.603  2.437  1.00 0.00 ? 5  HIS A HB2  7  
ATOM   1302 H HB3  . HIS A 1 6  ? 3.461  0.901  0.728  1.00 0.00 ? 5  HIS A HB3  7  
ATOM   1303 H HD1  . HIS A 1 6  ? 3.495  3.512  0.032  1.00 0.00 ? 5  HIS A HD1  7  
ATOM   1304 H HD2  . HIS A 1 6  ? 3.713  2.705  4.114  1.00 0.00 ? 5  HIS A HD2  7  
ATOM   1305 H HE1  . HIS A 1 6  ? 4.324  5.633  1.094  1.00 0.00 ? 5  HIS A HE1  7  
ATOM   1306 H HE2  . HIS A 1 6  ? 4.575  5.083  3.542  1.00 0.00 ? 5  HIS A HE2  7  
HETATM 1307 C C    . MK8 A 1 7  ? -0.528 -1.540 -1.576 1.00 0.00 ? 6  MK8 A C    7  
HETATM 1308 N N    . MK8 A 1 7  ? 1.149  -0.968 0.178  1.00 0.00 ? 6  MK8 A N    7  
HETATM 1309 O O    . MK8 A 1 7  ? -0.864 -1.929 -2.727 1.00 0.00 ? 6  MK8 A O    7  
HETATM 1310 C CA   . MK8 A 1 7  ? 0.873  -1.905 -0.970 1.00 0.00 ? 6  MK8 A CA   7  
HETATM 1311 C CB   . MK8 A 1 7  ? 0.766  -3.383 -0.492 1.00 0.00 ? 6  MK8 A CB   7  
HETATM 1312 C CD   . MK8 A 1 7  ? 1.415  -5.382 0.851  1.00 0.00 ? 6  MK8 A CD   7  
HETATM 1313 C CE   . MK8 A 1 7  ? 2.185  -6.359 1.830  1.00 0.00 ? 6  MK8 A CE   7  
HETATM 1314 C CG   . MK8 A 1 7  ? 1.786  -3.924 0.542  1.00 0.00 ? 6  MK8 A CG   7  
HETATM 1315 C CB1  . MK8 A 1 7  ? 1.995  -1.810 -2.049 1.00 0.00 ? 6  MK8 A CB1  7  
HETATM 1316 H H    . MK8 A 1 7  ? 1.330  -1.358 1.045  1.00 0.00 ? 6  MK8 A H    7  
HETATM 1317 H HB   . MK8 A 1 7  ? 0.842  -4.007 -1.376 1.00 0.00 ? 6  MK8 A HB   7  
HETATM 1318 H HBA  . MK8 A 1 7  ? -0.220 -3.524 -0.071 1.00 0.00 ? 6  MK8 A HBA  7  
HETATM 1319 H HD   . MK8 A 1 7  ? 1.363  -5.883 -0.112 1.00 0.00 ? 6  MK8 A HD   7  
HETATM 1320 H HDA  . MK8 A 1 7  ? 0.414  -5.344 1.226  1.00 0.00 ? 6  MK8 A HDA  7  
HETATM 1321 H HE   . MK8 A 1 7  ? 1.750  -7.339 1.920  1.00 0.00 ? 6  MK8 A HE   7  
HETATM 1322 H HG   . MK8 A 1 7  ? 1.733  -3.346 1.449  1.00 0.00 ? 6  MK8 A HG   7  
HETATM 1323 H HGA  . MK8 A 1 7  ? 2.780  -3.876 0.127  1.00 0.00 ? 6  MK8 A HGA  7  
HETATM 1324 H HB1  . MK8 A 1 7  ? 2.955  -2.008 -1.591 1.00 0.00 ? 6  MK8 A HB1  7  
HETATM 1325 H HB1A . MK8 A 1 7  ? 1.997  -0.817 -2.481 1.00 0.00 ? 6  MK8 A HB1A 7  
HETATM 1326 H HB1B . MK8 A 1 7  ? 1.807  -2.532 -2.823 1.00 0.00 ? 6  MK8 A HB1B 7  
ATOM   1327 N N    . LEU A 1 8  ? -1.348 -0.817 -0.724 1.00 0.00 ? 7  LEU A N    7  
ATOM   1328 C CA   . LEU A 1 8  ? -2.722 -0.388 -1.055 1.00 0.00 ? 7  LEU A CA   7  
ATOM   1329 C C    . LEU A 1 8  ? -2.728 0.930  -1.835 1.00 0.00 ? 7  LEU A C    7  
ATOM   1330 O O    . LEU A 1 8  ? -3.580 1.109  -2.727 1.00 0.00 ? 7  LEU A O    7  
ATOM   1331 C CB   . LEU A 1 8  ? -3.568 -0.238 0.233  1.00 0.00 ? 7  LEU A CB   7  
ATOM   1332 C CG   . LEU A 1 8  ? -5.096 -0.131 0.046  1.00 0.00 ? 7  LEU A CG   7  
ATOM   1333 C CD1  . LEU A 1 8  ? -5.739 -1.516 -0.117 1.00 0.00 ? 7  LEU A CD1  7  
ATOM   1334 C CD2  . LEU A 1 8  ? -5.723 0.604  1.211  1.00 0.00 ? 7  LEU A CD2  7  
ATOM   1335 H H    . LEU A 1 8  ? -0.994 -0.604 0.167  1.00 0.00 ? 7  LEU A H    7  
ATOM   1336 H HA   . LEU A 1 8  ? -3.161 -1.155 -1.676 1.00 0.00 ? 7  LEU A HA   7  
ATOM   1337 H HB2  . LEU A 1 8  ? -3.376 -1.087 0.881  1.00 0.00 ? 7  LEU A HB2  7  
ATOM   1338 H HB3  . LEU A 1 8  ? -3.232 0.649  0.740  1.00 0.00 ? 7  LEU A HB3  7  
ATOM   1339 H HG   . LEU A 1 8  ? -5.302 0.442  -0.847 1.00 0.00 ? 7  LEU A HG   7  
ATOM   1340 H HD11 . LEU A 1 8  ? -6.054 -1.650 -1.143 1.00 0.00 ? 7  LEU A HD11 7  
ATOM   1341 H HD12 . LEU A 1 8  ? -6.596 -1.601 0.536  1.00 0.00 ? 7  LEU A HD12 7  
ATOM   1342 H HD13 . LEU A 1 8  ? -5.018 -2.274 0.143  1.00 0.00 ? 7  LEU A HD13 7  
ATOM   1343 H HD21 . LEU A 1 8  ? -5.738 -0.040 2.072  1.00 0.00 ? 7  LEU A HD21 7  
ATOM   1344 H HD22 . LEU A 1 8  ? -6.731 0.889  0.944  1.00 0.00 ? 7  LEU A HD22 7  
ATOM   1345 H HD23 . LEU A 1 8  ? -5.151 1.494  1.430  1.00 0.00 ? 7  LEU A HD23 7  
ATOM   1346 N N    . LEU A 1 9  ? -1.794 1.845  -1.432 1.00 0.00 ? 8  LEU A N    7  
ATOM   1347 C CA   . LEU A 1 9  ? -1.656 3.201  -2.001 1.00 0.00 ? 8  LEU A CA   7  
ATOM   1348 C C    . LEU A 1 9  ? -0.966 3.206  -3.353 1.00 0.00 ? 8  LEU A C    7  
ATOM   1349 O O    . LEU A 1 9  ? -1.406 3.952  -4.246 1.00 0.00 ? 8  LEU A O    7  
ATOM   1350 C CB   . LEU A 1 9  ? -0.877 4.117  -1.025 1.00 0.00 ? 8  LEU A CB   7  
ATOM   1351 C CG   . LEU A 1 9  ? -1.329 4.144  0.456  1.00 0.00 ? 8  LEU A CG   7  
ATOM   1352 C CD1  . LEU A 1 9  ? -0.238 4.783  1.287  1.00 0.00 ? 8  LEU A CD1  7  
ATOM   1353 C CD2  . LEU A 1 9  ? -2.637 4.909  0.695  1.00 0.00 ? 8  LEU A CD2  7  
ATOM   1354 H H    . LEU A 1 9  ? -1.210 1.598  -0.690 1.00 0.00 ? 8  LEU A H    7  
ATOM   1355 H HA   . LEU A 1 9  ? -2.648 3.604  -2.126 1.00 0.00 ? 8  LEU A HA   7  
ATOM   1356 H HB2  . LEU A 1 9  ? 0.158  3.801  -1.040 1.00 0.00 ? 8  LEU A HB2  7  
ATOM   1357 H HB3  . LEU A 1 9  ? -0.923 5.129  -1.409 1.00 0.00 ? 8  LEU A HB3  7  
ATOM   1358 H HG   . LEU A 1 9  ? -1.462 3.130  0.805  1.00 0.00 ? 8  LEU A HG   7  
ATOM   1359 H HD11 . LEU A 1 9  ? 0.208  5.599  0.730  1.00 0.00 ? 8  LEU A HD11 7  
ATOM   1360 H HD12 . LEU A 1 9  ? 0.519  4.046  1.518  1.00 0.00 ? 8  LEU A HD12 7  
ATOM   1361 H HD13 . LEU A 1 9  ? -0.666 5.164  2.199  1.00 0.00 ? 8  LEU A HD13 7  
ATOM   1362 H HD21 . LEU A 1 9  ? -2.479 5.953  0.502  1.00 0.00 ? 8  LEU A HD21 7  
ATOM   1363 H HD22 . LEU A 1 9  ? -2.946 4.774  1.722  1.00 0.00 ? 8  LEU A HD22 7  
ATOM   1364 H HD23 . LEU A 1 9  ? -3.403 4.531  0.033  1.00 0.00 ? 8  LEU A HD23 7  
ATOM   1365 N N    . GLN A 1 10 ? 0.120  2.368  -3.472 1.00 0.00 ? 9  GLN A N    7  
ATOM   1366 C CA   . GLN A 1 10 ? 0.940  2.250  -4.692 1.00 0.00 ? 9  GLN A CA   7  
ATOM   1367 C C    . GLN A 1 10 ? 0.199  1.482  -5.784 1.00 0.00 ? 9  GLN A C    7  
ATOM   1368 O O    . GLN A 1 10 ? 0.366  1.799  -6.981 1.00 0.00 ? 9  GLN A O    7  
ATOM   1369 C CB   . GLN A 1 10 ? 2.289  1.581  -4.387 1.00 0.00 ? 9  GLN A CB   7  
ATOM   1370 C CG   . GLN A 1 10 ? 3.185  2.409  -3.478 1.00 0.00 ? 9  GLN A CG   7  
ATOM   1371 C CD   . GLN A 1 10 ? 4.666  2.175  -3.733 1.00 0.00 ? 9  GLN A CD   7  
ATOM   1372 O OE1  . GLN A 1 10 ? 5.141  2.265  -4.865 1.00 0.00 ? 9  GLN A OE1  7  
ATOM   1373 N NE2  . GLN A 1 10 ? 5.422  1.915  -2.673 1.00 0.00 ? 9  GLN A NE2  7  
ATOM   1374 H H    . GLN A 1 10 ? 0.367  1.828  -2.698 1.00 0.00 ? 9  GLN A H    7  
ATOM   1375 H HA   . GLN A 1 10 ? 1.128  3.253  -5.038 1.00 0.00 ? 9  GLN A HA   7  
ATOM   1376 H HB2  . GLN A 1 10 ? 2.105  0.634  -3.908 1.00 0.00 ? 9  GLN A HB2  7  
ATOM   1377 H HB3  . GLN A 1 10 ? 2.811  1.409  -5.319 1.00 0.00 ? 9  GLN A HB3  7  
ATOM   1378 H HG2  . GLN A 1 10 ? 2.965  3.451  -3.634 1.00 0.00 ? 9  GLN A HG2  7  
ATOM   1379 H HG3  . GLN A 1 10 ? 2.971  2.151  -2.444 1.00 0.00 ? 9  GLN A HG3  7  
ATOM   1380 H HE21 . GLN A 1 10 ? 4.997  1.887  -1.791 1.00 0.00 ? 9  GLN A HE21 7  
ATOM   1381 H HE22 . GLN A 1 10 ? 6.379  1.769  -2.821 1.00 0.00 ? 9  GLN A HE22 7  
ATOM   1382 N N    . ASP A 1 11 ? -0.629 0.476  -5.336 1.00 0.00 ? 10 ASP A N    7  
ATOM   1383 C CA   . ASP A 1 11 ? -1.443 -0.388 -6.223 1.00 0.00 ? 10 ASP A CA   7  
ATOM   1384 C C    . ASP A 1 11 ? -2.572 0.414  -6.851 1.00 0.00 ? 10 ASP A C    7  
ATOM   1385 O O    . ASP A 1 11 ? -2.827 0.295  -8.069 1.00 0.00 ? 10 ASP A O    7  
ATOM   1386 C CB   . ASP A 1 11 ? -2.018 -1.566 -5.440 1.00 0.00 ? 10 ASP A CB   7  
ATOM   1387 C CG   . ASP A 1 11 ? -2.680 -2.603 -6.332 1.00 0.00 ? 10 ASP A CG   7  
ATOM   1388 O OD1  . ASP A 1 11 ? -3.619 -2.240 -7.069 1.00 0.00 ? 10 ASP A OD1  7  
ATOM   1389 O OD2  . ASP A 1 11 ? -2.258 -3.778 -6.287 1.00 0.00 ? 10 ASP A OD2  7  
ATOM   1390 H H    . ASP A 1 11 ? -0.684 0.329  -4.367 1.00 0.00 ? 10 ASP A H    7  
ATOM   1391 H HA   . ASP A 1 11 ? -0.803 -0.758 -7.007 1.00 0.00 ? 10 ASP A HA   7  
ATOM   1392 H HB2  . ASP A 1 11 ? -1.231 -2.049 -4.879 1.00 0.00 ? 10 ASP A HB2  7  
ATOM   1393 H HB3  . ASP A 1 11 ? -2.757 -1.190 -4.753 1.00 0.00 ? 10 ASP A HB3  7  
ATOM   1394 N N    . SER A 1 12 ? -3.235 1.233  -5.974 1.00 0.00 ? 11 SER A N    7  
ATOM   1395 C CA   . SER A 1 12 ? -4.369 2.115  -6.351 1.00 0.00 ? 11 SER A CA   7  
ATOM   1396 C C    . SER A 1 12 ? -3.958 3.141  -7.421 1.00 0.00 ? 11 SER A C    7  
ATOM   1397 O O    . SER A 1 12 ? -4.796 3.642  -8.176 1.00 0.00 ? 11 SER A O    7  
ATOM   1398 C CB   . SER A 1 12 ? -4.913 2.837  -5.121 1.00 0.00 ? 11 SER A CB   7  
ATOM   1399 O OG   . SER A 1 12 ? -5.529 1.937  -4.226 1.00 0.00 ? 11 SER A OG   7  
ATOM   1400 H H    . SER A 1 12 ? -2.934 1.230  -5.040 1.00 0.00 ? 11 SER A H    7  
ATOM   1401 H HA   . SER A 1 12 ? -5.149 1.488  -6.760 1.00 0.00 ? 11 SER A HA   7  
ATOM   1402 H HB2  . SER A 1 12 ? -4.107 3.337  -4.603 1.00 0.00 ? 11 SER A HB2  7  
ATOM   1403 H HB3  . SER A 1 12 ? -5.638 3.563  -5.438 1.00 0.00 ? 11 SER A HB3  7  
ATOM   1404 H HG   . SER A 1 12 ? -6.472 1.899  -4.417 1.00 0.00 ? 11 SER A HG   7  
HETATM 1405 N N    . NH2 A 1 13 ? -2.708 3.595  -7.361 1.00 0.00 ? 12 NH2 A N    7  
HETATM 1406 H HN1  . NH2 A 1 13 ? -2.128 3.259  -6.656 1.00 0.00 ? 12 NH2 A HN1  7  
HETATM 1407 H HN2  . NH2 A 1 13 ? -2.423 4.248  -8.036 1.00 0.00 ? 12 NH2 A HN2  7  
HETATM 1408 C C    . ACE A 1 1  ? 2.085  -2.376 8.690  1.00 0.00 ? 0  ACE A C    8  
HETATM 1409 O O    . ACE A 1 1  ? 0.909  -2.398 8.284  1.00 0.00 ? 0  ACE A O    8  
HETATM 1410 C CH3  . ACE A 1 1  ? 2.577  -3.491 9.587  1.00 0.00 ? 0  ACE A CH3  8  
HETATM 1411 H H1   . ACE A 1 1  ? 3.064  -4.242 8.987  1.00 0.00 ? 0  ACE A H1   8  
HETATM 1412 H H2   . ACE A 1 1  ? 1.742  -3.932 10.120 1.00 0.00 ? 0  ACE A H2   8  
HETATM 1413 H H3   . ACE A 1 1  ? 3.276  -3.088 10.300 1.00 0.00 ? 0  ACE A H3   8  
ATOM   1414 N N    . HIS A 1 2  ? 3.016  -1.403 8.385  1.00 0.00 ? 1  HIS A N    8  
ATOM   1415 C CA   . HIS A 1 2  ? 2.739  -0.233 7.528  1.00 0.00 ? 1  HIS A CA   8  
ATOM   1416 C C    . HIS A 1 2  ? 2.984  -0.574 6.062  1.00 0.00 ? 1  HIS A C    8  
ATOM   1417 O O    . HIS A 1 2  ? 2.453  0.100  5.172  1.00 0.00 ? 1  HIS A O    8  
ATOM   1418 C CB   . HIS A 1 2  ? 3.629  0.945  7.927  1.00 0.00 ? 1  HIS A CB   8  
ATOM   1419 C CG   . HIS A 1 2  ? 3.059  2.287  7.591  1.00 0.00 ? 1  HIS A CG   8  
ATOM   1420 N ND1  . HIS A 1 2  ? 2.020  2.866  8.293  1.00 0.00 ? 1  HIS A ND1  8  
ATOM   1421 C CD2  . HIS A 1 2  ? 3.383  3.168  6.614  1.00 0.00 ? 1  HIS A CD2  8  
ATOM   1422 C CE1  . HIS A 1 2  ? 1.729  4.043  7.759  1.00 0.00 ? 1  HIS A CE1  8  
ATOM   1423 N NE2  . HIS A 1 2  ? 2.546  4.249  6.739  1.00 0.00 ? 1  HIS A NE2  8  
ATOM   1424 H H    . HIS A 1 2  ? 3.915  -1.495 8.758  1.00 0.00 ? 1  HIS A H    8  
ATOM   1425 H HA   . HIS A 1 2  ? 1.694  0.034  7.660  1.00 0.00 ? 1  HIS A HA   8  
ATOM   1426 H HB2  . HIS A 1 2  ? 3.801  0.918  8.988  1.00 0.00 ? 1  HIS A HB2  8  
ATOM   1427 H HB3  . HIS A 1 2  ? 4.576  0.852  7.412  1.00 0.00 ? 1  HIS A HB3  8  
ATOM   1428 H HD1  . HIS A 1 2  ? 1.576  2.486  9.083  1.00 0.00 ? 1  HIS A HD1  8  
ATOM   1429 H HD2  . HIS A 1 2  ? 4.160  3.037  5.870  1.00 0.00 ? 1  HIS A HD2  8  
ATOM   1430 H HE1  . HIS A 1 2  ? 0.961  4.724  8.109  1.00 0.00 ? 1  HIS A HE1  8  
ATOM   1431 H HE2  . HIS A 1 2  ? 2.551  5.043  6.168  1.00 0.00 ? 1  HIS A HE2  8  
HETATM 1432 C C    . MK8 A 1 3  ? 2.865  -2.375 3.605  1.00 0.00 ? 2  MK8 A C    8  
HETATM 1433 N N    . MK8 A 1 3  ? 3.809  -1.661 5.828  1.00 0.00 ? 2  MK8 A N    8  
HETATM 1434 O O    . MK8 A 1 3  ? 2.698  -1.801 2.501  1.00 0.00 ? 2  MK8 A O    8  
HETATM 1435 C CA   . MK8 A 1 3  ? 4.184  -2.188 4.482  1.00 0.00 ? 2  MK8 A CA   8  
HETATM 1436 C CB   . MK8 A 1 3  ? 4.916  -3.562 4.759  1.00 0.00 ? 2  MK8 A CB   8  
HETATM 1437 C CD   . MK8 A 1 3  ? 3.918  -5.390 3.320  1.00 0.00 ? 2  MK8 A CD   8  
HETATM 1438 C CE   . MK8 A 1 3  ? 3.898  -6.361 2.115  1.00 0.00 ? 2  MK8 A CE   8  
HETATM 1439 C CG   . MK8 A 1 3  ? 5.166  -4.572 3.598  1.00 0.00 ? 2  MK8 A CG   8  
HETATM 1440 C CB1  . MK8 A 1 3  ? 5.233  -1.231 3.860  1.00 0.00 ? 2  MK8 A CB1  8  
HETATM 1441 H H    . MK8 A 1 3  ? 4.177  -2.131 6.600  1.00 0.00 ? 2  MK8 A H    8  
HETATM 1442 H HB   . MK8 A 1 3  ? 4.353  -4.084 5.528  1.00 0.00 ? 2  MK8 A HB   8  
HETATM 1443 H HBA  . MK8 A 1 3  ? 5.880  -3.322 5.169  1.00 0.00 ? 2  MK8 A HBA  8  
HETATM 1444 H HD   . MK8 A 1 3  ? 3.102  -4.692 3.197  1.00 0.00 ? 2  MK8 A HD   8  
HETATM 1445 H HDA  . MK8 A 1 3  ? 3.719  -5.984 4.197  1.00 0.00 ? 2  MK8 A HDA  8  
HETATM 1446 H HE   . MK8 A 1 3  ? 4.649  -7.124 2.125  1.00 0.00 ? 2  MK8 A HE   8  
HETATM 1447 H HG   . MK8 A 1 3  ? 5.960  -5.233 3.883  1.00 0.00 ? 2  MK8 A HG   8  
HETATM 1448 H HGA  . MK8 A 1 3  ? 5.437  -4.032 2.706  1.00 0.00 ? 2  MK8 A HGA  8  
HETATM 1449 H HB1  . MK8 A 1 3  ? 5.954  -1.806 3.300  1.00 0.00 ? 2  MK8 A HB1  8  
HETATM 1450 H HB1A . MK8 A 1 3  ? 5.741  -0.688 4.647  1.00 0.00 ? 2  MK8 A HB1A 8  
HETATM 1451 H HB1B . MK8 A 1 3  ? 4.739  -0.537 3.201  1.00 0.00 ? 2  MK8 A HB1B 8  
ATOM   1452 N N    . ILE A 1 4  ? 1.964  -3.256 4.160  1.00 0.00 ? 3  ILE A N    8  
ATOM   1453 C CA   . ILE A 1 4  ? 0.675  -3.661 3.534  1.00 0.00 ? 3  ILE A CA   8  
ATOM   1454 C C    . ILE A 1 4  ? -0.179 -2.443 3.202  1.00 0.00 ? 3  ILE A C    8  
ATOM   1455 O O    . ILE A 1 4  ? -0.864 -2.437 2.168  1.00 0.00 ? 3  ILE A O    8  
ATOM   1456 C CB   . ILE A 1 4  ? -0.215 -4.686 4.366  1.00 0.00 ? 3  ILE A CB   8  
ATOM   1457 C CG1  . ILE A 1 4  ? 0.318  -5.138 5.793  1.00 0.00 ? 3  ILE A CG1  8  
ATOM   1458 C CG2  . ILE A 1 4  ? -0.570 -5.902 3.496  1.00 0.00 ? 3  ILE A CG2  8  
ATOM   1459 C CD1  . ILE A 1 4  ? 1.739  -5.741 5.919  1.00 0.00 ? 3  ILE A CD1  8  
ATOM   1460 H H    . ILE A 1 4  ? 2.204  -3.663 5.009  1.00 0.00 ? 3  ILE A H    8  
ATOM   1461 H HA   . ILE A 1 4  ? 0.936  -4.148 2.607  1.00 0.00 ? 3  ILE A HA   8  
ATOM   1462 H HB   . ILE A 1 4  ? -1.159 -4.176 4.532  1.00 0.00 ? 3  ILE A HB   8  
ATOM   1463 H HG12 . ILE A 1 4  ? 0.279  -4.291 6.451  1.00 0.00 ? 3  ILE A HG12 8  
ATOM   1464 H HG13 . ILE A 1 4  ? -0.364 -5.874 6.162  1.00 0.00 ? 3  ILE A HG13 8  
ATOM   1465 H HG21 . ILE A 1 4  ? 0.236  -6.613 3.527  1.00 0.00 ? 3  ILE A HG21 8  
ATOM   1466 H HG22 . ILE A 1 4  ? -0.727 -5.579 2.471  1.00 0.00 ? 3  ILE A HG22 8  
ATOM   1467 H HG23 . ILE A 1 4  ? -1.475 -6.367 3.866  1.00 0.00 ? 3  ILE A HG23 8  
ATOM   1468 H HD11 . ILE A 1 4  ? 2.215  -5.747 4.952  1.00 0.00 ? 3  ILE A HD11 8  
ATOM   1469 H HD12 . ILE A 1 4  ? 1.674  -6.749 6.296  1.00 0.00 ? 3  ILE A HD12 8  
ATOM   1470 H HD13 . ILE A 1 4  ? 2.330  -5.142 6.605  1.00 0.00 ? 3  ILE A HD13 8  
ATOM   1471 N N    . LEU A 1 5  ? -0.079 -1.407 4.101  1.00 0.00 ? 4  LEU A N    8  
ATOM   1472 C CA   . LEU A 1 5  ? -0.787 -0.122 3.977  1.00 0.00 ? 4  LEU A CA   8  
ATOM   1473 C C    . LEU A 1 5  ? -0.354 0.568  2.686  1.00 0.00 ? 4  LEU A C    8  
ATOM   1474 O O    . LEU A 1 5  ? -1.204 1.066  1.933  1.00 0.00 ? 4  LEU A O    8  
ATOM   1475 C CB   . LEU A 1 5  ? -0.465 0.738  5.209  1.00 0.00 ? 4  LEU A CB   8  
ATOM   1476 C CG   . LEU A 1 5  ? -1.250 2.044  5.391  1.00 0.00 ? 4  LEU A CG   8  
ATOM   1477 C CD1  . LEU A 1 5  ? -1.252 2.431  6.856  1.00 0.00 ? 4  LEU A CD1  8  
ATOM   1478 C CD2  . LEU A 1 5  ? -0.652 3.175  4.561  1.00 0.00 ? 4  LEU A CD2  8  
ATOM   1479 H H    . LEU A 1 5  ? 0.523  -1.527 4.864  1.00 0.00 ? 4  LEU A H    8  
ATOM   1480 H HA   . LEU A 1 5  ? -1.853 -0.321 3.944  1.00 0.00 ? 4  LEU A HA   8  
ATOM   1481 H HB2  . LEU A 1 5  ? -0.646 0.131  6.081  1.00 0.00 ? 4  LEU A HB2  8  
ATOM   1482 H HB3  . LEU A 1 5  ? 0.586  0.977  5.178  1.00 0.00 ? 4  LEU A HB3  8  
ATOM   1483 H HG   . LEU A 1 5  ? -2.275 1.892  5.079  1.00 0.00 ? 4  LEU A HG   8  
ATOM   1484 H HD11 . LEU A 1 5  ? -2.050 1.912  7.361  1.00 0.00 ? 4  LEU A HD11 8  
ATOM   1485 H HD12 . LEU A 1 5  ? -1.399 3.497  6.942  1.00 0.00 ? 4  LEU A HD12 8  
ATOM   1486 H HD13 . LEU A 1 5  ? -0.302 2.161  7.307  1.00 0.00 ? 4  LEU A HD13 8  
ATOM   1487 H HD21 . LEU A 1 5  ? -0.285 3.948  5.221  1.00 0.00 ? 4  LEU A HD21 8  
ATOM   1488 H HD22 . LEU A 1 5  ? -1.410 3.584  3.912  1.00 0.00 ? 4  LEU A HD22 8  
ATOM   1489 H HD23 . LEU A 1 5  ? 0.167  2.790  3.963  1.00 0.00 ? 4  LEU A HD23 8  
ATOM   1490 N N    . HIS A 1 6  ? 1.000  0.554  2.476  1.00 0.00 ? 5  HIS A N    8  
ATOM   1491 C CA   . HIS A 1 6  ? 1.669  1.138  1.305  1.00 0.00 ? 5  HIS A CA   8  
ATOM   1492 C C    . HIS A 1 6  ? 1.306  0.392  0.028  1.00 0.00 ? 5  HIS A C    8  
ATOM   1493 O O    . HIS A 1 6  ? 0.925  1.030  -0.962 1.00 0.00 ? 5  HIS A O    8  
ATOM   1494 C CB   . HIS A 1 6  ? 3.162  1.099  1.544  1.00 0.00 ? 5  HIS A CB   8  
ATOM   1495 C CG   . HIS A 1 6  ? 3.739  2.435  1.867  1.00 0.00 ? 5  HIS A CG   8  
ATOM   1496 N ND1  . HIS A 1 6  ? 3.874  3.434  0.923  1.00 0.00 ? 5  HIS A ND1  8  
ATOM   1497 C CD2  . HIS A 1 6  ? 4.209  2.946  3.032  1.00 0.00 ? 5  HIS A CD2  8  
ATOM   1498 C CE1  . HIS A 1 6  ? 4.407  4.503  1.490  1.00 0.00 ? 5  HIS A CE1  8  
ATOM   1499 N NE2  . HIS A 1 6  ? 4.620  4.240  2.773  1.00 0.00 ? 5  HIS A NE2  8  
ATOM   1500 H H    . HIS A 1 6  ? 1.566  0.122  3.148  1.00 0.00 ? 5  HIS A H    8  
ATOM   1501 H HA   . HIS A 1 6  ? 1.352  2.169  1.215  1.00 0.00 ? 5  HIS A HA   8  
ATOM   1502 H HB2  . HIS A 1 6  ? 3.348  0.450  2.378  1.00 0.00 ? 5  HIS A HB2  8  
ATOM   1503 H HB3  . HIS A 1 6  ? 3.664  0.715  0.665  1.00 0.00 ? 5  HIS A HB3  8  
ATOM   1504 H HD1  . HIS A 1 6  ? 3.624  3.364  -0.024 1.00 0.00 ? 5  HIS A HD1  8  
ATOM   1505 H HD2  . HIS A 1 6  ? 4.240  2.434  3.987  1.00 0.00 ? 5  HIS A HD2  8  
ATOM   1506 H HE1  . HIS A 1 6  ? 4.645  5.425  0.981  1.00 0.00 ? 5  HIS A HE1  8  
ATOM   1507 H HE2  . HIS A 1 6  ? 4.956  4.886  3.436  1.00 0.00 ? 5  HIS A HE2  8  
HETATM 1508 C C    . MK8 A 1 7  ? -0.355 -1.572 -1.600 1.00 0.00 ? 6  MK8 A C    8  
HETATM 1509 N N    . MK8 A 1 7  ? 1.415  -0.994 0.068  1.00 0.00 ? 6  MK8 A N    8  
HETATM 1510 O O    . MK8 A 1 7  ? -0.739 -1.939 -2.745 1.00 0.00 ? 6  MK8 A O    8  
HETATM 1511 C CA   . MK8 A 1 7  ? 1.091  -1.905 -1.084 1.00 0.00 ? 6  MK8 A CA   8  
HETATM 1512 C CB   . MK8 A 1 7  ? 1.044  -3.402 -0.630 1.00 0.00 ? 6  MK8 A CB   8  
HETATM 1513 C CD   . MK8 A 1 7  ? 1.844  -5.382 0.736  1.00 0.00 ? 6  MK8 A CD   8  
HETATM 1514 C CE   . MK8 A 1 7  ? 3.026  -6.356 1.030  1.00 0.00 ? 6  MK8 A CE   8  
HETATM 1515 C CG   . MK8 A 1 7  ? 2.137  -3.928 0.332  1.00 0.00 ? 6  MK8 A CG   8  
HETATM 1516 C CB1  . MK8 A 1 7  ? 2.145  -1.744 -2.206 1.00 0.00 ? 6  MK8 A CB1  8  
HETATM 1517 H H    . MK8 A 1 7  ? 1.721  -1.399 0.902  1.00 0.00 ? 6  MK8 A H    8  
HETATM 1518 H HB   . MK8 A 1 7  ? 1.061  -4.018 -1.520 1.00 0.00 ? 6  MK8 A HB   8  
HETATM 1519 H HBA  . MK8 A 1 7  ? 0.101  -3.556 -0.137 1.00 0.00 ? 6  MK8 A HBA  8  
HETATM 1520 H HD   . MK8 A 1 7  ? 1.253  -5.824 -0.057 1.00 0.00 ? 6  MK8 A HD   8  
HETATM 1521 H HDA  . MK8 A 1 7  ? 1.236  -5.359 1.618  1.00 0.00 ? 6  MK8 A HDA  8  
HETATM 1522 H HE   . MK8 A 1 7  ? 3.180  -7.125 0.299  1.00 0.00 ? 6  MK8 A HE   8  
HETATM 1523 H HG   . MK8 A 1 7  ? 2.150  -3.313 1.218  1.00 0.00 ? 6  MK8 A HG   8  
HETATM 1524 H HGA  . MK8 A 1 7  ? 3.093  -3.886 -0.156 1.00 0.00 ? 6  MK8 A HGA  8  
HETATM 1525 H HB1  . MK8 A 1 7  ? 3.064  -1.357 -1.792 1.00 0.00 ? 6  MK8 A HB1  8  
HETATM 1526 H HB1A . MK8 A 1 7  ? 1.772  -1.049 -2.950 1.00 0.00 ? 6  MK8 A HB1A 8  
HETATM 1527 H HB1B . MK8 A 1 7  ? 2.328  -2.704 -2.664 1.00 0.00 ? 6  MK8 A HB1B 8  
ATOM   1528 N N    . LEU A 1 8  ? -1.149 -0.902 -0.690 1.00 0.00 ? 7  LEU A N    8  
ATOM   1529 C CA   . LEU A 1 8  ? -2.557 -0.511 -0.933 1.00 0.00 ? 7  LEU A CA   8  
ATOM   1530 C C    . LEU A 1 8  ? -2.650 0.819  -1.684 1.00 0.00 ? 7  LEU A C    8  
ATOM   1531 O O    . LEU A 1 8  ? -3.499 0.956  -2.576 1.00 0.00 ? 7  LEU A O    8  
ATOM   1532 C CB   . LEU A 1 8  ? -3.322 -0.386 0.428  1.00 0.00 ? 7  LEU A CB   8  
ATOM   1533 C CG   . LEU A 1 8  ? -4.812 -0.878 0.577  1.00 0.00 ? 7  LEU A CG   8  
ATOM   1534 C CD1  . LEU A 1 8  ? -5.828 -0.212 -0.374 1.00 0.00 ? 7  LEU A CD1  8  
ATOM   1535 C CD2  . LEU A 1 8  ? -4.921 -2.400 0.506  1.00 0.00 ? 7  LEU A CD2  8  
ATOM   1536 H H    . LEU A 1 8  ? -0.754 -0.690 0.188  1.00 0.00 ? 7  LEU A H    8  
ATOM   1537 H HA   . LEU A 1 8  ? -3.022 -1.278 -1.533 1.00 0.00 ? 7  LEU A HA   8  
ATOM   1538 H HB2  . LEU A 1 8  ? -2.749 -0.922 1.164  1.00 0.00 ? 7  LEU A HB2  8  
ATOM   1539 H HB3  . LEU A 1 8  ? -3.297 0.659  0.702  1.00 0.00 ? 7  LEU A HB3  8  
ATOM   1540 H HG   . LEU A 1 8  ? -5.122 -0.604 1.571  1.00 0.00 ? 7  LEU A HG   8  
ATOM   1541 H HD11 . LEU A 1 8  ? -5.492 0.786  -0.614 1.00 0.00 ? 7  LEU A HD11 8  
ATOM   1542 H HD12 . LEU A 1 8  ? -6.791 -0.161 0.108  1.00 0.00 ? 7  LEU A HD12 8  
ATOM   1543 H HD13 . LEU A 1 8  ? -5.910 -0.793 -1.284 1.00 0.00 ? 7  LEU A HD13 8  
ATOM   1544 H HD21 . LEU A 1 8  ? -5.934 -2.702 0.737  1.00 0.00 ? 7  LEU A HD21 8  
ATOM   1545 H HD22 . LEU A 1 8  ? -4.245 -2.833 1.227  1.00 0.00 ? 7  LEU A HD22 8  
ATOM   1546 H HD23 . LEU A 1 8  ? -4.654 -2.741 -0.482 1.00 0.00 ? 7  LEU A HD23 8  
ATOM   1547 N N    . LEU A 1 9  ? -1.768 1.793  -1.279 1.00 0.00 ? 8  LEU A N    8  
ATOM   1548 C CA   . LEU A 1 9  ? -1.708 3.168  -1.856 1.00 0.00 ? 8  LEU A CA   8  
ATOM   1549 C C    . LEU A 1 9  ? -1.020 3.196  -3.223 1.00 0.00 ? 8  LEU A C    8  
ATOM   1550 O O    . LEU A 1 9  ? -1.435 3.977  -4.101 1.00 0.00 ? 8  LEU A O    8  
ATOM   1551 C CB   . LEU A 1 9  ? -0.967 4.135  -0.894 1.00 0.00 ? 8  LEU A CB   8  
ATOM   1552 C CG   . LEU A 1 9  ? -1.399 4.120  0.595  1.00 0.00 ? 8  LEU A CG   8  
ATOM   1553 C CD1  . LEU A 1 9  ? -0.315 4.738  1.439  1.00 0.00 ? 8  LEU A CD1  8  
ATOM   1554 C CD2  . LEU A 1 9  ? -2.702 4.873  0.843  1.00 0.00 ? 8  LEU A CD2  8  
ATOM   1555 H H    . LEU A 1 9  ? -1.155 1.576  -0.551 1.00 0.00 ? 8  LEU A H    8  
ATOM   1556 H HA   . LEU A 1 9  ? -2.721 3.520  -1.975 1.00 0.00 ? 8  LEU A HA   8  
ATOM   1557 H HB2  . LEU A 1 9  ? 0.086  3.903  -0.934 1.00 0.00 ? 8  LEU A HB2  8  
ATOM   1558 H HB3  . LEU A 1 9  ? -1.095 5.144  -1.263 1.00 0.00 ? 8  LEU A HB3  8  
ATOM   1559 H HG   . LEU A 1 9  ? -1.535 3.096  0.918  1.00 0.00 ? 8  LEU A HG   8  
ATOM   1560 H HD11 . LEU A 1 9  ? -0.737 5.073  2.373  1.00 0.00 ? 8  LEU A HD11 8  
ATOM   1561 H HD12 . LEU A 1 9  ? 0.107  5.580  0.909  1.00 0.00 ? 8  LEU A HD12 8  
ATOM   1562 H HD13 . LEU A 1 9  ? 0.456  4.005  1.632  1.00 0.00 ? 8  LEU A HD13 8  
ATOM   1563 H HD21 . LEU A 1 9  ? -3.508 4.167  0.930  1.00 0.00 ? 8  LEU A HD21 8  
ATOM   1564 H HD22 . LEU A 1 9  ? -2.886 5.531  0.010  1.00 0.00 ? 8  LEU A HD22 8  
ATOM   1565 H HD23 . LEU A 1 9  ? -2.622 5.452  1.755  1.00 0.00 ? 8  LEU A HD23 8  
ATOM   1566 N N    . GLN A 1 10 ? 0.043  2.338  -3.359 1.00 0.00 ? 9  GLN A N    8  
ATOM   1567 C CA   . GLN A 1 10 ? 0.866  2.212  -4.581 1.00 0.00 ? 9  GLN A CA   8  
ATOM   1568 C C    . GLN A 1 10 ? 0.102  1.467  -5.672 1.00 0.00 ? 9  GLN A C    8  
ATOM   1569 O O    . GLN A 1 10 ? 0.277  1.776  -6.865 1.00 0.00 ? 9  GLN A O    8  
ATOM   1570 C CB   . GLN A 1 10 ? 2.173  1.466  -4.258 1.00 0.00 ? 9  GLN A CB   8  
ATOM   1571 C CG   . GLN A 1 10 ? 3.044  2.145  -3.204 1.00 0.00 ? 9  GLN A CG   8  
ATOM   1572 C CD   . GLN A 1 10 ? 3.719  3.411  -3.701 1.00 0.00 ? 9  GLN A CD   8  
ATOM   1573 O OE1  . GLN A 1 10 ? 3.053  4.365  -4.102 1.00 0.00 ? 9  GLN A OE1  8  
ATOM   1574 N NE2  . GLN A 1 10 ? 5.041  3.424  -3.669 1.00 0.00 ? 9  GLN A NE2  8  
ATOM   1575 H H    . GLN A 1 10 ? 0.281  1.787  -2.594 1.00 0.00 ? 9  GLN A H    8  
ATOM   1576 H HA   . GLN A 1 10 ? 1.099  3.207  -4.930 1.00 0.00 ? 9  GLN A HA   8  
ATOM   1577 H HB2  . GLN A 1 10 ? 1.919  0.481  -3.905 1.00 0.00 ? 9  GLN A HB2  8  
ATOM   1578 H HB3  . GLN A 1 10 ? 2.752  1.373  -5.169 1.00 0.00 ? 9  GLN A HB3  8  
ATOM   1579 H HG2  . GLN A 1 10 ? 2.417  2.402  -2.359 1.00 0.00 ? 9  GLN A HG2  8  
ATOM   1580 H HG3  . GLN A 1 10 ? 3.811  1.450  -2.878 1.00 0.00 ? 9  GLN A HG3  8  
ATOM   1581 H HE21 . GLN A 1 10 ? 5.504  2.627  -3.329 1.00 0.00 ? 9  GLN A HE21 8  
ATOM   1582 H HE22 . GLN A 1 10 ? 5.507  4.223  -3.992 1.00 0.00 ? 9  GLN A HE22 8  
ATOM   1583 N N    . ASP A 1 11 ? -0.753 0.481  -5.216 1.00 0.00 ? 10 ASP A N    8  
ATOM   1584 C CA   . ASP A 1 11 ? -1.599 -0.353 -6.106 1.00 0.00 ? 10 ASP A CA   8  
ATOM   1585 C C    . ASP A 1 11 ? -2.701 0.498  -6.728 1.00 0.00 ? 10 ASP A C    8  
ATOM   1586 O O    . ASP A 1 11 ? -2.980 0.388  -7.942 1.00 0.00 ? 10 ASP A O    8  
ATOM   1587 C CB   . ASP A 1 11 ? -2.224 -1.517 -5.329 1.00 0.00 ? 10 ASP A CB   8  
ATOM   1588 C CG   . ASP A 1 11 ? -2.840 -2.560 -6.238 1.00 0.00 ? 10 ASP A CG   8  
ATOM   1589 O OD1  . ASP A 1 11 ? -3.788 -2.224 -6.969 1.00 0.00 ? 10 ASP A OD1  8  
ATOM   1590 O OD2  . ASP A 1 11 ? -2.362 -3.715 -6.220 1.00 0.00 ? 10 ASP A OD2  8  
ATOM   1591 H H    . ASP A 1 11 ? -0.802 0.327  -4.253 1.00 0.00 ? 10 ASP A H    8  
ATOM   1592 H HA   . ASP A 1 11 ? -0.968 -0.746 -6.893 1.00 0.00 ? 10 ASP A HA   8  
ATOM   1593 H HB2  . ASP A 1 11 ? -1.461 -1.986 -4.741 1.00 0.00 ? 10 ASP A HB2  8  
ATOM   1594 H HB3  . ASP A 1 11 ? -2.997 -1.137 -4.674 1.00 0.00 ? 10 ASP A HB3  8  
ATOM   1595 N N    . SER A 1 12 ? -3.319 1.350  -5.838 1.00 0.00 ? 11 SER A N    8  
ATOM   1596 C CA   . SER A 1 12 ? -4.412 2.265  -6.201 1.00 0.00 ? 11 SER A CA   8  
ATOM   1597 C C    . SER A 1 12 ? -3.947 3.312  -7.224 1.00 0.00 ? 11 SER A C    8  
ATOM   1598 O O    . SER A 1 12 ? -4.759 3.925  -7.919 1.00 0.00 ? 11 SER A O    8  
ATOM   1599 C CB   . SER A 1 12 ? -4.959 2.964  -4.958 1.00 0.00 ? 11 SER A CB   8  
ATOM   1600 O OG   . SER A 1 12 ? -5.536 2.043  -4.038 1.00 0.00 ? 11 SER A OG   8  
ATOM   1601 H H    . SER A 1 12 ? -3.017 1.343  -4.906 1.00 0.00 ? 11 SER A H    8  
ATOM   1602 H HA   . SER A 1 12 ? -5.196 1.669  -6.639 1.00 0.00 ? 11 SER A HA   8  
ATOM   1603 H HB2  . SER A 1 12 ? -4.152 3.492  -4.472 1.00 0.00 ? 11 SER A HB2  8  
ATOM   1604 H HB3  . SER A 1 12 ? -5.710 3.673  -5.256 1.00 0.00 ? 11 SER A HB3  8  
ATOM   1605 H HG   . SER A 1 12 ? -6.234 1.550  -4.477 1.00 0.00 ? 11 SER A HG   8  
HETATM 1606 N N    . NH2 A 1 13 ? -2.662 3.635  -7.196 1.00 0.00 ? 12 NH2 A N    8  
HETATM 1607 H HN1  . NH2 A 1 13 ? -2.080 3.196  -6.524 1.00 0.00 ? 12 NH2 A HN1  8  
HETATM 1608 H HN2  . NH2 A 1 13 ? -2.337 4.297  -7.854 1.00 0.00 ? 12 NH2 A HN2  8  
HETATM 1609 C C    . ACE A 1 1  ? 2.220  -2.412 8.612  1.00 0.00 ? 0  ACE A C    9  
HETATM 1610 O O    . ACE A 1 1  ? 1.064  -2.489 8.139  1.00 0.00 ? 0  ACE A O    9  
HETATM 1611 C CH3  . ACE A 1 1  ? 2.713  -3.526 9.515  1.00 0.00 ? 0  ACE A CH3  9  
HETATM 1612 H H1   . ACE A 1 1  ? 3.580  -3.192 10.068 1.00 0.00 ? 0  ACE A H1   9  
HETATM 1613 H H2   . ACE A 1 1  ? 2.976  -4.380 8.915  1.00 0.00 ? 0  ACE A H2   9  
HETATM 1614 H H3   . ACE A 1 1  ? 1.926  -3.797 10.206 1.00 0.00 ? 0  ACE A H3   9  
ATOM   1615 N N    . HIS A 1 2  ? 3.114  -1.386 8.373  1.00 0.00 ? 1  HIS A N    9  
ATOM   1616 C CA   . HIS A 1 2  ? 2.820  -0.216 7.518  1.00 0.00 ? 1  HIS A CA   9  
ATOM   1617 C C    . HIS A 1 2  ? 3.010  -0.576 6.041  1.00 0.00 ? 1  HIS A C    9  
ATOM   1618 O O    . HIS A 1 2  ? 2.466  0.083  5.153  1.00 0.00 ? 1  HIS A O    9  
ATOM   1619 C CB   . HIS A 1 2  ? 3.719  0.964  7.886  1.00 0.00 ? 1  HIS A CB   9  
ATOM   1620 C CG   . HIS A 1 2  ? 3.142  2.291  7.524  1.00 0.00 ? 1  HIS A CG   9  
ATOM   1621 N ND1  . HIS A 1 2  ? 2.096  2.876  8.206  1.00 0.00 ? 1  HIS A ND1  9  
ATOM   1622 C CD2  . HIS A 1 2  ? 3.471  3.140  6.532  1.00 0.00 ? 1  HIS A CD2  9  
ATOM   1623 C CE1  . HIS A 1 2  ? 1.809  4.033  7.648  1.00 0.00 ? 1  HIS A CE1  9  
ATOM   1624 N NE2  . HIS A 1 2  ? 2.633  4.222  6.628  1.00 0.00 ? 1  HIS A NE2  9  
ATOM   1625 H H    . HIS A 1 2  ? 3.996  -1.438 8.791  1.00 0.00 ? 1  HIS A H    9  
ATOM   1626 H HA   . HIS A 1 2  ? 1.788  0.053  7.687  1.00 0.00 ? 1  HIS A HA   9  
ATOM   1627 H HB2  . HIS A 1 2  ? 3.896  0.958  8.950  1.00 0.00 ? 1  HIS A HB2  9  
ATOM   1628 H HB3  . HIS A 1 2  ? 4.658  0.857  7.363  1.00 0.00 ? 1  HIS A HB3  9  
ATOM   1629 H HD1  . HIS A 1 2  ? 1.619  2.490  8.968  1.00 0.00 ? 1  HIS A HD1  9  
ATOM   1630 H HD2  . HIS A 1 2  ? 4.235  2.978  5.787  1.00 0.00 ? 1  HIS A HD2  9  
ATOM   1631 H HE1  . HIS A 1 2  ? 1.037  4.715  7.968  1.00 0.00 ? 1  HIS A HE1  9  
ATOM   1632 H HE2  . HIS A 1 2  ? 2.742  5.066  6.144  1.00 0.00 ? 1  HIS A HE2  9  
HETATM 1633 C C    . MK8 A 1 3  ? 2.815  -2.413 3.618  1.00 0.00 ? 2  MK8 A C    9  
HETATM 1634 N N    . MK8 A 1 3  ? 3.818  -1.669 5.807  1.00 0.00 ? 2  MK8 A N    9  
HETATM 1635 O O    . MK8 A 1 3  ? 2.627  -1.862 2.506  1.00 0.00 ? 2  MK8 A O    9  
HETATM 1636 C CA   . MK8 A 1 3  ? 4.153  -2.231 4.462  1.00 0.00 ? 2  MK8 A CA   9  
HETATM 1637 C CB   . MK8 A 1 3  ? 4.875  -3.607 4.751  1.00 0.00 ? 2  MK8 A CB   9  
HETATM 1638 C CD   . MK8 A 1 3  ? 3.801  -5.451 3.352  1.00 0.00 ? 2  MK8 A CD   9  
HETATM 1639 C CE   . MK8 A 1 3  ? 3.710  -6.406 2.144  1.00 0.00 ? 2  MK8 A CE   9  
HETATM 1640 C CG   . MK8 A 1 3  ? 5.081  -4.649 3.610  1.00 0.00 ? 2  MK8 A CG   9  
HETATM 1641 C CB1  . MK8 A 1 3  ? 5.198  -1.302 3.796  1.00 0.00 ? 2  MK8 A CB1  9  
HETATM 1642 H H    . MK8 A 1 3  ? 4.210  -2.115 6.589  1.00 0.00 ? 2  MK8 A H    9  
HETATM 1643 H HB   . MK8 A 1 3  ? 4.320  -4.107 5.537  1.00 0.00 ? 2  MK8 A HB   9  
HETATM 1644 H HBA  . MK8 A 1 3  ? 5.856  -3.383 5.133  1.00 0.00 ? 2  MK8 A HBA  9  
HETATM 1645 H HD   . MK8 A 1 3  ? 2.984  -4.737 3.267  1.00 0.00 ? 2  MK8 A HD   9  
HETATM 1646 H HDA  . MK8 A 1 3  ? 3.620  -6.046 4.224  1.00 0.00 ? 2  MK8 A HDA  9  
HETATM 1647 H HE   . MK8 A 1 3  ? 4.427  -7.206 2.130  1.00 0.00 ? 2  MK8 A HE   9  
HETATM 1648 H HG   . MK8 A 1 3  ? 5.859  -5.329 3.911  1.00 0.00 ? 2  MK8 A HG   9  
HETATM 1649 H HGA  . MK8 A 1 3  ? 5.378  -4.140 2.708  1.00 0.00 ? 2  MK8 A HGA  9  
HETATM 1650 H HB1  . MK8 A 1 3  ? 6.042  -1.894 3.461  1.00 0.00 ? 2  MK8 A HB1  9  
HETATM 1651 H HB1A . MK8 A 1 3  ? 5.534  -0.565 4.510  1.00 0.00 ? 2  MK8 A HB1A 9  
HETATM 1652 H HB1B . MK8 A 1 3  ? 4.754  -0.801 2.950  1.00 0.00 ? 2  MK8 A HB1B 9  
ATOM   1653 N N    . ILE A 1 4  ? 1.917  -3.278 4.206  1.00 0.00 ? 3  ILE A N    9  
ATOM   1654 C CA   . ILE A 1 4  ? 0.601  -3.680 3.620  1.00 0.00 ? 3  ILE A CA   9  
ATOM   1655 C C    . ILE A 1 4  ? -0.219 -2.418 3.282  1.00 0.00 ? 3  ILE A C    9  
ATOM   1656 O O    . ILE A 1 4  ? -0.913 -2.390 2.243  1.00 0.00 ? 3  ILE A O    9  
ATOM   1657 C CB   . ILE A 1 4  ? -0.246 -4.642 4.560  1.00 0.00 ? 3  ILE A CB   9  
ATOM   1658 C CG1  . ILE A 1 4  ? 0.594  -5.738 5.278  1.00 0.00 ? 3  ILE A CG1  9  
ATOM   1659 C CG2  . ILE A 1 4  ? -1.343 -5.367 3.766  1.00 0.00 ? 3  ILE A CG2  9  
ATOM   1660 C CD1  . ILE A 1 4  ? 1.357  -5.274 6.502  1.00 0.00 ? 3  ILE A CD1  9  
ATOM   1661 H H    . ILE A 1 4  ? 2.183  -3.688 5.050  1.00 0.00 ? 3  ILE A H    9  
ATOM   1662 H HA   . ILE A 1 4  ? 0.810  -4.212 2.693  1.00 0.00 ? 3  ILE A HA   9  
ATOM   1663 H HB   . ILE A 1 4  ? -0.737 -4.030 5.302  1.00 0.00 ? 3  ILE A HB   9  
ATOM   1664 H HG12 . ILE A 1 4  ? -0.069 -6.521 5.602  1.00 0.00 ? 3  ILE A HG12 9  
ATOM   1665 H HG13 . ILE A 1 4  ? 1.305  -6.146 4.577  1.00 0.00 ? 3  ILE A HG13 9  
ATOM   1666 H HG21 . ILE A 1 4  ? -1.071 -5.383 2.721  1.00 0.00 ? 3  ILE A HG21 9  
ATOM   1667 H HG22 . ILE A 1 4  ? -2.279 -4.844 3.884  1.00 0.00 ? 3  ILE A HG22 9  
ATOM   1668 H HG23 . ILE A 1 4  ? -1.443 -6.379 4.130  1.00 0.00 ? 3  ILE A HG23 9  
ATOM   1669 H HD11 . ILE A 1 4  ? 1.473  -6.106 7.188  1.00 0.00 ? 3  ILE A HD11 9  
ATOM   1670 H HD12 . ILE A 1 4  ? 0.809  -4.483 6.986  1.00 0.00 ? 3  ILE A HD12 9  
ATOM   1671 H HD13 . ILE A 1 4  ? 2.333  -4.912 6.204  1.00 0.00 ? 3  ILE A HD13 9  
ATOM   1672 N N    . LEU A 1 5  ? -0.093 -1.389 4.186  1.00 0.00 ? 4  LEU A N    9  
ATOM   1673 C CA   . LEU A 1 5  ? -0.771 -0.088 4.069  1.00 0.00 ? 4  LEU A CA   9  
ATOM   1674 C C    . LEU A 1 5  ? -0.362 0.594  2.769  1.00 0.00 ? 4  LEU A C    9  
ATOM   1675 O O    . LEU A 1 5  ? -1.220 1.123  2.046  1.00 0.00 ? 4  LEU A O    9  
ATOM   1676 C CB   . LEU A 1 5  ? -0.417 0.768  5.300  1.00 0.00 ? 4  LEU A CB   9  
ATOM   1677 C CG   . LEU A 1 5  ? -1.162 2.104  5.484  1.00 0.00 ? 4  LEU A CG   9  
ATOM   1678 C CD1  . LEU A 1 5  ? -1.124 2.500  6.941  1.00 0.00 ? 4  LEU A CD1  9  
ATOM   1679 C CD2  . LEU A 1 5  ? -0.535 3.211  4.633  1.00 0.00 ? 4  LEU A CD2  9  
ATOM   1680 H H    . LEU A 1 5  ? 0.492  -1.530 4.958  1.00 0.00 ? 4  LEU A H    9  
ATOM   1681 H HA   . LEU A 1 5  ? -1.834 -0.260 4.053  1.00 0.00 ? 4  LEU A HA   9  
ATOM   1682 H HB2  . LEU A 1 5  ? -0.592 0.164  6.178  1.00 0.00 ? 4  LEU A HB2  9  
ATOM   1683 H HB3  . LEU A 1 5  ? 0.638  0.982  5.246  1.00 0.00 ? 4  LEU A HB3  9  
ATOM   1684 H HG   . LEU A 1 5  ? -2.197 1.984  5.192  1.00 0.00 ? 4  LEU A HG   9  
ATOM   1685 H HD11 . LEU A 1 5  ? -1.610 3.458  7.063  1.00 0.00 ? 4  LEU A HD11 9  
ATOM   1686 H HD12 . LEU A 1 5  ? -0.100 2.565  7.268  1.00 0.00 ? 4  LEU A HD12 9  
ATOM   1687 H HD13 . LEU A 1 5  ? -1.640 1.754  7.529  1.00 0.00 ? 4  LEU A HD13 9  
ATOM   1688 H HD21 . LEU A 1 5  ? 0.041  3.874  5.266  1.00 0.00 ? 4  LEU A HD21 9  
ATOM   1689 H HD22 . LEU A 1 5  ? -1.314 3.773  4.145  1.00 0.00 ? 4  LEU A HD22 9  
ATOM   1690 H HD23 . LEU A 1 5  ? 0.111  2.773  3.887  1.00 0.00 ? 4  LEU A HD23 9  
ATOM   1691 N N    . HIS A 1 6  ? 0.980  0.540  2.509  1.00 0.00 ? 5  HIS A N    9  
ATOM   1692 C CA   . HIS A 1 6  ? 1.632  1.118  1.319  1.00 0.00 ? 5  HIS A CA   9  
ATOM   1693 C C    . HIS A 1 6  ? 1.255  0.381  0.042  1.00 0.00 ? 5  HIS A C    9  
ATOM   1694 O O    . HIS A 1 6  ? 0.917  1.029  -0.961 1.00 0.00 ? 5  HIS A O    9  
ATOM   1695 C CB   . HIS A 1 6  ? 3.144  1.093  1.518  1.00 0.00 ? 5  HIS A CB   9  
ATOM   1696 C CG   . HIS A 1 6  ? 3.731  2.430  1.833  1.00 0.00 ? 5  HIS A CG   9  
ATOM   1697 N ND1  . HIS A 1 6  ? 3.914  3.410  0.881  1.00 0.00 ? 5  HIS A ND1  9  
ATOM   1698 C CD2  . HIS A 1 6  ? 4.185  2.949  3.000  1.00 0.00 ? 5  HIS A CD2  9  
ATOM   1699 C CE1  . HIS A 1 6  ? 4.455  4.472  1.440  1.00 0.00 ? 5  HIS A CE1  9  
ATOM   1700 N NE2  . HIS A 1 6  ? 4.633  4.220  2.734  1.00 0.00 ? 5  HIS A NE2  9  
ATOM   1701 H H    . HIS A 1 6  ? 1.552  0.079  3.159  1.00 0.00 ? 5  HIS A H    9  
ATOM   1702 H HA   . HIS A 1 6  ? 1.312  2.146  1.239  1.00 0.00 ? 5  HIS A HA   9  
ATOM   1703 H HB2  . HIS A 1 6  ? 3.374  0.440  2.339  1.00 0.00 ? 5  HIS A HB2  9  
ATOM   1704 H HB3  . HIS A 1 6  ? 3.620  0.721  0.624  1.00 0.00 ? 5  HIS A HB3  9  
ATOM   1705 H HD1  . HIS A 1 6  ? 3.676  3.335  -0.072 1.00 0.00 ? 5  HIS A HD1  9  
ATOM   1706 H HD2  . HIS A 1 6  ? 4.187  2.457  3.967  1.00 0.00 ? 5  HIS A HD2  9  
ATOM   1707 H HE1  . HIS A 1 6  ? 4.707  5.385  0.935  1.00 0.00 ? 5  HIS A HE1  9  
ATOM   1708 H HE2  . HIS A 1 6  ? 5.139  4.788  3.355  1.00 0.00 ? 5  HIS A HE2  9  
HETATM 1709 C C    . MK8 A 1 7  ? -0.423 -1.569 -1.624 1.00 0.00 ? 6  MK8 A C    9  
HETATM 1710 N N    . MK8 A 1 7  ? 1.326  -1.002 0.084  1.00 0.00 ? 6  MK8 A N    9  
HETATM 1711 O O    . MK8 A 1 7  ? -0.792 -1.946 -2.768 1.00 0.00 ? 6  MK8 A O    9  
HETATM 1712 C CA   . MK8 A 1 7  ? 1.004  -1.910 -1.082 1.00 0.00 ? 6  MK8 A CA   9  
HETATM 1713 C CB   . MK8 A 1 7  ? 0.939  -3.405 -0.636 1.00 0.00 ? 6  MK8 A CB   9  
HETATM 1714 C CD   . MK8 A 1 7  ? 1.665  -5.331 0.822  1.00 0.00 ? 6  MK8 A CD   9  
HETATM 1715 C CE   . MK8 A 1 7  ? 2.812  -6.358 1.080  1.00 0.00 ? 6  MK8 A CE   9  
HETATM 1716 C CG   . MK8 A 1 7  ? 2.005  -3.917 0.368  1.00 0.00 ? 6  MK8 A CG   9  
HETATM 1717 C CB1  . MK8 A 1 7  ? 2.084  -1.763 -2.190 1.00 0.00 ? 6  MK8 A CB1  9  
HETATM 1718 H H    . MK8 A 1 7  ? 1.606  -1.421 0.922  1.00 0.00 ? 6  MK8 A H    9  
HETATM 1719 H HB   . MK8 A 1 7  ? 0.999  -4.025 -1.520 1.00 0.00 ? 6  MK8 A HB   9  
HETATM 1720 H HBA  . MK8 A 1 7  ? -0.030 -3.572 -0.188 1.00 0.00 ? 6  MK8 A HBA  9  
HETATM 1721 H HD   . MK8 A 1 7  ? 1.004  -5.756 0.076  1.00 0.00 ? 6  MK8 A HD   9  
HETATM 1722 H HDA  . MK8 A 1 7  ? 1.107  -5.254 1.737  1.00 0.00 ? 6  MK8 A HDA  9  
HETATM 1723 H HE   . MK8 A 1 7  ? 2.917  -7.123 0.346  1.00 0.00 ? 6  MK8 A HE   9  
HETATM 1724 H HG   . MK8 A 1 7  ? 2.031  -3.259 1.229  1.00 0.00 ? 6  MK8 A HG   9  
HETATM 1725 H HGA  . MK8 A 1 7  ? 2.975  -3.920 -0.115 1.00 0.00 ? 6  MK8 A HGA  9  
HETATM 1726 H HB1  . MK8 A 1 7  ? 2.289  -0.711 -2.361 1.00 0.00 ? 6  MK8 A HB1  9  
HETATM 1727 H HB1A . MK8 A 1 7  ? 1.726  -2.212 -3.108 1.00 0.00 ? 6  MK8 A HB1A 9  
HETATM 1728 H HB1B . MK8 A 1 7  ? 2.989  -2.259 -1.876 1.00 0.00 ? 6  MK8 A HB1B 9  
ATOM   1729 N N    . LEU A 1 8  ? -1.219 -0.878 -0.732 1.00 0.00 ? 7  LEU A N    9  
ATOM   1730 C CA   . LEU A 1 8  ? -2.614 -0.467 -1.002 1.00 0.00 ? 7  LEU A CA   9  
ATOM   1731 C C    . LEU A 1 8  ? -2.673 0.877  -1.741 1.00 0.00 ? 7  LEU A C    9  
ATOM   1732 O O    . LEU A 1 8  ? -3.500 1.024  -2.657 1.00 0.00 ? 7  LEU A O    9  
ATOM   1733 C CB   . LEU A 1 8  ? -3.406 -0.384 0.320  1.00 0.00 ? 7  LEU A CB   9  
ATOM   1734 C CG   . LEU A 1 8  ? -4.950 -0.286 0.193  1.00 0.00 ? 7  LEU A CG   9  
ATOM   1735 C CD1  . LEU A 1 8  ? -5.594 -1.660 -0.001 1.00 0.00 ? 7  LEU A CD1  9  
ATOM   1736 C CD2  . LEU A 1 8  ? -5.529 0.402  1.418  1.00 0.00 ? 7  LEU A CD2  9  
ATOM   1737 H H    . LEU A 1 8  ? -0.841 -0.670 0.147  1.00 0.00 ? 7  LEU A H    9  
ATOM   1738 H HA   . LEU A 1 8  ? -3.064 -1.226 -1.623 1.00 0.00 ? 7  LEU A HA   9  
ATOM   1739 H HB2  . LEU A 1 8  ? -3.172 -1.268 0.895  1.00 0.00 ? 7  LEU A HB2  9  
ATOM   1740 H HB3  . LEU A 1 8  ? -3.060 0.481  0.872  1.00 0.00 ? 7  LEU A HB3  9  
ATOM   1741 H HG   . LEU A 1 8  ? -5.196 0.315  -0.670 1.00 0.00 ? 7  LEU A HG   9  
ATOM   1742 H HD11 . LEU A 1 8  ? -4.878 -2.340 -0.427 1.00 0.00 ? 7  LEU A HD11 9  
ATOM   1743 H HD12 . LEU A 1 8  ? -6.444 -1.568 -0.665 1.00 0.00 ? 7  LEU A HD12 9  
ATOM   1744 H HD13 . LEU A 1 8  ? -5.928 -2.038 0.954  1.00 0.00 ? 7  LEU A HD13 9  
ATOM   1745 H HD21 . LEU A 1 8  ? -5.916 -0.339 2.101  1.00 0.00 ? 7  LEU A HD21 9  
ATOM   1746 H HD22 . LEU A 1 8  ? -6.330 1.057  1.115  1.00 0.00 ? 7  LEU A HD22 9  
ATOM   1747 H HD23 . LEU A 1 8  ? -4.755 0.976  1.906  1.00 0.00 ? 7  LEU A HD23 9  
ATOM   1748 N N    . LEU A 1 9  ? -1.789 1.846  -1.304 1.00 0.00 ? 8  LEU A N    9  
ATOM   1749 C CA   . LEU A 1 9  ? -1.715 3.221  -1.864 1.00 0.00 ? 8  LEU A CA   9  
ATOM   1750 C C    . LEU A 1 9  ? -0.989 3.254  -3.217 1.00 0.00 ? 8  LEU A C    9  
ATOM   1751 O O    . LEU A 1 9  ? -1.353 4.068  -4.090 1.00 0.00 ? 8  LEU A O    9  
ATOM   1752 C CB   . LEU A 1 9  ? -0.986 4.171  -0.882 1.00 0.00 ? 8  LEU A CB   9  
ATOM   1753 C CG   . LEU A 1 9  ? -1.397 4.131  0.619  1.00 0.00 ? 8  LEU A CG   9  
ATOM   1754 C CD1  . LEU A 1 9  ? -0.300 4.764  1.459  1.00 0.00 ? 8  LEU A CD1  9  
ATOM   1755 C CD2  . LEU A 1 9  ? -2.718 4.854  0.887  1.00 0.00 ? 8  LEU A CD2  9  
ATOM   1756 H H    . LEU A 1 9  ? -1.189 1.615  -0.567 1.00 0.00 ? 8  LEU A H    9  
ATOM   1757 H HA   . LEU A 1 9  ? -2.727 3.572  -2.001 1.00 0.00 ? 8  LEU A HA   9  
ATOM   1758 H HB2  . LEU A 1 9  ? 0.074  3.951  -0.938 1.00 0.00 ? 8  LEU A HB2  9  
ATOM   1759 H HB3  . LEU A 1 9  ? -1.128 5.183  -1.237 1.00 0.00 ? 8  LEU A HB3  9  
ATOM   1760 H HG   . LEU A 1 9  ? -1.511 3.108  0.940  1.00 0.00 ? 8  LEU A HG   9  
ATOM   1761 H HD11 . LEU A 1 9  ? -0.717 5.156  2.376  1.00 0.00 ? 8  LEU A HD11 9  
ATOM   1762 H HD12 . LEU A 1 9  ? 0.154  5.571  0.902  1.00 0.00 ? 8  LEU A HD12 9  
ATOM   1763 H HD13 . LEU A 1 9  ? 0.446  4.021  1.689  1.00 0.00 ? 8  LEU A HD13 9  
ATOM   1764 H HD21 . LEU A 1 9  ? -3.496 4.407  0.294  1.00 0.00 ? 8  LEU A HD21 9  
ATOM   1765 H HD22 . LEU A 1 9  ? -2.609 5.890  0.620  1.00 0.00 ? 8  LEU A HD22 9  
ATOM   1766 H HD23 . LEU A 1 9  ? -2.971 4.775  1.941  1.00 0.00 ? 8  LEU A HD23 9  
ATOM   1767 N N    . GLN A 1 10 ? 0.053  2.364  -3.354 1.00 0.00 ? 9  GLN A N    9  
ATOM   1768 C CA   . GLN A 1 10 ? 0.900  2.240  -4.563 1.00 0.00 ? 9  GLN A CA   9  
ATOM   1769 C C    . GLN A 1 10 ? 0.154  1.521  -5.692 1.00 0.00 ? 9  GLN A C    9  
ATOM   1770 O O    . GLN A 1 10 ? 0.310  1.905  -6.866 1.00 0.00 ? 9  GLN A O    9  
ATOM   1771 C CB   . GLN A 1 10 ? 2.212  1.515  -4.237 1.00 0.00 ? 9  GLN A CB   9  
ATOM   1772 C CG   . GLN A 1 10 ? 3.054  2.202  -3.167 1.00 0.00 ? 9  GLN A CG   9  
ATOM   1773 C CD   . GLN A 1 10 ? 4.325  1.426  -2.859 1.00 0.00 ? 9  GLN A CD   9  
ATOM   1774 O OE1  . GLN A 1 10 ? 4.280  0.237  -2.534 1.00 0.00 ? 9  GLN A OE1  9  
ATOM   1775 N NE2  . GLN A 1 10 ? 5.469  2.097  -2.932 1.00 0.00 ? 9  GLN A NE2  9  
ATOM   1776 H H    . GLN A 1 10 ? 0.258  1.778  -2.594 1.00 0.00 ? 9  GLN A H    9  
ATOM   1777 H HA   . GLN A 1 10 ? 1.131  3.239  -4.894 1.00 0.00 ? 9  GLN A HA   9  
ATOM   1778 H HB2  . GLN A 1 10 ? 1.977  0.522  -3.884 1.00 0.00 ? 9  GLN A HB2  9  
ATOM   1779 H HB3  . GLN A 1 10 ? 2.811  1.432  -5.134 1.00 0.00 ? 9  GLN A HB3  9  
ATOM   1780 H HG2  . GLN A 1 10 ? 3.323  3.189  -3.505 1.00 0.00 ? 9  GLN A HG2  9  
ATOM   1781 H HG3  . GLN A 1 10 ? 2.471  2.282  -2.260 1.00 0.00 ? 9  GLN A HG3  9  
ATOM   1782 H HE21 . GLN A 1 10 ? 5.440  3.048  -3.171 1.00 0.00 ? 9  GLN A HE21 9  
ATOM   1783 H HE22 . GLN A 1 10 ? 6.300  1.611  -2.747 1.00 0.00 ? 9  GLN A HE22 9  
ATOM   1784 N N    . ASP A 1 11 ? -0.663 0.482  -5.291 1.00 0.00 ? 10 ASP A N    9  
ATOM   1785 C CA   . ASP A 1 11 ? -1.482 -0.333 -6.210 1.00 0.00 ? 10 ASP A CA   9  
ATOM   1786 C C    . ASP A 1 11 ? -2.620 0.488  -6.777 1.00 0.00 ? 10 ASP A C    9  
ATOM   1787 O O    . ASP A 1 11 ? -2.875 0.420  -7.997 1.00 0.00 ? 10 ASP A O    9  
ATOM   1788 C CB   . ASP A 1 11 ? -2.029 -1.555 -5.473 1.00 0.00 ? 10 ASP A CB   9  
ATOM   1789 C CG   . ASP A 1 11 ? -2.652 -2.563 -6.423 1.00 0.00 ? 10 ASP A CG   9  
ATOM   1790 O OD1  . ASP A 1 11 ? -3.609 -2.190 -7.132 1.00 0.00 ? 10 ASP A OD1  9  
ATOM   1791 O OD2  . ASP A 1 11 ? -2.194 -3.721 -6.452 1.00 0.00 ? 10 ASP A OD2  9  
ATOM   1792 H H    . ASP A 1 11 ? -0.711 0.272  -4.336 1.00 0.00 ? 10 ASP A H    9  
ATOM   1793 H HA   . ASP A 1 11 ? -0.865 -0.663 -7.023 1.00 0.00 ? 10 ASP A HA   9  
ATOM   1794 H HB2  . ASP A 1 11 ? -1.227 -2.028 -4.941 1.00 0.00 ? 10 ASP A HB2  9  
ATOM   1795 H HB3  . ASP A 1 11 ? -2.787 -1.247 -4.767 1.00 0.00 ? 10 ASP A HB3  9  
ATOM   1796 N N    . SER A 1 12 ? -3.285 1.264  -5.860 1.00 0.00 ? 11 SER A N    9  
ATOM   1797 C CA   . SER A 1 12 ? -4.420 2.152  -6.197 1.00 0.00 ? 11 SER A CA   9  
ATOM   1798 C C    . SER A 1 12 ? -3.984 3.245  -7.162 1.00 0.00 ? 11 SER A C    9  
ATOM   1799 O O    . SER A 1 12 ? -4.791 3.789  -7.910 1.00 0.00 ? 11 SER A O    9  
ATOM   1800 C CB   . SER A 1 12 ? -5.013 2.757  -4.910 1.00 0.00 ? 11 SER A CB   9  
ATOM   1801 O OG   . SER A 1 12 ? -5.587 1.746  -4.087 1.00 0.00 ? 11 SER A OG   9  
ATOM   1802 H H    . SER A 1 12 ? -2.979 1.230  -4.926 1.00 0.00 ? 11 SER A H    9  
ATOM   1803 H HA   . SER A 1 12 ? -5.174 1.554  -6.685 1.00 0.00 ? 11 SER A HA   9  
ATOM   1804 H HB2  . SER A 1 12 ? -4.231 3.248  -4.364 1.00 0.00 ? 11 SER A HB2  9  
ATOM   1805 H HB3  . SER A 1 12 ? -5.780 3.479  -5.161 1.00 0.00 ? 11 SER A HB3  9  
ATOM   1806 H HG   . SER A 1 12 ? -6.550 1.800  -4.125 1.00 0.00 ? 11 SER A HG   9  
HETATM 1807 N N    . NH2 A 1 13 ? -2.710 3.597  -7.118 1.00 0.00 ? 12 NH2 A N    9  
HETATM 1808 H HN1  . NH2 A 1 13 ? -2.123 3.133  -6.456 1.00 0.00 ? 12 NH2 A HN1  9  
HETATM 1809 H HN2  . NH2 A 1 13 ? -2.398 4.294  -7.754 1.00 0.00 ? 12 NH2 A HN2  9  
HETATM 1810 C C    . ACE A 1 1  ? 2.046  -2.870 8.980  1.00 0.00 ? 0  ACE A C    10 
HETATM 1811 O O    . ACE A 1 1  ? 0.819  -2.752 8.787  1.00 0.00 ? 0  ACE A O    10 
HETATM 1812 C CH3  . ACE A 1 1  ? 2.553  -4.064 9.756  1.00 0.00 ? 0  ACE A CH3  10 
HETATM 1813 H H1   . ACE A 1 1  ? 3.625  -4.002 9.856  1.00 0.00 ? 0  ACE A H1   10 
HETATM 1814 H H2   . ACE A 1 1  ? 2.288  -4.969 9.233  1.00 0.00 ? 0  ACE A H2   10 
HETATM 1815 H H3   . ACE A 1 1  ? 2.101  -4.070 10.740 1.00 0.00 ? 0  ACE A H3   10 
ATOM   1816 N N    . HIS A 1 2  ? 3.013  -1.975 8.549  1.00 0.00 ? 1  HIS A N    10 
ATOM   1817 C CA   . HIS A 1 2  ? 2.716  -0.745 7.789  1.00 0.00 ? 1  HIS A CA   10 
ATOM   1818 C C    . HIS A 1 2  ? 2.905  -0.921 6.288  1.00 0.00 ? 1  HIS A C    10 
ATOM   1819 O O    . HIS A 1 2  ? 2.237  -0.210 5.519  1.00 0.00 ? 1  HIS A O    10 
ATOM   1820 C CB   . HIS A 1 2  ? 3.613  0.407  8.272  1.00 0.00 ? 1  HIS A CB   10 
ATOM   1821 C CG   . HIS A 1 2  ? 3.009  1.767  8.124  1.00 0.00 ? 1  HIS A CG   10 
ATOM   1822 N ND1  . HIS A 1 2  ? 2.010  2.233  8.951  1.00 0.00 ? 1  HIS A ND1  10 
ATOM   1823 C CD2  . HIS A 1 2  ? 3.280  2.770  7.257  1.00 0.00 ? 1  HIS A CD2  10 
ATOM   1824 C CE1  . HIS A 1 2  ? 1.691  3.464  8.596  1.00 0.00 ? 1  HIS A CE1  10 
ATOM   1825 N NE2  . HIS A 1 2  ? 2.449  3.810  7.571  1.00 0.00 ? 1  HIS A NE2  10 
ATOM   1826 H H    . HIS A 1 2  ? 3.946  -2.162 8.768  1.00 0.00 ? 1  HIS A H    10 
ATOM   1827 H HA   . HIS A 1 2  ? 1.691  -0.484 7.976  1.00 0.00 ? 1  HIS A HA   10 
ATOM   1828 H HB2  . HIS A 1 2  ? 3.833  0.273  9.314  1.00 0.00 ? 1  HIS A HB2  10 
ATOM   1829 H HB3  . HIS A 1 2  ? 4.533  0.395  7.710  1.00 0.00 ? 1  HIS A HB3  10 
ATOM   1830 H HD1  . HIS A 1 2  ? 1.593  1.733  9.686  1.00 0.00 ? 1  HIS A HD1  10 
ATOM   1831 H HD2  . HIS A 1 2  ? 4.004  2.749  6.456  1.00 0.00 ? 1  HIS A HD2  10 
ATOM   1832 H HE1  . HIS A 1 2  ? 0.948  4.088  9.069  1.00 0.00 ? 1  HIS A HE1  10 
ATOM   1833 H HE2  . HIS A 1 2  ? 2.411  4.670  7.106  1.00 0.00 ? 1  HIS A HE2  10 
HETATM 1834 C C    . MK8 A 1 3  ? 2.875  -2.295 3.568  1.00 0.00 ? 2  MK8 A C    10 
HETATM 1835 N N    . MK8 A 1 3  ? 3.860  -1.852 5.870  1.00 0.00 ? 2  MK8 A N    10 
HETATM 1836 O O    . MK8 A 1 3  ? 2.789  -1.885 2.377  1.00 0.00 ? 2  MK8 A O    10 
HETATM 1837 C CA   . MK8 A 1 3  ? 4.196  -2.112 4.430  1.00 0.00 ? 2  MK8 A CA   10 
HETATM 1838 C CB   . MK8 A 1 3  ? 5.107  -3.361 4.286  1.00 0.00 ? 2  MK8 A CB   10 
HETATM 1839 C CD   . MK8 A 1 3  ? 3.577  -5.410 3.943  1.00 0.00 ? 2  MK8 A CD   10 
HETATM 1840 C CE   . MK8 A 1 3  ? 4.017  -6.076 2.624  1.00 0.00 ? 2  MK8 A CE   10 
HETATM 1841 C CG   . MK8 A 1 3  ? 4.595  -4.698 4.842  1.00 0.00 ? 2  MK8 A CG   10 
HETATM 1842 C CB1  . MK8 A 1 3  ? 5.077  -0.935 3.942  1.00 0.00 ? 2  MK8 A CB1  10 
HETATM 1843 H H    . MK8 A 1 3  ? 4.357  -2.342 6.556  1.00 0.00 ? 2  MK8 A H    10 
HETATM 1844 H HB   . MK8 A 1 3  ? 6.040  -3.139 4.782  1.00 0.00 ? 2  MK8 A HB   10 
HETATM 1845 H HBA  . MK8 A 1 3  ? 5.312  -3.510 3.237  1.00 0.00 ? 2  MK8 A HBA  10 
HETATM 1846 H HD   . MK8 A 1 3  ? 2.812  -4.690 3.710  1.00 0.00 ? 2  MK8 A HD   10 
HETATM 1847 H HDA  . MK8 A 1 3  ? 3.128  -6.183 4.531  1.00 0.00 ? 2  MK8 A HDA  10 
HETATM 1848 H HE   . MK8 A 1 3  ? 4.844  -6.748 2.702  1.00 0.00 ? 2  MK8 A HE   10 
HETATM 1849 H HG   . MK8 A 1 3  ? 4.148  -4.520 5.801  1.00 0.00 ? 2  MK8 A HG   10 
HETATM 1850 H HGA  . MK8 A 1 3  ? 5.436  -5.354 4.964  1.00 0.00 ? 2  MK8 A HGA  10 
HETATM 1851 H HB1  . MK8 A 1 3  ? 6.116  -1.203 4.052  1.00 0.00 ? 2  MK8 A HB1  10 
HETATM 1852 H HB1A . MK8 A 1 3  ? 4.870  -0.055 4.539  1.00 0.00 ? 2  MK8 A HB1A 10 
HETATM 1853 H HB1B . MK8 A 1 3  ? 4.869  -0.725 2.906  1.00 0.00 ? 2  MK8 A HB1B 10 
ATOM   1854 N N    . ILE A 1 4  ? 1.862  -2.983 4.225  1.00 0.00 ? 3  ILE A N    10 
ATOM   1855 C CA   . ILE A 1 4  ? 0.552  -3.335 3.606  1.00 0.00 ? 3  ILE A CA   10 
ATOM   1856 C C    . ILE A 1 4  ? -0.179 -2.059 3.203  1.00 0.00 ? 3  ILE A C    10 
ATOM   1857 O O    . ILE A 1 4  ? -0.759 -1.991 2.106  1.00 0.00 ? 3  ILE A O    10 
ATOM   1858 C CB   . ILE A 1 4  ? -0.393 -4.226 4.525  1.00 0.00 ? 3  ILE A CB   10 
ATOM   1859 C CG1  . ILE A 1 4  ? 0.355  -5.312 5.339  1.00 0.00 ? 3  ILE A CG1  10 
ATOM   1860 C CG2  . ILE A 1 4  ? -1.437 -4.959 3.672  1.00 0.00 ? 3  ILE A CG2  10 
ATOM   1861 C CD1  . ILE A 1 4  ? 1.051  -4.809 6.585  1.00 0.00 ? 3  ILE A CD1  10 
ATOM   1862 H H    . ILE A 1 4  ? 2.039  -3.293 5.135  1.00 0.00 ? 3  ILE A H    10 
ATOM   1863 H HA   . ILE A 1 4  ? 0.779  -3.905 2.715  1.00 0.00 ? 3  ILE A HA   10 
ATOM   1864 H HB   . ILE A 1 4  ? -0.923 -3.568 5.203  1.00 0.00 ? 3  ILE A HB   10 
ATOM   1865 H HG12 . ILE A 1 4  ? -0.345 -6.074 5.640  1.00 0.00 ? 3  ILE A HG12 10 
ATOM   1866 H HG13 . ILE A 1 4  ? 1.101  -5.755 4.708  1.00 0.00 ? 3  ILE A HG13 10 
ATOM   1867 H HG21 . ILE A 1 4  ? -1.996 -4.240 3.092  1.00 0.00 ? 3  ILE A HG21 10 
ATOM   1868 H HG22 . ILE A 1 4  ? -2.111 -5.497 4.319  1.00 0.00 ? 3  ILE A HG22 10 
ATOM   1869 H HG23 . ILE A 1 4  ? -0.943 -5.658 3.003  1.00 0.00 ? 3  ILE A HG23 10 
ATOM   1870 H HD11 . ILE A 1 4  ? 1.217  -5.632 7.256  1.00 0.00 ? 3  ILE A HD11 10 
ATOM   1871 H HD12 . ILE A 1 4  ? 0.433  -4.066 7.069  1.00 0.00 ? 3  ILE A HD12 10 
ATOM   1872 H HD13 . ILE A 1 4  ? 1.999  -4.366 6.314  1.00 0.00 ? 3  ILE A HD13 10 
ATOM   1873 N N    . LEU A 1 5  ? -0.125 -1.052 4.135  1.00 0.00 ? 4  LEU A N    10 
ATOM   1874 C CA   . LEU A 1 5  ? -0.751 0.278  3.981  1.00 0.00 ? 4  LEU A CA   10 
ATOM   1875 C C    . LEU A 1 5  ? -0.267 0.957  2.689  1.00 0.00 ? 4  LEU A C    10 
ATOM   1876 O O    . LEU A 1 5  ? -1.051 1.645  2.017  1.00 0.00 ? 4  LEU A O    10 
ATOM   1877 C CB   . LEU A 1 5  ? -0.398 1.131  5.214  1.00 0.00 ? 4  LEU A CB   10 
ATOM   1878 C CG   . LEU A 1 5  ? -1.123 2.473  5.384  1.00 0.00 ? 4  LEU A CG   10 
ATOM   1879 C CD1  . LEU A 1 5  ? -1.159 2.852  6.850  1.00 0.00 ? 4  LEU A CD1  10 
ATOM   1880 C CD2  . LEU A 1 5  ? -0.419 3.564  4.591  1.00 0.00 ? 4  LEU A CD2  10 
ATOM   1881 H H    . LEU A 1 5  ? 0.362  -1.233 4.966  1.00 0.00 ? 4  LEU A H    10 
ATOM   1882 H HA   . LEU A 1 5  ? -1.824 0.147  3.935  1.00 0.00 ? 4  LEU A HA   10 
ATOM   1883 H HB2  . LEU A 1 5  ? -0.603 0.542  6.097  1.00 0.00 ? 4  LEU A HB2  10 
ATOM   1884 H HB3  . LEU A 1 5  ? 0.673  1.331  5.187  1.00 0.00 ? 4  LEU A HB3  10 
ATOM   1885 H HG   . LEU A 1 5  ? -2.136 2.389  5.021  1.00 0.00 ? 4  LEU A HG   10 
ATOM   1886 H HD11 . LEU A 1 5  ? -1.592 2.051  7.428  1.00 0.00 ? 4  LEU A HD11 10 
ATOM   1887 H HD12 . LEU A 1 5  ? -1.752 3.750  6.968  1.00 0.00 ? 4  LEU A HD12 10 
ATOM   1888 H HD13 . LEU A 1 5  ? -0.149 3.039  7.187  1.00 0.00 ? 4  LEU A HD13 10 
ATOM   1889 H HD21 . LEU A 1 5  ? -0.259 3.227  3.577  1.00 0.00 ? 4  LEU A HD21 10 
ATOM   1890 H HD22 . LEU A 1 5  ? 0.536  3.774  5.054  1.00 0.00 ? 4  LEU A HD22 10 
ATOM   1891 H HD23 . LEU A 1 5  ? -1.026 4.462  4.584  1.00 0.00 ? 4  LEU A HD23 10 
ATOM   1892 N N    . HIS A 1 6  ? 1.045  0.721  2.383  1.00 0.00 ? 5  HIS A N    10 
ATOM   1893 C CA   . HIS A 1 6  ? 1.747  1.255  1.203  1.00 0.00 ? 5  HIS A CA   10 
ATOM   1894 C C    . HIS A 1 6  ? 1.397  0.484  -0.073 1.00 0.00 ? 5  HIS A C    10 
ATOM   1895 O O    . HIS A 1 6  ? 0.998  1.112  -1.059 1.00 0.00 ? 5  HIS A O    10 
ATOM   1896 C CB   . HIS A 1 6  ? 3.248  1.252  1.462  1.00 0.00 ? 5  HIS A CB   10 
ATOM   1897 C CG   . HIS A 1 6  ? 3.771  2.604  1.803  1.00 0.00 ? 5  HIS A CG   10 
ATOM   1898 N ND1  . HIS A 1 6  ? 3.963  3.590  0.858  1.00 0.00 ? 5  HIS A ND1  10 
ATOM   1899 C CD2  . HIS A 1 6  ? 4.108  3.150  2.995  1.00 0.00 ? 5  HIS A CD2  10 
ATOM   1900 C CE1  . HIS A 1 6  ? 4.402  4.689  1.460  1.00 0.00 ? 5  HIS A CE1  10 
ATOM   1901 N NE2  . HIS A 1 6  ? 4.498  4.449  2.758  1.00 0.00 ? 5  HIS A NE2  10 
ATOM   1902 H H    . HIS A 1 6  ? 1.554  0.156  2.997  1.00 0.00 ? 5  HIS A H    10 
ATOM   1903 H HA   . HIS A 1 6  ? 1.422  2.277  1.077  1.00 0.00 ? 5  HIS A HA   10 
ATOM   1904 H HB2  . HIS A 1 6  ? 3.455  0.595  2.293  1.00 0.00 ? 5  HIS A HB2  10 
ATOM   1905 H HB3  . HIS A 1 6  ? 3.776  0.900  0.588  1.00 0.00 ? 5  HIS A HB3  10 
ATOM   1906 H HD1  . HIS A 1 6  ? 3.801  3.494  -0.109 1.00 0.00 ? 5  HIS A HD1  10 
ATOM   1907 H HD2  . HIS A 1 6  ? 4.056  2.659  3.964  1.00 0.00 ? 5  HIS A HD2  10 
ATOM   1908 H HE1  . HIS A 1 6  ? 4.658  5.620  0.967  1.00 0.00 ? 5  HIS A HE1  10 
ATOM   1909 H HE2  . HIS A 1 6  ? 4.983  5.011  3.395  1.00 0.00 ? 5  HIS A HE2  10 
HETATM 1910 C C    . MK8 A 1 7  ? -0.267 -1.565 -1.643 1.00 0.00 ? 6  MK8 A C    10 
HETATM 1911 N N    . MK8 A 1 7  ? 1.536  -0.897 -0.034 1.00 0.00 ? 6  MK8 A N    10 
HETATM 1912 O O    . MK8 A 1 7  ? -0.693 -2.049 -2.725 1.00 0.00 ? 6  MK8 A O    10 
HETATM 1913 C CA   . MK8 A 1 7  ? 1.216  -1.821 -1.189 1.00 0.00 ? 6  MK8 A CA   10 
HETATM 1914 C CB   . MK8 A 1 7  ? 1.309  -3.318 -0.730 1.00 0.00 ? 6  MK8 A CB   10 
HETATM 1915 C CD   . MK8 A 1 7  ? 2.260  -5.012 0.925  1.00 0.00 ? 6  MK8 A CD   10 
HETATM 1916 C CE   . MK8 A 1 7  ? 3.464  -5.910 1.360  1.00 0.00 ? 6  MK8 A CE   10 
HETATM 1917 C CG   . MK8 A 1 7  ? 2.540  -3.751 0.101  1.00 0.00 ? 6  MK8 A CG   10 
HETATM 1918 C CB1  . MK8 A 1 7  ? 2.187  -1.570 -2.390 1.00 0.00 ? 6  MK8 A CB1  10 
HETATM 1919 H H    . MK8 A 1 7  ? 1.845  -1.298 0.800  1.00 0.00 ? 6  MK8 A H    10 
HETATM 1920 H HB   . MK8 A 1 7  ? 1.276  -3.937 -1.618 1.00 0.00 ? 6  MK8 A HB   10 
HETATM 1921 H HBA  . MK8 A 1 7  ? 0.442  -3.537 -0.128 1.00 0.00 ? 6  MK8 A HBA  10 
HETATM 1922 H HD   . MK8 A 1 7  ? 1.578  -5.628 0.348  1.00 0.00 ? 6  MK8 A HD   10 
HETATM 1923 H HDA  . MK8 A 1 7  ? 1.752  -4.713 1.824  1.00 0.00 ? 6  MK8 A HDA  10 
HETATM 1924 H HE   . MK8 A 1 7  ? 3.927  -6.474 0.580  1.00 0.00 ? 6  MK8 A HE   10 
HETATM 1925 H HG   . MK8 A 1 7  ? 2.809  -2.945 0.765  1.00 0.00 ? 6  MK8 A HG   10 
HETATM 1926 H HGA  . MK8 A 1 7  ? 3.365  -3.948 -0.570 1.00 0.00 ? 6  MK8 A HGA  10 
HETATM 1927 H HB1  . MK8 A 1 7  ? 1.606  -1.452 -3.292 1.00 0.00 ? 6  MK8 A HB1  10 
HETATM 1928 H HB1A . MK8 A 1 7  ? 2.853  -2.410 -2.496 1.00 0.00 ? 6  MK8 A HB1A 10 
HETATM 1929 H HB1B . MK8 A 1 7  ? 2.763  -0.673 -2.210 1.00 0.00 ? 6  MK8 A HB1B 10 
ATOM   1930 N N    . LEU A 1 8  ? -1.053 -0.821 -0.766 1.00 0.00 ? 7  LEU A N    10 
ATOM   1931 C CA   . LEU A 1 8  ? -2.479 -0.483 -1.000 1.00 0.00 ? 7  LEU A CA   10 
ATOM   1932 C C    . LEU A 1 8  ? -2.630 0.844  -1.756 1.00 0.00 ? 7  LEU A C    10 
ATOM   1933 O O    . LEU A 1 8  ? -3.503 0.950  -2.641 1.00 0.00 ? 7  LEU A O    10 
ATOM   1934 C CB   . LEU A 1 8  ? -3.249 -0.422 0.342  1.00 0.00 ? 7  LEU A CB   10 
ATOM   1935 C CG   . LEU A 1 8  ? -4.798 -0.454 0.245  1.00 0.00 ? 7  LEU A CG   10 
ATOM   1936 C CD1  . LEU A 1 8  ? -5.347 -1.870 0.026  1.00 0.00 ? 7  LEU A CD1  10 
ATOM   1937 C CD2  . LEU A 1 8  ? -5.412 0.165  1.490  1.00 0.00 ? 7  LEU A CD2  10 
ATOM   1938 H H    . LEU A 1 8  ? -0.642 -0.516 0.072  1.00 0.00 ? 7  LEU A H    10 
ATOM   1939 H HA   . LEU A 1 8  ? -2.907 -1.278 -1.601 1.00 0.00 ? 7  LEU A HA   10 
ATOM   1940 H HB2  . LEU A 1 8  ? -2.932 -1.255 0.947  1.00 0.00 ? 7  LEU A HB2  10 
ATOM   1941 H HB3  . LEU A 1 8  ? -2.965 0.497  0.853  1.00 0.00 ? 7  LEU A HB3  10 
ATOM   1942 H HG   . LEU A 1 8  ? -5.105 0.134  -0.600 1.00 0.00 ? 7  LEU A HG   10 
ATOM   1943 H HD11 . LEU A 1 8  ? -6.134 -2.068 0.735  1.00 0.00 ? 7  LEU A HD11 10 
ATOM   1944 H HD12 . LEU A 1 8  ? -4.551 -2.590 0.159  1.00 0.00 ? 7  LEU A HD12 10 
ATOM   1945 H HD13 . LEU A 1 8  ? -5.735 -1.953 -0.981 1.00 0.00 ? 7  LEU A HD13 10 
ATOM   1946 H HD21 . LEU A 1 8  ? -6.342 0.645  1.230  1.00 0.00 ? 7  LEU A HD21 10 
ATOM   1947 H HD22 . LEU A 1 8  ? -4.730 0.897  1.906  1.00 0.00 ? 7  LEU A HD22 10 
ATOM   1948 H HD23 . LEU A 1 8  ? -5.600 -0.608 2.219  1.00 0.00 ? 7  LEU A HD23 10 
ATOM   1949 N N    . LEU A 1 9  ? -1.770 1.848  -1.368 1.00 0.00 ? 8  LEU A N    10 
ATOM   1950 C CA   . LEU A 1 9  ? -1.758 3.211  -1.949 1.00 0.00 ? 8  LEU A CA   10 
ATOM   1951 C C    . LEU A 1 9  ? -1.081 3.240  -3.313 1.00 0.00 ? 8  LEU A C    10 
ATOM   1952 O O    . LEU A 1 9  ? -1.530 3.981  -4.201 1.00 0.00 ? 8  LEU A O    10 
ATOM   1953 C CB   . LEU A 1 9  ? -1.039 4.209  -1.009 1.00 0.00 ? 8  LEU A CB   10 
ATOM   1954 C CG   . LEU A 1 9  ? -1.453 4.210  0.481  1.00 0.00 ? 8  LEU A CG   10 
ATOM   1955 C CD1  . LEU A 1 9  ? -0.365 4.864  1.302  1.00 0.00 ? 8  LEU A CD1  10 
ATOM   1956 C CD2  . LEU A 1 9  ? -2.776 4.933  0.732  1.00 0.00 ? 8  LEU A CD2  10 
ATOM   1957 H H    . LEU A 1 9  ? -1.134 1.653  -0.659 1.00 0.00 ? 8  LEU A H    10 
ATOM   1958 H HA   . LEU A 1 9  ? -2.784 3.522  -2.062 1.00 0.00 ? 8  LEU A HA   10 
ATOM   1959 H HB2  . LEU A 1 9  ? 0.021  4.003  -1.050 1.00 0.00 ? 8  LEU A HB2  10 
ATOM   1960 H HB3  . LEU A 1 9  ? -1.201 5.206  -1.398 1.00 0.00 ? 8  LEU A HB3  10 
ATOM   1961 H HG   . LEU A 1 9  ? -1.554 3.192  0.822  1.00 0.00 ? 8  LEU A HG   10 
ATOM   1962 H HD11 . LEU A 1 9  ? 0.511  4.231  1.300  1.00 0.00 ? 8  LEU A HD11 10 
ATOM   1963 H HD12 . LEU A 1 9  ? -0.711 5.004  2.314  1.00 0.00 ? 8  LEU A HD12 10 
ATOM   1964 H HD13 . LEU A 1 9  ? -0.122 5.816  0.871  1.00 0.00 ? 8  LEU A HD13 10 
ATOM   1965 H HD21 . LEU A 1 9  ? -2.905 5.075  1.794  1.00 0.00 ? 8  LEU A HD21 10 
ATOM   1966 H HD22 . LEU A 1 9  ? -3.592 4.336  0.345  1.00 0.00 ? 8  LEU A HD22 10 
ATOM   1967 H HD23 . LEU A 1 9  ? -2.762 5.890  0.237  1.00 0.00 ? 8  LEU A HD23 10 
ATOM   1968 N N    . GLN A 1 10 ? 0.015  2.412  -3.436 1.00 0.00 ? 9  GLN A N    10 
ATOM   1969 C CA   . GLN A 1 10 ? 0.833  2.292  -4.656 1.00 0.00 ? 9  GLN A CA   10 
ATOM   1970 C C    . GLN A 1 10 ? 0.102  1.507  -5.743 1.00 0.00 ? 9  GLN A C    10 
ATOM   1971 O O    . GLN A 1 10 ? 0.221  1.854  -6.936 1.00 0.00 ? 9  GLN A O    10 
ATOM   1972 C CB   . GLN A 1 10 ? 2.177  1.622  -4.324 1.00 0.00 ? 9  GLN A CB   10 
ATOM   1973 C CG   . GLN A 1 10 ? 3.036  2.391  -3.307 1.00 0.00 ? 9  GLN A CG   10 
ATOM   1974 C CD   . GLN A 1 10 ? 4.321  1.658  -2.961 1.00 0.00 ? 9  GLN A CD   10 
ATOM   1975 O OE1  . GLN A 1 10 ? 4.299  0.514  -2.505 1.00 0.00 ? 9  GLN A OE1  10 
ATOM   1976 N NE2  . GLN A 1 10 ? 5.452  2.323  -3.154 1.00 0.00 ? 9  GLN A NE2  10 
ATOM   1977 H H    . GLN A 1 10 ? 0.269  1.875  -2.654 1.00 0.00 ? 9  GLN A H    10 
ATOM   1978 H HA   . GLN A 1 10 ? 1.030  3.289  -5.023 1.00 0.00 ? 9  GLN A HA   10 
ATOM   1979 H HB2  . GLN A 1 10 ? 1.984  0.638  -3.926 1.00 0.00 ? 9  GLN A HB2  10 
ATOM   1980 H HB3  . GLN A 1 10 ? 2.748  1.522  -5.233 1.00 0.00 ? 9  GLN A HB3  10 
ATOM   1981 H HG2  . GLN A 1 10 ? 3.289  3.354  -3.721 1.00 0.00 ? 9  GLN A HG2  10 
ATOM   1982 H HG3  . GLN A 1 10 ? 2.467  2.538  -2.398 1.00 0.00 ? 9  GLN A HG3  10 
ATOM   1983 H HE21 . GLN A 1 10 ? 5.399  3.236  -3.496 1.00 0.00 ? 9  GLN A HE21 10 
ATOM   1984 H HE22 . GLN A 1 10 ? 6.295  1.871  -2.952 1.00 0.00 ? 9  GLN A HE22 10 
ATOM   1985 N N    . ASP A 1 11 ? -0.676 0.457  -5.294 1.00 0.00 ? 10 ASP A N    10 
ATOM   1986 C CA   . ASP A 1 11 ? -1.482 -0.415 -6.174 1.00 0.00 ? 10 ASP A CA   10 
ATOM   1987 C C    . ASP A 1 11 ? -2.655 0.373  -6.751 1.00 0.00 ? 10 ASP A C    10 
ATOM   1988 O O    . ASP A 1 11 ? -2.931 0.281  -7.968 1.00 0.00 ? 10 ASP A O    10 
ATOM   1989 C CB   . ASP A 1 11 ? -2.015 -1.616 -5.385 1.00 0.00 ? 10 ASP A CB   10 
ATOM   1990 C CG   . ASP A 1 11 ? -2.663 -2.669 -6.274 1.00 0.00 ? 10 ASP A CG   10 
ATOM   1991 O OD1  . ASP A 1 11 ? -3.737 -2.389 -6.857 1.00 0.00 ? 10 ASP A OD1  10 
ATOM   1992 O OD2  . ASP A 1 11 ? -2.094 -3.776 -6.378 1.00 0.00 ? 10 ASP A OD2  10 
ATOM   1993 H H    . ASP A 1 11 ? -0.703 0.285  -4.336 1.00 0.00 ? 10 ASP A H    10 
ATOM   1994 H HA   . ASP A 1 11 ? -0.848 -0.762 -6.978 1.00 0.00 ? 10 ASP A HA   10 
ATOM   1995 H HB2  . ASP A 1 11 ? -1.200 -2.078 -4.847 1.00 0.00 ? 10 ASP A HB2  10 
ATOM   1996 H HB3  . ASP A 1 11 ? -2.757 -1.275 -4.675 1.00 0.00 ? 10 ASP A HB3  10 
ATOM   1997 N N    . SER A 1 12 ? -3.334 1.135  -5.825 1.00 0.00 ? 11 SER A N    10 
ATOM   1998 C CA   . SER A 1 12 ? -4.499 1.967  -6.138 1.00 0.00 ? 11 SER A CA   10 
ATOM   1999 C C    . SER A 1 12 ? -4.160 3.069  -7.132 1.00 0.00 ? 11 SER A C    10 
ATOM   2000 O O    . SER A 1 12 ? -5.051 3.605  -7.786 1.00 0.00 ? 11 SER A O    10 
ATOM   2001 C CB   . SER A 1 12 ? -5.080 2.559  -4.847 1.00 0.00 ? 11 SER A CB   10 
ATOM   2002 O OG   . SER A 1 12 ? -5.622 1.545  -4.015 1.00 0.00 ? 11 SER A OG   10 
ATOM   2003 H H    . SER A 1 12 ? -3.025 1.117  -4.905 1.00 0.00 ? 11 SER A H    10 
ATOM   2004 H HA   . SER A 1 12 ? -5.240 1.331  -6.580 1.00 0.00 ? 11 SER A HA   10 
ATOM   2005 H HB2  . SER A 1 12 ? -4.302 3.076  -4.297 1.00 0.00 ? 11 SER A HB2  10 
ATOM   2006 H HB3  . SER A 1 12 ? -5.857 3.252  -5.099 1.00 0.00 ? 11 SER A HB3  10 
ATOM   2007 H HG   . SER A 1 12 ? -5.386 1.715  -3.097 1.00 0.00 ? 11 SER A HG   10 
HETATM 2008 N N    . NH2 A 1 13 ? -2.909 3.505  -7.130 1.00 0.00 ? 12 NH2 A N    10 
HETATM 2009 H HN1  . NH2 A 1 13 ? -2.277 3.103  -6.510 1.00 0.00 ? 12 NH2 A HN1  10 
HETATM 2010 H HN2  . NH2 A 1 13 ? -2.670 4.214  -7.746 1.00 0.00 ? 12 NH2 A HN2  10 
# 
